data_8TZH
#
_entry.id   8TZH
#
_cell.length_a   1.00
_cell.length_b   1.00
_cell.length_c   1.00
_cell.angle_alpha   90.00
_cell.angle_beta   90.00
_cell.angle_gamma   90.00
#
_symmetry.space_group_name_H-M   'P 1'
#
loop_
_entity.id
_entity.type
_entity.pdbx_description
1 polymer 'E11 DARPin'
2 polymer 'Leucine-rich repeat serine/threonine-protein kinase 2'
3 non-polymer (2~{R},6~{S})-2,6-dimethyl-4-[6-[5-(1-methylcyclopropyl)oxy-1~{H}-indazol-3-yl]pyrimidin-4-yl]morpholine
4 non-polymer "GUANOSINE-5'-DIPHOSPHATE"
#
loop_
_entity_poly.entity_id
_entity_poly.type
_entity_poly.pdbx_seq_one_letter_code
_entity_poly.pdbx_strand_id
1 'polypeptide(L)'
;MRGSHHHHHHHHGSDLGKKLLEAARAGQDDEVRILMANGADVNATDEAGVTPLHLAADSGHLEIVEVLLKTGADVNAWDH
YGFTPLHLAAHVGHLEIVEVLLKAGADVNAQDHAGWTPLHLAALYGHLEIVEVLLKHGADVNAQDMWGETPFDLAIDNGN
EDIAEVLQKAAKLNDYKDDDDK
;
B
2 'polypeptide(L)'
;MASGSCQGCEEDEETLKKLIVRLNNVQEGKQIETLVQILEDLLVFTYSERASKLFQGKNIHVPLLIVLDSYMRVASVQQV
GWSLLCKLIEVCPGTMQSLMGPQDVGNDWEVLGVHQLILKMLTVHNASVNLSVIGLKTLDLLLTSGKITLLILDEESDIF
MLIFDAMHSFPANDEVQKLGCKALHVLFERVSEEQLTEFVENKDYMILLSALTNFKDEEEIVLHVLHCLHSLAIPCNNVE
VLMSGNVRCYNIVVEAMKAFPMSERIQEVSCCLLHRLTLGNFFNILVLNEVHEFVVKAVQQYPENAALQISALSCLALLT
ETIFLNQDLEEKNENQENDDEGEEDKLFWLEACYKALTWHRKNKHVQEAACWALNNLLMYQNSLHEKIGDEDGHFPAHRE
VMLSMLMHSSSKEVFQASANALSTLLEQNVNFRKILLSKGIHLNVLELMQKHIHSPEVAESGCKMLNHLFEGSNTSLDIM
AAVVPKILTVMKRHETSLPVQLEALRAILHFIVPGMPEESREDTEFHHKLNMVKKQCFKNDIHKLVLAALNRFIGNPGIQ
KCGLKVISSIVHFPDALEMLSLEGAMDSVLHTLQMYPDDQEIQCLGLSLIGYLITKKNVFIGTGHLLAKILVSSLYRFKD
VAEIQTKGFQTILAILKLSASFSKLLVHHSFDLVIFHQMSSNIMEQKDQQFLNLCCKCFAKVAMDDYLKNVMLERACDQN
NSIMVECLLLLGADANQAKEGSSLICQVCEKESSPKLVELLLNSGSREQDVRKALTISIGKGDSQIISLLLRRLALDVAN
NSICLGGFCIGKVEPSWLGPLFPDKTSNLRKQTNIASTLARMVIRYQMKSAVEEGTASGSDGNFSEDVLSKFDEWTFIPD
SSMDSVFAQSDDLDSEGSEGSFLVKKKSNSISVGEFYRDAVLQRCSPNLQRHSNSLGPIFDHEDLLKRKRKILSSDDSLR
SSKLQSHMRHSDSISSLASEREYITSLDLSANELRDIDALSQKCCISVHLEHLEKLELHQNALTSFPQQLCETLKSLTHL
DLHSNKFTSFPSYLLKMSCIANLDVSRNDIGPSVVLDPTVKCPTLKQFNLSYNQLSFVPENLTDVVEKLEQLILEGNKIS
GICSPLRLKELKILNLSKNHISSLSENFLEACPKVESFSARMNFLAAMPFLPPSMTILKLSQNKFSCIPEAILNLPHLRS
LDMSSNDIQYLPGPAHWKSLNLRELLFSHNQISILDLSEKAYLWSRVEKLHLSHNKLKEIPPEIGCLENLTSLDVSYNLE
LRSFPNEMGKLSKIWDLPLDELHLNFDFKHIGCKAKDIIRFLQQRLKKAVPYNRMKLMIVGNTGSGKTTLLQQLMKTKKS
DLGMQSATVGIDVKDWPIQIRDKRKRDLVLNVWDFAGREEFYSTHPHFMTQRALYLAVYDLSKGQAEVDAMKPWLFNIKA
RASSSPVILVGTHLDVSDEKQRKACMSKITKELLNKRGFPAIRDYHFVNATEESDALAKLRKTIINESLNFKIRDQLVVG
QLIPDCYVELEKIILSERKNVPIEFPVIDRKRLLQLVRENQLQLDENELPHAVHFLNESGVLLHFQDPALQLSDLYFVEP
KWLCKIMAQILTVKVEGCPKHPKGIISRRDVEKFLSKKRKFPKNYMSQYFKLLEKFQIALPIGEEYLLVPSSLSDHRPVI
ELPHCENSEIIIRLYEMPYFPMGFWSRLINRLLEISPYMLSGRERALRPNRMYWRQGIYLNWSPEAYCLVGSEVLDNHPE
SFLKITVPSCRKGCILLGQVVDHIDSLMEEWFPGLLEIDICGEGETLLKKWALYSFNDGEEHQKILLDDLMKKAEEGDLL
VNPDQPRLTIPISQIAPDLILADLPRNIMLNNDELEFEQAPEFLLGDGSFGSVYRAAYEGEEVAVKIFNKHTSLRLLRQE
LVVLCHLHHPSLISLLAAGIRPRMLVMELASKGSLDRLLQQDKASLTRTLQHRIALHVADGLRYLHSAMIIYRDLKPHNV
LLFTLYPNAAIIAKIADYGIAQYCCRMGIKTSEGTPGFRAPEVARGNVIYNQQADVYSFGLLLYDILTTGGRIVEGLKFP
NEFDELEIQGKLPDPVKEYGCAPWPMVEKLIKQCLKENPQERPTSAQVFDILNSAELVCLTRRILLPKNVIVECMVATHH
NSRNASIWLGCGHTDRGQLSFLDLNTEGYTSEEVADSRILCLALVHLPVEKESWIVSGTQSGTLLVINTEDGKKRHTLEK
MTDSVTCLYCNSFSKQSKQKNFLLVGTADGKLAIFEDKTVKLKGAAPLKILNIGNVSTPLMCLSESTNSTERNVMWGGCG
TKIFSFSNDFTIQKLIETRTSQLFSYAAFSDSNIITVVVDTALYIAKQNSPVVEVWDKKTEKLCGLIDCVHFLREVMVKE
NKESKHKMSYSGRVKTLCLQKNTALWIGTGGGHILLLDLSTRRLIRVIYNFCNSVRVMMTAQLGSLKNVMLVLGYNRKNT
EGTQKQKEIQSCLTVWDINLPHEVQNLEKHIEVRKELAEKMRRTSVE
;
A
#
loop_
_chem_comp.id
_chem_comp.type
_chem_comp.name
_chem_comp.formula
A1N non-polymer (2~{R},6~{S})-2,6-dimethyl-4-[6-[5-(1-methylcyclopropyl)oxy-1~{H}-indazol-3-yl]pyrimidin-4-yl]morpholine 'C21 H25 N5 O2'
GDP RNA linking GUANOSINE-5'-DIPHOSPHATE 'C10 H15 N5 O11 P2'
#
# COMPACT_ATOMS: atom_id res chain seq x y z
N THR A 45 -43.35 16.55 -26.67
CA THR A 45 -42.29 15.69 -27.18
C THR A 45 -42.48 14.25 -26.70
N ASP A 46 -41.41 13.66 -26.18
CA ASP A 46 -41.45 12.30 -25.67
C ASP A 46 -40.31 12.13 -24.68
N GLU A 47 -40.29 10.98 -24.00
CA GLU A 47 -39.31 10.74 -22.94
C GLU A 47 -37.89 10.75 -23.48
N ALA A 48 -37.64 10.08 -24.59
CA ALA A 48 -36.32 10.09 -25.22
C ALA A 48 -35.97 11.49 -25.68
N GLY A 49 -36.93 12.18 -26.26
CA GLY A 49 -36.77 13.54 -26.73
C GLY A 49 -36.80 13.65 -28.24
N VAL A 50 -37.98 13.97 -28.78
CA VAL A 50 -38.16 14.12 -30.22
C VAL A 50 -39.50 14.79 -30.43
N THR A 51 -39.64 15.46 -31.57
CA THR A 51 -40.88 16.14 -31.90
C THR A 51 -41.63 15.41 -33.02
N PRO A 52 -42.96 15.53 -33.06
CA PRO A 52 -43.72 14.81 -34.09
C PRO A 52 -43.34 15.17 -35.51
N LEU A 53 -42.88 16.40 -35.76
CA LEU A 53 -42.49 16.77 -37.11
C LEU A 53 -41.27 15.99 -37.57
N HIS A 54 -40.42 15.56 -36.63
CA HIS A 54 -39.32 14.67 -36.98
C HIS A 54 -39.84 13.35 -37.54
N LEU A 55 -40.84 12.77 -36.87
CA LEU A 55 -41.44 11.52 -37.36
C LEU A 55 -42.11 11.75 -38.71
N ALA A 56 -42.80 12.88 -38.87
CA ALA A 56 -43.46 13.17 -40.14
C ALA A 56 -42.45 13.30 -41.28
N ALA A 57 -41.34 14.00 -41.02
CA ALA A 57 -40.31 14.18 -42.04
C ALA A 57 -39.65 12.86 -42.40
N ASP A 58 -39.33 12.04 -41.39
CA ASP A 58 -38.69 10.76 -41.66
C ASP A 58 -39.63 9.81 -42.41
N SER A 59 -40.92 9.84 -42.06
CA SER A 59 -41.90 8.99 -42.73
C SER A 59 -42.38 9.56 -44.06
N GLY A 60 -41.96 10.78 -44.42
CA GLY A 60 -42.33 11.36 -45.70
C GLY A 60 -43.79 11.70 -45.88
N HIS A 61 -44.43 12.31 -44.89
CA HIS A 61 -45.81 12.75 -45.00
C HIS A 61 -45.82 14.26 -45.25
N LEU A 62 -46.06 14.65 -46.51
CA LEU A 62 -45.97 16.06 -46.89
C LEU A 62 -47.00 16.91 -46.17
N GLU A 63 -48.26 16.49 -46.16
CA GLU A 63 -49.31 17.33 -45.60
C GLU A 63 -49.07 17.58 -44.11
N ILE A 64 -48.64 16.56 -43.37
CA ILE A 64 -48.45 16.70 -41.94
C ILE A 64 -47.32 17.69 -41.63
N VAL A 65 -46.18 17.56 -42.32
CA VAL A 65 -45.07 18.48 -42.03
C VAL A 65 -45.43 19.89 -42.46
N GLU A 66 -46.14 20.03 -43.59
CA GLU A 66 -46.54 21.37 -44.03
C GLU A 66 -47.48 22.02 -43.03
N VAL A 67 -48.48 21.28 -42.55
CA VAL A 67 -49.46 21.87 -41.63
C VAL A 67 -48.82 22.15 -40.28
N LEU A 68 -47.82 21.35 -39.88
CA LEU A 68 -47.16 21.60 -38.62
C LEU A 68 -46.21 22.80 -38.73
N LEU A 69 -45.57 22.96 -39.89
CA LEU A 69 -44.78 24.16 -40.14
C LEU A 69 -45.65 25.41 -40.13
N LYS A 70 -46.81 25.33 -40.74
CA LYS A 70 -47.75 26.46 -40.73
C LYS A 70 -48.40 26.60 -39.36
N ALA A 73 -44.08 24.74 -36.12
CA ALA A 73 -43.17 24.56 -35.00
C ALA A 73 -41.76 25.00 -35.36
N ASP A 74 -40.77 24.48 -34.63
CA ASP A 74 -39.39 24.86 -34.86
C ASP A 74 -38.87 24.26 -36.16
N VAL A 75 -38.30 25.10 -37.01
CA VAL A 75 -37.74 24.62 -38.27
C VAL A 75 -36.47 23.82 -38.03
N ASN A 76 -35.63 24.25 -37.08
CA ASN A 76 -34.38 23.59 -36.76
C ASN A 76 -34.42 22.85 -35.43
N ALA A 77 -35.56 22.22 -35.12
CA ALA A 77 -35.68 21.48 -33.86
C ALA A 77 -34.70 20.31 -33.84
N TRP A 78 -33.85 20.29 -32.83
CA TRP A 78 -32.86 19.23 -32.65
C TRP A 78 -33.28 18.32 -31.50
N ASP A 79 -33.13 17.02 -31.70
CA ASP A 79 -33.53 16.03 -30.73
C ASP A 79 -32.35 15.61 -29.85
N HIS A 80 -32.58 14.58 -29.03
CA HIS A 80 -31.52 14.10 -28.15
C HIS A 80 -30.39 13.44 -28.95
N TYR A 81 -30.69 12.87 -30.11
CA TYR A 81 -29.64 12.46 -31.03
C TYR A 81 -28.99 13.64 -31.73
N GLY A 82 -29.55 14.84 -31.62
CA GLY A 82 -29.08 15.95 -32.41
C GLY A 82 -29.57 15.94 -33.83
N PHE A 83 -30.39 14.95 -34.19
CA PHE A 83 -30.91 14.84 -35.54
C PHE A 83 -31.87 15.98 -35.84
N THR A 84 -31.77 16.52 -37.04
CA THR A 84 -32.65 17.56 -37.51
C THR A 84 -33.68 16.97 -38.49
N PRO A 85 -34.82 17.64 -38.68
CA PRO A 85 -35.76 17.19 -39.71
C PRO A 85 -35.13 17.13 -41.09
N LEU A 86 -34.21 18.04 -41.38
CA LEU A 86 -33.46 17.96 -42.64
C LEU A 86 -32.61 16.69 -42.69
N HIS A 87 -32.01 16.31 -41.56
CA HIS A 87 -31.23 15.07 -41.51
C HIS A 87 -32.12 13.87 -41.80
N LEU A 88 -33.31 13.81 -41.20
CA LEU A 88 -34.20 12.68 -41.43
C LEU A 88 -34.71 12.66 -42.87
N ALA A 89 -35.00 13.84 -43.43
CA ALA A 89 -35.43 13.90 -44.82
C ALA A 89 -34.33 13.41 -45.76
N ALA A 90 -33.07 13.80 -45.48
CA ALA A 90 -31.96 13.32 -46.30
C ALA A 90 -31.78 11.82 -46.14
N HIS A 91 -31.95 11.31 -44.92
CA HIS A 91 -31.84 9.87 -44.69
C HIS A 91 -32.91 9.11 -45.47
N VAL A 92 -34.13 9.63 -45.49
CA VAL A 92 -35.19 8.99 -46.27
C VAL A 92 -35.16 9.43 -47.73
N GLY A 93 -34.50 10.53 -48.05
CA GLY A 93 -34.37 10.96 -49.44
C GLY A 93 -35.67 11.32 -50.10
N HIS A 94 -36.50 12.12 -49.43
CA HIS A 94 -37.86 12.41 -49.89
C HIS A 94 -37.92 13.92 -50.13
N LEU A 95 -38.04 14.30 -51.41
CA LEU A 95 -37.55 15.60 -51.89
C LEU A 95 -38.27 16.79 -51.24
N GLU A 96 -39.58 16.89 -51.46
CA GLU A 96 -40.26 18.16 -51.25
C GLU A 96 -40.13 18.65 -49.81
N ILE A 97 -40.12 17.75 -48.84
CA ILE A 97 -39.84 18.22 -47.49
C ILE A 97 -38.42 18.77 -47.38
N VAL A 98 -37.46 18.18 -48.09
CA VAL A 98 -36.09 18.70 -48.03
C VAL A 98 -36.03 20.13 -48.52
N GLU A 99 -36.57 20.40 -49.72
CA GLU A 99 -36.47 21.78 -50.21
C GLU A 99 -37.40 22.73 -49.46
N VAL A 100 -38.52 22.24 -48.92
CA VAL A 100 -39.37 23.11 -48.13
C VAL A 100 -38.67 23.52 -46.84
N LEU A 101 -38.07 22.56 -46.14
CA LEU A 101 -37.35 22.87 -44.91
C LEU A 101 -36.16 23.77 -45.19
N LEU A 102 -35.46 23.52 -46.29
CA LEU A 102 -34.34 24.41 -46.66
C LEU A 102 -34.84 25.83 -46.92
N LYS A 103 -35.98 25.95 -47.59
CA LYS A 103 -36.58 27.27 -47.79
C LYS A 103 -37.19 27.82 -46.52
N ALA A 104 -37.58 26.96 -45.58
CA ALA A 104 -38.19 27.40 -44.33
C ALA A 104 -37.19 27.92 -43.32
N GLY A 105 -35.89 27.79 -43.58
CA GLY A 105 -34.87 28.28 -42.69
C GLY A 105 -34.08 27.21 -41.95
N ALA A 106 -34.17 25.95 -42.37
CA ALA A 106 -33.39 24.91 -41.73
C ALA A 106 -31.91 25.15 -41.91
N ASP A 107 -31.12 24.76 -40.91
CA ASP A 107 -29.68 25.00 -40.96
C ASP A 107 -29.04 24.21 -42.08
N VAL A 108 -28.25 24.89 -42.90
CA VAL A 108 -27.58 24.22 -44.02
C VAL A 108 -26.50 23.28 -43.51
N ASN A 109 -25.80 23.66 -42.44
CA ASN A 109 -24.70 22.88 -41.90
C ASN A 109 -24.96 22.46 -40.46
N ALA A 110 -26.17 22.02 -40.17
CA ALA A 110 -26.49 21.52 -38.84
C ALA A 110 -25.73 20.23 -38.56
N GLN A 111 -25.20 20.12 -37.34
CA GLN A 111 -24.41 18.97 -36.94
C GLN A 111 -25.13 18.21 -35.84
N ASP A 112 -25.29 16.91 -36.03
CA ASP A 112 -25.93 16.04 -35.05
C ASP A 112 -24.91 15.62 -34.01
N HIS A 113 -25.27 14.64 -33.17
CA HIS A 113 -24.33 14.11 -32.19
C HIS A 113 -23.11 13.50 -32.86
N ALA A 114 -23.28 12.90 -34.03
CA ALA A 114 -22.19 12.29 -34.77
C ALA A 114 -21.55 13.24 -35.76
N GLY A 115 -21.92 14.52 -35.75
CA GLY A 115 -21.32 15.49 -36.63
C GLY A 115 -21.65 15.30 -38.10
N TRP A 116 -22.74 14.63 -38.42
CA TRP A 116 -23.12 14.38 -39.81
C TRP A 116 -24.12 15.44 -40.27
N THR A 117 -23.79 16.10 -41.37
CA THR A 117 -24.69 17.03 -42.03
C THR A 117 -25.74 16.27 -42.82
N PRO A 118 -26.86 16.91 -43.15
CA PRO A 118 -27.81 16.25 -44.07
C PRO A 118 -27.18 15.90 -45.40
N LEU A 119 -26.20 16.70 -45.84
CA LEU A 119 -25.41 16.36 -47.03
C LEU A 119 -24.67 15.04 -46.81
N HIS A 120 -24.13 14.84 -45.61
CA HIS A 120 -23.43 13.59 -45.31
C HIS A 120 -24.36 12.40 -45.44
N LEU A 121 -25.57 12.50 -44.87
CA LEU A 121 -26.52 11.39 -44.95
C LEU A 121 -26.98 11.15 -46.39
N ALA A 122 -27.23 12.23 -47.13
CA ALA A 122 -27.66 12.10 -48.52
C ALA A 122 -26.59 11.41 -49.36
N ALA A 123 -25.32 11.78 -49.15
CA ALA A 123 -24.23 11.12 -49.86
C ALA A 123 -24.08 9.67 -49.41
N LEU A 124 -24.31 9.41 -48.12
CA LEU A 124 -24.12 8.07 -47.59
C LEU A 124 -25.16 7.09 -48.13
N TYR A 125 -26.42 7.51 -48.20
CA TYR A 125 -27.50 6.61 -48.57
C TYR A 125 -27.83 6.62 -50.06
N GLY A 126 -27.00 7.25 -50.89
CA GLY A 126 -27.21 7.24 -52.32
C GLY A 126 -28.18 8.27 -52.84
N HIS A 127 -28.61 9.22 -52.00
CA HIS A 127 -29.54 10.27 -52.42
C HIS A 127 -28.75 11.45 -52.99
N LEU A 128 -28.37 11.31 -54.27
CA LEU A 128 -27.64 12.36 -54.96
C LEU A 128 -28.49 13.61 -55.12
N GLU A 129 -29.79 13.43 -55.40
CA GLU A 129 -30.68 14.56 -55.61
C GLU A 129 -30.71 15.46 -54.38
N ILE A 130 -30.83 14.85 -53.19
CA ILE A 130 -30.72 15.60 -51.95
C ILE A 130 -29.36 16.28 -51.87
N VAL A 131 -28.31 15.62 -52.36
CA VAL A 131 -26.97 16.19 -52.27
C VAL A 131 -26.92 17.52 -53.02
N GLU A 132 -27.36 17.53 -54.29
CA GLU A 132 -27.27 18.79 -55.01
C GLU A 132 -28.27 19.82 -54.49
N VAL A 133 -29.45 19.36 -54.04
CA VAL A 133 -30.44 20.28 -53.49
C VAL A 133 -29.85 21.04 -52.31
N LEU A 134 -29.12 20.35 -51.43
CA LEU A 134 -28.44 21.03 -50.34
C LEU A 134 -27.22 21.82 -50.84
N LEU A 135 -26.61 21.38 -51.95
CA LEU A 135 -25.40 22.05 -52.44
C LEU A 135 -25.70 23.48 -52.90
N LYS A 136 -26.76 23.68 -53.69
CA LYS A 136 -27.15 25.05 -54.01
C LYS A 136 -27.77 25.80 -52.83
N HIS A 137 -27.89 25.18 -51.66
CA HIS A 137 -28.19 25.92 -50.44
C HIS A 137 -26.95 26.31 -49.65
N GLY A 138 -25.76 26.03 -50.17
CA GLY A 138 -24.52 26.44 -49.53
C GLY A 138 -23.94 25.42 -48.56
N VAL A 141 -18.88 21.75 -47.93
CA VAL A 141 -18.44 20.52 -48.58
C VAL A 141 -17.24 19.96 -47.83
N ASN A 142 -16.51 20.85 -47.15
CA ASN A 142 -15.33 20.45 -46.38
C ASN A 142 -15.64 20.21 -44.90
N ALA A 143 -16.92 20.27 -44.51
CA ALA A 143 -17.28 20.03 -43.12
C ALA A 143 -16.93 18.60 -42.71
N GLN A 144 -16.37 18.45 -41.52
CA GLN A 144 -15.93 17.17 -41.00
C GLN A 144 -16.54 16.93 -39.62
N ASP A 145 -16.93 15.69 -39.36
CA ASP A 145 -17.41 15.29 -38.05
C ASP A 145 -16.20 15.03 -37.14
N MET A 146 -16.45 14.39 -35.99
CA MET A 146 -15.33 14.01 -35.13
C MET A 146 -14.40 13.04 -35.83
N TRP A 147 -14.93 12.05 -36.54
CA TRP A 147 -14.12 11.16 -37.36
C TRP A 147 -13.45 11.89 -38.52
N GLY A 148 -14.07 12.95 -39.04
CA GLY A 148 -13.40 13.81 -40.01
C GLY A 148 -13.46 13.35 -41.44
N GLU A 149 -14.61 12.91 -41.93
CA GLU A 149 -14.75 12.55 -43.34
C GLU A 149 -15.80 13.45 -44.00
N THR A 150 -15.48 13.94 -45.19
CA THR A 150 -16.41 14.70 -46.00
C THR A 150 -17.43 13.75 -46.63
N PRO A 151 -18.54 14.29 -47.14
CA PRO A 151 -19.50 13.41 -47.85
C PRO A 151 -18.88 12.68 -49.03
N PHE A 152 -17.80 13.22 -49.60
CA PHE A 152 -17.03 12.49 -50.60
C PHE A 152 -16.56 11.15 -50.04
N ASP A 153 -15.99 11.15 -48.83
CA ASP A 153 -15.52 9.91 -48.24
C ASP A 153 -16.68 8.95 -48.01
N LEU A 154 -17.81 9.45 -47.52
CA LEU A 154 -18.96 8.58 -47.32
C LEU A 154 -19.39 7.94 -48.63
N ALA A 155 -19.44 8.73 -49.71
CA ALA A 155 -19.74 8.15 -51.02
C ALA A 155 -18.68 7.12 -51.42
N ILE A 156 -17.44 7.32 -51.00
CA ILE A 156 -16.37 6.40 -51.40
C ILE A 156 -16.56 5.04 -50.72
N ASP A 157 -16.79 5.02 -49.41
CA ASP A 157 -17.00 3.75 -48.72
C ASP A 157 -18.28 3.07 -49.18
N ASN A 158 -19.37 3.83 -49.37
CA ASN A 158 -20.61 3.22 -49.81
C ASN A 158 -20.65 2.97 -51.31
N GLY A 159 -19.63 3.41 -52.05
CA GLY A 159 -19.59 3.17 -53.49
C GLY A 159 -20.49 4.07 -54.30
N ASN A 160 -21.07 5.11 -53.71
CA ASN A 160 -21.92 6.05 -54.43
C ASN A 160 -21.05 6.95 -55.31
N GLU A 161 -20.59 6.35 -56.42
CA GLU A 161 -19.69 7.06 -57.32
C GLU A 161 -20.40 8.22 -58.00
N ASP A 162 -21.71 8.10 -58.21
CA ASP A 162 -22.47 9.20 -58.81
C ASP A 162 -22.42 10.44 -57.93
N ILE A 163 -22.58 10.27 -56.61
CA ILE A 163 -22.45 11.39 -55.70
C ILE A 163 -21.01 11.87 -55.63
N ALA A 164 -20.06 10.97 -55.85
CA ALA A 164 -18.65 11.31 -55.73
C ALA A 164 -18.24 12.36 -56.76
N GLU A 165 -18.68 12.22 -58.00
CA GLU A 165 -18.32 13.19 -59.03
C GLU A 165 -18.92 14.56 -58.72
N VAL A 166 -20.15 14.58 -58.22
CA VAL A 166 -20.83 15.84 -57.93
C VAL A 166 -20.08 16.61 -56.85
N LEU A 167 -19.55 15.89 -55.86
CA LEU A 167 -18.94 16.57 -54.71
C LEU A 167 -17.59 17.17 -55.06
N GLN A 168 -16.87 16.57 -56.01
CA GLN A 168 -15.51 17.06 -56.28
C GLN A 168 -15.52 18.37 -57.06
N LYS A 169 -16.44 18.51 -58.02
CA LYS A 169 -16.50 19.79 -58.75
C LYS A 169 -17.66 20.62 -58.22
N LEU B 627 -56.15 1.85 10.40
CA LEU B 627 -57.13 2.41 9.48
C LEU B 627 -58.46 1.67 9.60
N ALA B 628 -58.55 0.51 8.95
CA ALA B 628 -59.77 -0.32 8.97
C ALA B 628 -59.33 -1.78 8.92
N LYS B 629 -59.37 -2.45 10.08
CA LYS B 629 -59.01 -3.86 10.14
C LYS B 629 -60.11 -4.78 9.65
N ILE B 630 -61.33 -4.25 9.46
CA ILE B 630 -62.43 -5.09 8.98
C ILE B 630 -62.12 -5.64 7.59
N LEU B 631 -61.55 -4.80 6.72
CA LEU B 631 -61.25 -5.25 5.37
C LEU B 631 -60.19 -6.35 5.38
N VAL B 632 -59.13 -6.17 6.17
CA VAL B 632 -58.09 -7.19 6.23
C VAL B 632 -58.64 -8.48 6.84
N SER B 633 -59.55 -8.35 7.80
CA SER B 633 -60.24 -9.53 8.32
C SER B 633 -61.06 -10.21 7.23
N SER B 634 -61.60 -9.41 6.29
CA SER B 634 -62.36 -9.98 5.19
C SER B 634 -61.46 -10.75 4.23
N LEU B 635 -60.33 -10.16 3.84
CA LEU B 635 -59.39 -10.91 3.00
C LEU B 635 -58.81 -12.12 3.74
N TYR B 636 -58.83 -12.11 5.07
CA TYR B 636 -58.41 -13.30 5.81
C TYR B 636 -59.28 -14.49 5.45
N ARG B 637 -60.59 -14.29 5.38
CA ARG B 637 -61.49 -15.32 4.86
C ARG B 637 -61.40 -15.46 3.35
N PHE B 638 -61.04 -14.39 2.64
CA PHE B 638 -61.05 -14.41 1.18
C PHE B 638 -59.90 -15.20 0.59
N LYS B 639 -59.04 -15.79 1.43
CA LYS B 639 -57.94 -16.61 0.90
C LYS B 639 -58.47 -17.79 0.10
N ASP B 640 -59.49 -18.46 0.63
CA ASP B 640 -60.13 -19.58 -0.05
C ASP B 640 -61.48 -19.22 -0.66
N VAL B 641 -61.90 -17.96 -0.54
CA VAL B 641 -63.20 -17.52 -1.05
C VAL B 641 -63.11 -17.29 -2.55
N ALA B 642 -64.27 -17.07 -3.18
CA ALA B 642 -64.36 -16.91 -4.63
C ALA B 642 -63.89 -15.52 -5.03
N GLU B 643 -64.21 -15.12 -6.26
CA GLU B 643 -63.71 -13.89 -6.87
C GLU B 643 -64.21 -12.64 -6.17
N ILE B 644 -64.95 -12.80 -5.07
CA ILE B 644 -65.41 -11.64 -4.30
C ILE B 644 -64.22 -10.83 -3.80
N GLN B 645 -63.07 -11.47 -3.60
CA GLN B 645 -61.88 -10.77 -3.16
C GLN B 645 -61.31 -9.83 -4.21
N THR B 646 -61.73 -9.97 -5.47
CA THR B 646 -61.20 -9.10 -6.52
C THR B 646 -61.59 -7.65 -6.28
N LYS B 647 -62.79 -7.41 -5.75
CA LYS B 647 -63.23 -6.05 -5.47
C LYS B 647 -62.37 -5.41 -4.39
N GLY B 648 -61.75 -6.21 -3.53
CA GLY B 648 -60.88 -5.70 -2.49
C GLY B 648 -59.57 -5.15 -3.01
N GLN B 650 -58.67 -3.81 -5.97
CA GLN B 650 -59.41 -2.74 -6.63
C GLN B 650 -59.59 -1.55 -5.71
N THR B 651 -60.45 -1.71 -4.69
CA THR B 651 -60.65 -0.63 -3.73
C THR B 651 -59.40 -0.38 -2.89
N ILE B 652 -58.52 -1.37 -2.80
CA ILE B 652 -57.27 -1.19 -2.06
C ILE B 652 -56.34 -0.26 -2.82
N LEU B 653 -56.25 -0.43 -4.14
CA LEU B 653 -55.43 0.45 -4.96
C LEU B 653 -56.13 1.76 -5.29
N ALA B 654 -57.44 1.84 -5.11
CA ALA B 654 -58.14 3.10 -5.35
C ALA B 654 -57.63 4.20 -4.41
N ILE B 655 -57.29 3.85 -3.18
CA ILE B 655 -56.76 4.80 -2.23
C ILE B 655 -55.25 4.66 -2.14
N LYS B 664 -48.95 2.57 2.20
CA LYS B 664 -49.18 3.07 3.55
C LYS B 664 -49.02 1.95 4.58
N LEU B 665 -50.02 1.80 5.44
CA LEU B 665 -50.02 0.77 6.47
C LEU B 665 -50.87 -0.44 6.06
N LEU B 666 -51.08 -0.63 4.76
CA LEU B 666 -51.90 -1.73 4.28
C LEU B 666 -51.25 -3.09 4.59
N VAL B 667 -49.93 -3.16 4.48
CA VAL B 667 -49.20 -4.43 4.61
C VAL B 667 -48.87 -4.68 6.07
N HIS B 668 -49.34 -3.81 6.96
CA HIS B 668 -48.91 -3.87 8.35
C HIS B 668 -49.34 -5.17 9.03
N HIS B 669 -50.59 -5.59 8.83
CA HIS B 669 -51.10 -6.75 9.58
C HIS B 669 -50.79 -8.09 8.90
N SER B 670 -51.44 -8.37 7.78
CA SER B 670 -51.29 -9.67 7.14
C SER B 670 -51.36 -9.62 5.62
N PHE B 671 -51.14 -8.46 4.99
CA PHE B 671 -51.50 -8.31 3.58
C PHE B 671 -50.63 -9.19 2.69
N ASP B 672 -49.37 -9.38 3.07
CA ASP B 672 -48.47 -10.21 2.27
C ASP B 672 -49.00 -11.64 2.16
N LEU B 673 -49.47 -12.21 3.27
CA LEU B 673 -49.92 -13.60 3.21
C LEU B 673 -51.18 -13.74 2.37
N VAL B 674 -52.10 -12.78 2.46
CA VAL B 674 -53.32 -12.89 1.67
C VAL B 674 -53.01 -12.78 0.19
N ILE B 675 -52.15 -11.83 -0.21
CA ILE B 675 -51.82 -11.71 -1.62
C ILE B 675 -51.07 -12.96 -2.09
N PHE B 676 -50.35 -13.61 -1.17
CA PHE B 676 -49.66 -14.81 -1.57
C PHE B 676 -50.63 -15.97 -1.79
N HIS B 677 -51.63 -16.17 -0.92
CA HIS B 677 -52.63 -17.18 -1.29
C HIS B 677 -53.29 -16.81 -2.61
N GLN B 678 -53.44 -15.50 -2.88
CA GLN B 678 -54.07 -15.14 -4.15
C GLN B 678 -53.23 -15.59 -5.34
N MET B 679 -51.95 -15.22 -5.40
CA MET B 679 -51.23 -15.44 -6.66
C MET B 679 -50.69 -16.87 -6.71
N SER B 680 -50.71 -17.57 -5.58
CA SER B 680 -50.37 -18.99 -5.55
C SER B 680 -51.59 -19.89 -5.60
N SER B 681 -52.80 -19.32 -5.68
CA SER B 681 -54.00 -20.14 -5.75
C SER B 681 -54.22 -20.70 -7.15
N ASN B 682 -53.39 -21.66 -7.54
CA ASN B 682 -53.46 -22.30 -8.85
C ASN B 682 -53.37 -21.27 -9.98
N ILE B 683 -52.30 -20.48 -9.95
CA ILE B 683 -52.08 -19.47 -10.97
C ILE B 683 -50.80 -19.78 -11.74
N ASP B 688 -57.82 -16.39 -15.00
CA ASP B 688 -57.08 -16.11 -13.77
C ASP B 688 -56.12 -14.93 -13.97
N GLN B 689 -55.65 -14.75 -15.20
CA GLN B 689 -54.72 -13.67 -15.48
C GLN B 689 -55.38 -12.30 -15.33
N GLN B 690 -56.69 -12.22 -15.60
CA GLN B 690 -57.40 -10.96 -15.43
C GLN B 690 -57.36 -10.50 -13.97
N PHE B 691 -57.56 -11.42 -13.04
CA PHE B 691 -57.46 -11.07 -11.62
C PHE B 691 -56.01 -10.92 -11.19
N LEU B 692 -55.09 -11.69 -11.78
CA LEU B 692 -53.68 -11.56 -11.43
C LEU B 692 -53.14 -10.18 -11.78
N ASN B 693 -53.55 -9.65 -12.93
CA ASN B 693 -53.09 -8.32 -13.33
C ASN B 693 -53.52 -7.25 -12.35
N LEU B 694 -54.80 -7.28 -11.92
CA LEU B 694 -55.27 -6.28 -10.98
C LEU B 694 -54.64 -6.47 -9.60
N CYS B 695 -54.41 -7.73 -9.20
CA CYS B 695 -53.74 -7.97 -7.92
C CYS B 695 -52.32 -7.41 -7.95
N CYS B 696 -51.59 -7.62 -9.05
CA CYS B 696 -50.24 -7.08 -9.14
C CYS B 696 -50.25 -5.56 -9.21
N LYS B 697 -51.24 -4.97 -9.90
CA LYS B 697 -51.36 -3.53 -9.94
C LYS B 697 -51.60 -2.95 -8.56
N CYS B 698 -52.45 -3.61 -7.77
CA CYS B 698 -52.66 -3.19 -6.38
C CYS B 698 -51.38 -3.35 -5.56
N PHE B 699 -50.66 -4.45 -5.77
CA PHE B 699 -49.43 -4.70 -5.02
C PHE B 699 -48.35 -3.69 -5.35
N ALA B 700 -48.37 -3.14 -6.56
CA ALA B 700 -47.34 -2.19 -6.97
C ALA B 700 -47.30 -0.97 -6.06
N LYS B 701 -48.41 -0.68 -5.38
CA LYS B 701 -48.42 0.44 -4.43
C LYS B 701 -47.50 0.18 -3.24
N VAL B 702 -47.18 -1.08 -2.95
CA VAL B 702 -46.27 -1.39 -1.85
C VAL B 702 -44.87 -0.85 -2.16
N ALA B 703 -44.41 -1.05 -3.40
CA ALA B 703 -43.09 -0.58 -3.81
C ALA B 703 -43.04 0.94 -3.86
N LEU B 708 -40.40 0.48 4.10
CA LEU B 708 -41.38 0.32 3.04
C LEU B 708 -41.14 -0.98 2.28
N LYS B 709 -40.28 -0.91 1.27
CA LYS B 709 -39.94 -2.12 0.51
C LYS B 709 -39.20 -3.13 1.38
N ASN B 710 -38.29 -2.66 2.22
CA ASN B 710 -37.52 -3.56 3.07
C ASN B 710 -38.40 -4.24 4.10
N VAL B 711 -39.26 -3.46 4.78
CA VAL B 711 -40.12 -4.04 5.81
C VAL B 711 -41.13 -5.00 5.18
N MET B 712 -41.50 -4.75 3.92
CA MET B 712 -42.34 -5.70 3.21
C MET B 712 -41.64 -7.05 3.06
N LEU B 713 -40.34 -7.02 2.74
CA LEU B 713 -39.56 -8.26 2.70
C LEU B 713 -39.43 -8.85 4.09
N GLU B 714 -39.18 -8.01 5.10
CA GLU B 714 -38.97 -8.50 6.46
C GLU B 714 -40.19 -9.27 6.95
N ARG B 715 -41.38 -8.75 6.70
CA ARG B 715 -42.60 -9.49 7.01
C ARG B 715 -42.71 -10.74 6.15
N ALA B 716 -42.34 -10.63 4.87
CA ALA B 716 -42.41 -11.77 3.96
C ALA B 716 -41.34 -12.80 4.28
N CYS B 717 -40.14 -12.34 4.66
CA CYS B 717 -39.05 -13.26 4.98
C CYS B 717 -39.27 -14.01 6.28
N ASP B 718 -40.25 -13.59 7.09
CA ASP B 718 -40.53 -14.31 8.33
C ASP B 718 -40.99 -15.74 8.05
N GLN B 719 -41.80 -15.92 7.02
CA GLN B 719 -42.23 -17.24 6.61
C GLN B 719 -41.43 -17.68 5.40
N ASN B 720 -40.75 -18.83 5.53
CA ASN B 720 -39.90 -19.38 4.47
C ASN B 720 -40.69 -19.63 3.20
N ASN B 721 -40.45 -18.87 2.14
CA ASN B 721 -41.27 -19.03 0.93
C ASN B 721 -40.53 -18.47 -0.27
N SER B 722 -40.21 -19.36 -1.21
CA SER B 722 -39.30 -19.03 -2.31
C SER B 722 -39.88 -17.99 -3.24
N ILE B 723 -41.21 -17.94 -3.38
CA ILE B 723 -41.81 -16.99 -4.33
C ILE B 723 -41.61 -15.56 -3.84
N MET B 724 -41.93 -15.29 -2.56
CA MET B 724 -41.60 -13.97 -2.03
C MET B 724 -40.10 -13.71 -2.09
N VAL B 725 -39.29 -14.73 -1.74
CA VAL B 725 -37.83 -14.54 -1.79
C VAL B 725 -37.41 -14.02 -3.15
N GLU B 726 -37.73 -14.77 -4.21
CA GLU B 726 -37.27 -14.44 -5.56
C GLU B 726 -37.89 -13.14 -6.05
N CYS B 727 -39.19 -12.95 -5.84
CA CYS B 727 -39.85 -11.74 -6.34
C CYS B 727 -39.27 -10.49 -5.70
N LEU B 728 -39.10 -10.52 -4.38
CA LEU B 728 -38.61 -9.33 -3.68
C LEU B 728 -37.14 -9.09 -3.97
N LEU B 729 -36.36 -10.15 -4.17
CA LEU B 729 -34.96 -9.97 -4.55
C LEU B 729 -34.85 -9.39 -5.97
N LEU B 730 -35.74 -9.81 -6.86
CA LEU B 730 -35.78 -9.22 -8.20
C LEU B 730 -36.20 -7.76 -8.14
N LEU B 731 -37.11 -7.42 -7.22
CA LEU B 731 -37.55 -6.05 -7.02
C LEU B 731 -36.53 -5.21 -6.26
N GLY B 732 -35.44 -5.82 -5.83
CA GLY B 732 -34.42 -5.10 -5.06
C GLY B 732 -34.45 -5.54 -3.62
N ALA B 733 -34.63 -4.58 -2.72
CA ALA B 733 -34.71 -4.83 -1.28
C ALA B 733 -33.49 -5.62 -0.79
N ALA B 735 -30.75 -7.98 0.54
CA ALA B 735 -31.14 -9.11 1.37
C ALA B 735 -30.39 -9.10 2.69
N ASN B 736 -29.18 -8.55 2.68
CA ASN B 736 -28.33 -8.50 3.87
C ASN B 736 -28.50 -7.15 4.57
N GLN B 737 -29.69 -6.96 5.13
CA GLN B 737 -30.01 -5.71 5.83
C GLN B 737 -31.06 -6.01 6.89
N ALA B 738 -31.01 -5.26 7.99
CA ALA B 738 -31.96 -5.44 9.08
C ALA B 738 -32.01 -4.20 9.96
N SER B 743 -29.34 -10.56 11.52
CA SER B 743 -30.02 -9.90 10.42
C SER B 743 -31.21 -10.72 9.93
N LEU B 744 -31.21 -11.05 8.64
CA LEU B 744 -32.26 -11.86 8.03
C LEU B 744 -31.80 -13.27 7.71
N ILE B 745 -30.62 -13.42 7.11
CA ILE B 745 -30.13 -14.74 6.74
C ILE B 745 -29.93 -15.61 7.98
N CYS B 746 -29.43 -15.01 9.06
CA CYS B 746 -29.22 -15.78 10.29
C CYS B 746 -30.53 -16.31 10.84
N GLN B 747 -31.57 -15.47 10.86
CA GLN B 747 -32.84 -15.92 11.41
C GLN B 747 -33.53 -16.92 10.50
N VAL B 748 -33.40 -16.78 9.18
CA VAL B 748 -33.95 -17.79 8.27
C VAL B 748 -33.22 -19.12 8.45
N CYS B 749 -31.91 -19.07 8.64
CA CYS B 749 -31.16 -20.30 8.89
C CYS B 749 -31.58 -20.93 10.22
N GLU B 750 -31.78 -20.12 11.25
CA GLU B 750 -32.20 -20.64 12.54
C GLU B 750 -33.58 -21.29 12.45
N LYS B 751 -34.51 -20.65 11.75
CA LYS B 751 -35.82 -21.23 11.54
C LYS B 751 -35.73 -22.39 10.56
N GLU B 752 -36.59 -23.39 10.73
CA GLU B 752 -36.66 -24.49 9.79
C GLU B 752 -37.11 -23.98 8.42
N SER B 753 -36.41 -24.39 7.38
CA SER B 753 -36.66 -23.88 6.03
C SER B 753 -36.18 -24.91 5.01
N SER B 754 -36.06 -24.48 3.77
CA SER B 754 -35.71 -25.31 2.63
C SER B 754 -34.50 -24.74 1.94
N PRO B 755 -33.72 -25.58 1.23
CA PRO B 755 -32.51 -25.09 0.56
C PRO B 755 -32.73 -23.91 -0.38
N LYS B 756 -33.88 -23.84 -1.05
CA LYS B 756 -34.09 -22.82 -2.07
C LYS B 756 -34.03 -21.41 -1.50
N LEU B 757 -34.66 -21.20 -0.34
CA LEU B 757 -34.70 -19.87 0.24
C LEU B 757 -33.30 -19.40 0.63
N VAL B 758 -32.55 -20.24 1.36
CA VAL B 758 -31.22 -19.84 1.78
C VAL B 758 -30.31 -19.65 0.57
N GLU B 759 -30.50 -20.46 -0.48
CA GLU B 759 -29.74 -20.24 -1.71
C GLU B 759 -30.07 -18.89 -2.33
N LEU B 760 -31.34 -18.50 -2.28
CA LEU B 760 -31.72 -17.18 -2.81
C LEU B 760 -31.06 -16.06 -2.03
N LEU B 761 -31.11 -16.10 -0.70
CA LEU B 761 -30.45 -15.06 0.09
C LEU B 761 -28.93 -15.07 -0.13
N LEU B 762 -28.34 -16.25 -0.30
CA LEU B 762 -26.89 -16.30 -0.51
C LEU B 762 -26.50 -15.71 -1.85
N ASN B 763 -27.17 -16.12 -2.93
CA ASN B 763 -26.78 -15.67 -4.26
C ASN B 763 -27.29 -14.29 -4.61
N SER B 764 -28.17 -13.71 -3.79
CA SER B 764 -28.61 -12.33 -4.01
C SER B 764 -27.75 -11.32 -3.26
N GLY B 765 -26.71 -11.77 -2.57
CA GLY B 765 -25.86 -10.86 -1.82
C GLY B 765 -26.05 -10.98 -0.32
N SER B 766 -24.98 -11.28 0.39
CA SER B 766 -25.05 -11.45 1.83
C SER B 766 -23.67 -11.16 2.42
N ARG B 767 -23.65 -10.43 3.54
CA ARG B 767 -22.38 -10.08 4.17
C ARG B 767 -21.69 -11.33 4.68
N GLU B 768 -20.36 -11.37 4.50
CA GLU B 768 -19.59 -12.56 4.85
C GLU B 768 -19.66 -12.85 6.34
N GLN B 769 -19.59 -11.82 7.18
CA GLN B 769 -19.68 -12.02 8.61
C GLN B 769 -21.04 -12.59 9.01
N ASP B 770 -22.11 -12.08 8.40
CA ASP B 770 -23.44 -12.59 8.72
C ASP B 770 -23.60 -14.03 8.25
N VAL B 771 -23.06 -14.37 7.08
CA VAL B 771 -23.12 -15.74 6.60
C VAL B 771 -22.35 -16.67 7.54
N ARG B 772 -21.17 -16.23 7.98
CA ARG B 772 -20.40 -17.03 8.93
C ARG B 772 -21.15 -17.22 10.24
N LYS B 773 -21.79 -16.17 10.74
CA LYS B 773 -22.55 -16.27 11.98
C LYS B 773 -23.72 -17.24 11.81
N ALA B 774 -24.43 -17.15 10.69
CA ALA B 774 -25.53 -18.08 10.44
C ALA B 774 -25.03 -19.51 10.33
N LEU B 775 -23.89 -19.71 9.66
CA LEU B 775 -23.31 -21.04 9.56
C LEU B 775 -22.97 -21.60 10.93
N THR B 776 -22.34 -20.79 11.79
CA THR B 776 -22.00 -21.24 13.13
C THR B 776 -23.24 -21.57 13.93
N ILE B 777 -24.31 -20.79 13.74
CA ILE B 777 -25.58 -21.08 14.42
C ILE B 777 -26.12 -22.42 13.95
N SER B 778 -26.06 -22.68 12.64
CA SER B 778 -26.66 -23.89 12.09
C SER B 778 -25.78 -25.13 12.26
N ILE B 779 -24.51 -24.97 12.64
CA ILE B 779 -23.65 -26.14 12.83
C ILE B 779 -24.21 -27.03 13.92
N GLY B 780 -24.62 -26.46 15.04
CA GLY B 780 -25.11 -27.25 16.15
C GLY B 780 -26.34 -28.07 15.79
N LYS B 781 -27.29 -27.44 15.10
CA LYS B 781 -28.47 -28.15 14.64
C LYS B 781 -28.09 -29.16 13.56
N GLY B 782 -28.62 -30.37 13.69
CA GLY B 782 -28.36 -31.40 12.70
C GLY B 782 -28.87 -31.02 11.33
N ASP B 783 -27.98 -30.96 10.35
CA ASP B 783 -28.34 -30.53 9.01
C ASP B 783 -27.25 -30.94 8.04
N SER B 784 -27.62 -31.14 6.78
CA SER B 784 -26.68 -31.49 5.73
C SER B 784 -26.98 -30.78 4.42
N GLN B 785 -27.97 -29.89 4.39
CA GLN B 785 -28.37 -29.21 3.16
C GLN B 785 -28.11 -27.71 3.21
N ILE B 786 -28.62 -27.02 4.24
CA ILE B 786 -28.46 -25.57 4.31
C ILE B 786 -26.99 -25.20 4.46
N ILE B 787 -26.28 -25.90 5.35
CA ILE B 787 -24.86 -25.64 5.54
C ILE B 787 -24.08 -25.95 4.27
N SER B 788 -24.56 -26.92 3.48
CA SER B 788 -23.89 -27.27 2.24
C SER B 788 -23.91 -26.10 1.27
N LEU B 789 -25.04 -25.41 1.16
CA LEU B 789 -25.09 -24.23 0.30
C LEU B 789 -24.41 -23.03 0.95
N LEU B 790 -24.40 -22.96 2.28
CA LEU B 790 -23.66 -21.90 2.95
C LEU B 790 -22.18 -21.98 2.61
N LEU B 791 -21.61 -23.18 2.62
CA LEU B 791 -20.22 -23.36 2.24
C LEU B 791 -19.98 -22.92 0.81
N ARG B 792 -20.97 -23.11 -0.07
CA ARG B 792 -20.82 -22.78 -1.48
C ARG B 792 -20.50 -21.30 -1.66
N ARG B 793 -21.23 -20.43 -0.97
CA ARG B 793 -21.01 -19.00 -1.06
C ARG B 793 -19.97 -18.49 -0.07
N LEU B 794 -19.60 -19.30 0.93
CA LEU B 794 -18.69 -18.84 1.96
C LEU B 794 -17.23 -19.17 1.67
N ALA B 795 -16.92 -20.39 1.23
CA ALA B 795 -15.53 -20.80 1.19
C ALA B 795 -15.18 -21.64 -0.04
N LEU B 796 -15.79 -21.35 -1.18
CA LEU B 796 -15.57 -22.13 -2.40
C LEU B 796 -14.81 -21.30 -3.44
N ASP B 797 -13.82 -21.92 -4.07
CA ASP B 797 -12.97 -21.27 -5.09
C ASP B 797 -12.91 -22.18 -6.31
N VAL B 798 -13.87 -22.01 -7.23
CA VAL B 798 -13.85 -22.77 -8.47
C VAL B 798 -12.72 -22.29 -9.38
N ALA B 799 -12.40 -21.00 -9.32
CA ALA B 799 -11.36 -20.45 -10.19
C ALA B 799 -10.02 -21.12 -9.94
N ASN B 800 -9.67 -21.32 -8.67
CA ASN B 800 -8.47 -22.07 -8.30
C ASN B 800 -8.73 -23.57 -8.22
N ASN B 801 -9.97 -24.02 -8.45
CA ASN B 801 -10.33 -25.42 -8.35
C ASN B 801 -9.96 -25.98 -6.97
N SER B 802 -10.32 -25.25 -5.93
CA SER B 802 -9.95 -25.62 -4.57
C SER B 802 -11.03 -25.17 -3.60
N ILE B 803 -11.02 -25.76 -2.41
CA ILE B 803 -11.98 -25.47 -1.35
C ILE B 803 -11.20 -25.11 -0.10
N CYS B 804 -11.19 -23.84 0.27
CA CYS B 804 -10.55 -23.41 1.49
C CYS B 804 -11.54 -23.47 2.65
N LEU B 805 -11.02 -23.63 3.87
CA LEU B 805 -11.83 -23.53 5.08
C LEU B 805 -10.89 -23.15 6.22
N GLY B 806 -10.92 -21.87 6.60
CA GLY B 806 -9.98 -21.36 7.57
C GLY B 806 -10.61 -20.86 8.86
N GLY B 807 -10.65 -19.55 9.03
CA GLY B 807 -11.02 -18.92 10.28
C GLY B 807 -12.36 -19.33 10.86
N PHE B 808 -13.31 -19.70 9.99
CA PHE B 808 -14.61 -20.15 10.46
C PHE B 808 -14.46 -21.45 11.24
N CYS B 809 -14.53 -21.38 12.56
CA CYS B 809 -14.25 -22.54 13.42
C CYS B 809 -15.45 -23.48 13.41
N ILE B 810 -15.30 -24.54 12.60
CA ILE B 810 -16.31 -25.59 12.58
C ILE B 810 -15.95 -26.64 13.63
N GLY B 811 -16.98 -27.20 14.28
CA GLY B 811 -16.72 -28.17 15.32
C GLY B 811 -16.09 -29.44 14.80
N LYS B 812 -16.56 -29.92 13.65
CA LYS B 812 -16.07 -31.15 13.05
C LYS B 812 -16.49 -31.13 11.59
N VAL B 813 -15.92 -32.04 10.80
CA VAL B 813 -16.20 -32.15 9.38
C VAL B 813 -16.72 -33.55 9.09
N GLU B 814 -17.69 -33.63 8.18
CA GLU B 814 -18.28 -34.89 7.76
C GLU B 814 -18.43 -34.91 6.25
N PRO B 815 -18.40 -36.08 5.61
CA PRO B 815 -18.38 -36.13 4.14
C PRO B 815 -19.59 -35.49 3.48
N SER B 816 -20.78 -35.61 4.08
CA SER B 816 -21.99 -35.08 3.44
C SER B 816 -21.97 -33.56 3.37
N TRP B 817 -21.08 -32.91 4.13
CA TRP B 817 -21.00 -31.45 4.12
C TRP B 817 -20.41 -30.94 2.82
N LEU B 818 -19.40 -31.63 2.28
CA LEU B 818 -18.70 -31.19 1.08
C LEU B 818 -19.20 -31.91 -0.17
N GLY B 819 -20.49 -32.22 -0.24
CA GLY B 819 -21.05 -32.93 -1.37
C GLY B 819 -20.94 -32.15 -2.67
N PRO B 820 -21.71 -31.06 -2.80
CA PRO B 820 -21.69 -30.30 -4.05
C PRO B 820 -20.51 -29.35 -4.15
N LEU B 821 -19.76 -29.19 -3.05
CA LEU B 821 -18.58 -28.32 -3.10
C LEU B 821 -17.57 -28.83 -4.10
N PHE B 822 -17.33 -30.13 -4.13
CA PHE B 822 -16.51 -30.72 -5.17
C PHE B 822 -17.36 -30.86 -6.43
N PRO B 823 -16.90 -30.37 -7.59
CA PRO B 823 -17.69 -30.47 -8.81
C PRO B 823 -17.70 -31.87 -9.40
N ASN B 834 -37.88 -17.82 -13.13
CA ASN B 834 -39.00 -18.63 -13.62
C ASN B 834 -40.32 -17.87 -13.49
N ILE B 835 -41.22 -18.40 -12.64
CA ILE B 835 -42.51 -17.74 -12.42
C ILE B 835 -42.31 -16.37 -11.80
N ALA B 836 -41.38 -16.28 -10.84
CA ALA B 836 -41.15 -15.00 -10.16
C ALA B 836 -40.64 -13.94 -11.14
N SER B 837 -39.78 -14.33 -12.08
CA SER B 837 -39.26 -13.37 -13.05
C SER B 837 -40.39 -12.77 -13.89
N THR B 838 -41.35 -13.61 -14.30
CA THR B 838 -42.51 -13.10 -15.03
C THR B 838 -43.32 -12.14 -14.17
N LEU B 839 -43.54 -12.49 -12.90
CA LEU B 839 -44.28 -11.60 -12.00
C LEU B 839 -43.51 -10.31 -11.77
N ALA B 840 -42.20 -10.41 -11.55
CA ALA B 840 -41.39 -9.22 -11.30
C ALA B 840 -41.37 -8.31 -12.51
N ARG B 841 -41.23 -8.87 -13.71
CA ARG B 841 -41.16 -8.06 -14.92
C ARG B 841 -42.45 -7.31 -15.16
N MET B 842 -43.59 -7.97 -14.98
CA MET B 842 -44.87 -7.33 -15.25
C MET B 842 -45.21 -6.29 -14.17
N VAL B 843 -44.82 -6.55 -12.93
CA VAL B 843 -44.98 -5.55 -11.88
C VAL B 843 -44.09 -4.35 -12.15
N ILE B 844 -42.84 -4.61 -12.58
CA ILE B 844 -41.95 -3.52 -12.97
C ILE B 844 -42.54 -2.73 -14.13
N ARG B 845 -43.16 -3.43 -15.09
CA ARG B 845 -43.83 -2.75 -16.19
C ARG B 845 -44.96 -1.88 -15.68
N TYR B 846 -45.74 -2.38 -14.71
CA TYR B 846 -46.76 -1.56 -14.07
C TYR B 846 -46.12 -0.41 -13.30
N GLN B 847 -45.00 -0.68 -12.63
CA GLN B 847 -44.30 0.35 -11.87
C GLN B 847 -43.60 1.34 -12.81
N TYR B 983 -11.64 -31.21 -10.93
CA TYR B 983 -11.07 -31.94 -9.81
C TYR B 983 -10.39 -30.99 -8.82
N ILE B 984 -10.87 -30.99 -7.58
CA ILE B 984 -10.33 -30.09 -6.56
C ILE B 984 -8.91 -30.48 -6.23
N THR B 985 -8.05 -29.47 -6.07
CA THR B 985 -6.64 -29.68 -5.81
C THR B 985 -6.25 -29.50 -4.34
N SER B 986 -6.56 -28.35 -3.74
CA SER B 986 -6.15 -28.07 -2.37
C SER B 986 -7.37 -27.89 -1.48
N LEU B 987 -7.34 -28.55 -0.32
CA LEU B 987 -8.37 -28.41 0.70
C LEU B 987 -7.72 -27.91 1.98
N ASP B 988 -8.30 -26.86 2.55
CA ASP B 988 -7.72 -26.18 3.70
C ASP B 988 -8.60 -26.46 4.92
N LEU B 989 -7.98 -26.91 6.00
CA LEU B 989 -8.65 -27.19 7.27
C LEU B 989 -7.84 -26.60 8.42
N SER B 990 -7.46 -25.33 8.30
CA SER B 990 -6.47 -24.76 9.22
C SER B 990 -7.06 -24.55 10.62
N ALA B 991 -8.05 -23.68 10.73
CA ALA B 991 -8.53 -23.24 12.05
C ALA B 991 -9.70 -24.05 12.57
N ASN B 992 -10.10 -25.12 11.88
CA ASN B 992 -11.24 -25.93 12.32
C ASN B 992 -10.78 -26.93 13.36
N GLU B 993 -11.26 -26.77 14.60
CA GLU B 993 -10.76 -27.58 15.72
C GLU B 993 -11.29 -29.01 15.60
N LEU B 994 -10.73 -29.71 14.62
CA LEU B 994 -11.07 -31.12 14.39
C LEU B 994 -10.39 -31.98 15.43
N ARG B 995 -11.17 -32.50 16.38
CA ARG B 995 -10.63 -33.47 17.31
C ARG B 995 -10.20 -34.74 16.61
N ASP B 996 -10.92 -35.15 15.57
CA ASP B 996 -10.59 -36.34 14.79
C ASP B 996 -11.01 -36.11 13.35
N ILE B 997 -10.45 -36.93 12.46
CA ILE B 997 -10.73 -36.83 11.04
C ILE B 997 -11.23 -38.19 10.57
N ASP B 998 -11.73 -38.98 11.51
CA ASP B 998 -12.18 -40.34 11.21
C ASP B 998 -13.50 -40.38 10.45
N ALA B 999 -14.17 -39.24 10.28
CA ALA B 999 -15.46 -39.22 9.60
C ALA B 999 -15.35 -39.70 8.15
N LEU B 1000 -14.61 -38.96 7.34
CA LEU B 1000 -14.43 -39.30 5.92
C LEU B 1000 -13.10 -40.02 5.76
N SER B 1001 -13.08 -41.28 6.17
CA SER B 1001 -11.86 -42.07 6.16
C SER B 1001 -11.96 -43.32 5.29
N GLN B 1002 -13.03 -44.09 5.41
CA GLN B 1002 -13.10 -45.39 4.74
C GLN B 1002 -13.77 -45.31 3.37
N LYS B 1003 -15.04 -44.90 3.34
CA LYS B 1003 -15.79 -44.87 2.08
C LYS B 1003 -17.00 -43.97 2.29
N CYS B 1004 -17.16 -42.97 1.42
CA CYS B 1004 -18.27 -42.04 1.52
C CYS B 1004 -18.67 -41.52 0.14
N CYS B 1005 -19.49 -40.48 0.11
CA CYS B 1005 -19.90 -39.89 -1.16
C CYS B 1005 -18.72 -39.25 -1.88
N ILE B 1006 -17.82 -38.59 -1.13
CA ILE B 1006 -16.71 -37.87 -1.73
C ILE B 1006 -15.37 -38.58 -1.54
N SER B 1007 -15.38 -39.80 -0.98
CA SER B 1007 -14.13 -40.53 -0.80
C SER B 1007 -13.47 -40.83 -2.14
N VAL B 1008 -14.25 -41.31 -3.11
CA VAL B 1008 -13.74 -41.50 -4.46
C VAL B 1008 -13.38 -40.17 -5.09
N HIS B 1009 -14.15 -39.12 -4.79
CA HIS B 1009 -13.91 -37.81 -5.38
C HIS B 1009 -12.58 -37.23 -4.87
N LEU B 1010 -12.28 -37.40 -3.59
CA LEU B 1010 -11.05 -36.88 -3.00
C LEU B 1010 -9.85 -37.79 -3.22
N GLU B 1011 -10.05 -38.97 -3.84
CA GLU B 1011 -8.95 -39.91 -4.04
C GLU B 1011 -7.83 -39.31 -4.88
N HIS B 1012 -8.12 -38.26 -5.64
CA HIS B 1012 -7.12 -37.53 -6.42
C HIS B 1012 -7.09 -36.08 -5.98
N LEU B 1013 -7.13 -35.83 -4.67
CA LEU B 1013 -7.13 -34.46 -4.17
C LEU B 1013 -5.81 -33.77 -4.50
N GLU B 1014 -4.68 -34.39 -4.19
CA GLU B 1014 -3.31 -33.99 -4.46
C GLU B 1014 -2.82 -32.89 -3.50
N LYS B 1015 -3.67 -32.29 -2.69
CA LYS B 1015 -3.20 -31.32 -1.70
C LYS B 1015 -4.21 -31.25 -0.56
N LEU B 1016 -3.75 -31.57 0.65
CA LEU B 1016 -4.59 -31.58 1.84
C LEU B 1016 -3.88 -30.83 2.97
N GLU B 1017 -4.63 -30.03 3.71
CA GLU B 1017 -4.07 -29.23 4.81
C GLU B 1017 -4.83 -29.54 6.08
N LEU B 1018 -4.11 -29.97 7.11
CA LEU B 1018 -4.67 -30.21 8.43
C LEU B 1018 -3.87 -29.51 9.52
N HIS B 1019 -3.24 -28.38 9.20
CA HIS B 1019 -2.38 -27.71 10.17
C HIS B 1019 -3.21 -26.89 11.16
N GLN B 1020 -2.55 -26.48 12.24
CA GLN B 1020 -3.14 -25.74 13.35
C GLN B 1020 -4.29 -26.52 14.00
N ASN B 1021 -4.37 -27.82 13.75
CA ASN B 1021 -5.52 -28.59 14.14
C ASN B 1021 -5.25 -29.32 15.46
N ALA B 1022 -6.17 -30.21 15.84
CA ALA B 1022 -6.05 -30.98 17.07
C ALA B 1022 -6.13 -32.48 16.78
N LEU B 1023 -5.51 -32.91 15.69
CA LEU B 1023 -5.55 -34.32 15.32
C LEU B 1023 -4.67 -35.15 16.25
N THR B 1024 -4.92 -36.45 16.23
CA THR B 1024 -4.09 -37.42 16.95
C THR B 1024 -4.27 -38.81 16.36
N SER B 1025 -3.17 -39.52 16.14
CA SER B 1025 -3.19 -40.88 15.62
C SER B 1025 -3.96 -40.95 14.29
N PHE B 1026 -3.37 -40.30 13.27
CA PHE B 1026 -3.97 -40.15 11.95
C PHE B 1026 -4.34 -41.52 11.38
N PRO B 1027 -5.57 -41.69 10.88
CA PRO B 1027 -6.04 -43.01 10.44
C PRO B 1027 -5.33 -43.44 9.15
N GLN B 1028 -4.77 -44.65 9.18
CA GLN B 1028 -4.10 -45.17 7.99
C GLN B 1028 -5.10 -45.52 6.89
N GLN B 1029 -6.38 -45.63 7.22
CA GLN B 1029 -7.38 -45.94 6.20
C GLN B 1029 -7.49 -44.82 5.18
N LEU B 1030 -7.46 -43.56 5.63
CA LEU B 1030 -7.60 -42.43 4.72
C LEU B 1030 -6.44 -42.36 3.74
N CYS B 1031 -5.21 -42.57 4.22
CA CYS B 1031 -4.05 -42.50 3.34
C CYS B 1031 -4.14 -43.53 2.23
N GLU B 1032 -4.74 -44.69 2.53
CA GLU B 1032 -5.04 -45.64 1.46
C GLU B 1032 -6.22 -45.16 0.62
N THR B 1033 -7.13 -44.37 1.21
CA THR B 1033 -8.30 -43.92 0.48
C THR B 1033 -7.93 -42.97 -0.66
N LEU B 1034 -7.08 -41.99 -0.38
CA LEU B 1034 -6.62 -41.08 -1.43
C LEU B 1034 -5.19 -41.44 -1.83
N LYS B 1035 -4.96 -41.55 -3.13
CA LYS B 1035 -3.69 -42.02 -3.66
C LYS B 1035 -3.07 -41.01 -4.62
N SER B 1036 -3.29 -39.72 -4.34
CA SER B 1036 -2.64 -38.68 -5.14
C SER B 1036 -2.13 -37.51 -4.30
N LEU B 1037 -2.28 -37.57 -2.98
CA LEU B 1037 -1.89 -36.46 -2.11
C LEU B 1037 -0.38 -36.35 -2.04
N THR B 1038 0.14 -35.15 -2.36
CA THR B 1038 1.58 -34.93 -2.35
C THR B 1038 1.95 -33.58 -1.74
N HIS B 1039 1.05 -32.94 -1.00
CA HIS B 1039 1.36 -31.68 -0.35
C HIS B 1039 0.80 -31.60 1.06
N LEU B 1040 0.63 -32.73 1.74
CA LEU B 1040 0.02 -32.74 3.05
C LEU B 1040 0.93 -32.08 4.08
N ASP B 1041 0.40 -31.05 4.75
CA ASP B 1041 1.11 -30.36 5.84
C ASP B 1041 0.20 -30.27 7.06
N LEU B 1042 0.36 -31.24 7.96
CA LEU B 1042 -0.40 -31.29 9.21
C LEU B 1042 0.57 -30.98 10.34
N HIS B 1043 0.65 -29.70 10.71
CA HIS B 1043 1.47 -29.27 11.83
C HIS B 1043 0.61 -28.62 12.90
N SER B 1044 1.23 -28.38 14.05
CA SER B 1044 0.62 -27.83 15.26
C SER B 1044 -0.42 -28.76 15.86
N ASN B 1045 -0.58 -29.97 15.33
CA ASN B 1045 -1.49 -30.94 15.91
C ASN B 1045 -0.82 -31.66 17.09
N LYS B 1046 -1.64 -32.33 17.89
CA LYS B 1046 -1.16 -33.01 19.09
C LYS B 1046 -1.03 -34.50 18.79
N PHE B 1047 0.16 -34.90 18.35
CA PHE B 1047 0.45 -36.30 18.06
C PHE B 1047 1.27 -36.91 19.20
N THR B 1048 1.26 -38.24 19.27
CA THR B 1048 2.02 -38.98 20.27
C THR B 1048 3.15 -39.80 19.65
N SER B 1049 2.84 -40.56 18.59
CA SER B 1049 3.83 -41.34 17.88
C SER B 1049 3.62 -41.19 16.38
N PHE B 1050 4.71 -41.32 15.63
CA PHE B 1050 4.64 -41.14 14.19
C PHE B 1050 3.79 -42.25 13.57
N PRO B 1051 2.93 -41.92 12.61
CA PRO B 1051 2.13 -42.99 11.97
C PRO B 1051 2.98 -44.01 11.25
N SER B 1052 3.89 -43.57 10.38
CA SER B 1052 4.80 -44.41 9.61
C SER B 1052 4.05 -45.18 8.54
N TYR B 1053 2.71 -45.10 8.55
CA TYR B 1053 1.92 -45.64 7.46
C TYR B 1053 1.48 -44.55 6.50
N LEU B 1054 1.52 -43.30 6.96
CA LEU B 1054 1.25 -42.17 6.07
C LEU B 1054 2.28 -42.09 4.96
N LEU B 1055 3.54 -42.39 5.29
CA LEU B 1055 4.58 -42.46 4.26
C LEU B 1055 4.29 -43.57 3.26
N LYS B 1056 3.39 -44.50 3.62
CA LYS B 1056 2.97 -45.55 2.71
C LYS B 1056 1.97 -45.01 1.68
N MET B 1057 1.84 -43.68 1.62
CA MET B 1057 0.99 -43.06 0.61
C MET B 1057 1.53 -43.32 -0.79
N SER B 1058 0.66 -43.16 -1.78
CA SER B 1058 1.04 -43.42 -3.17
C SER B 1058 2.22 -42.57 -3.60
N CYS B 1059 2.05 -41.25 -3.58
CA CYS B 1059 3.12 -40.30 -3.94
C CYS B 1059 2.90 -39.04 -3.12
N ILE B 1060 3.61 -38.94 -1.99
CA ILE B 1060 3.45 -37.84 -1.06
C ILE B 1060 4.76 -37.06 -0.96
N ALA B 1061 4.66 -35.74 -0.98
CA ALA B 1061 5.80 -34.86 -0.80
C ALA B 1061 5.43 -33.74 0.16
N ASN B 1062 6.46 -33.04 0.64
CA ASN B 1062 6.29 -31.91 1.55
C ASN B 1062 5.53 -32.30 2.82
N LEU B 1063 5.81 -33.48 3.36
CA LEU B 1063 5.18 -33.91 4.60
C LEU B 1063 5.68 -33.05 5.76
N ASP B 1064 4.79 -32.27 6.37
CA ASP B 1064 5.19 -31.33 7.40
C ASP B 1064 4.44 -31.64 8.68
N VAL B 1065 5.18 -32.01 9.72
CA VAL B 1065 4.67 -32.05 11.10
C VAL B 1065 5.63 -31.22 11.95
N SER B 1066 5.30 -29.95 12.14
CA SER B 1066 6.24 -29.01 12.72
C SER B 1066 6.10 -28.86 14.22
N ARG B 1067 4.95 -29.20 14.80
CA ARG B 1067 4.78 -29.13 16.24
C ARG B 1067 4.20 -30.39 16.85
N ASN B 1068 4.02 -31.46 16.08
CA ASN B 1068 3.55 -32.71 16.63
C ASN B 1068 4.57 -33.28 17.61
N ASP B 1069 4.07 -33.80 18.74
CA ASP B 1069 4.94 -34.30 19.80
C ASP B 1069 5.08 -35.82 19.70
N ILE B 1070 5.82 -36.25 18.67
CA ILE B 1070 6.12 -37.67 18.52
C ILE B 1070 7.03 -38.09 19.67
N GLY B 1071 6.91 -39.35 20.07
CA GLY B 1071 7.66 -39.89 21.18
C GLY B 1071 9.17 -39.86 20.98
N PRO B 1072 9.91 -40.43 21.94
CA PRO B 1072 11.38 -40.37 21.86
C PRO B 1072 11.95 -41.00 20.61
N SER B 1073 11.32 -42.05 20.11
CA SER B 1073 11.80 -42.77 18.92
C SER B 1073 10.82 -42.56 17.78
N VAL B 1074 11.36 -42.30 16.59
CA VAL B 1074 10.55 -42.02 15.41
C VAL B 1074 11.01 -42.91 14.26
N VAL B 1075 11.68 -44.03 14.60
CA VAL B 1075 12.19 -44.92 13.58
C VAL B 1075 11.06 -45.41 12.69
N LEU B 1076 11.12 -45.07 11.41
CA LEU B 1076 10.08 -45.43 10.47
C LEU B 1076 10.01 -46.93 10.28
N ASP B 1077 8.81 -47.43 10.02
CA ASP B 1077 8.65 -48.85 9.75
C ASP B 1077 9.39 -49.23 8.47
N PRO B 1078 10.06 -50.37 8.45
CA PRO B 1078 10.84 -50.75 7.27
C PRO B 1078 9.95 -51.26 6.13
N THR B 1079 10.61 -51.75 5.08
CA THR B 1079 9.96 -52.36 3.92
C THR B 1079 8.93 -51.44 3.29
N VAL B 1080 9.22 -50.15 3.20
CA VAL B 1080 8.39 -49.22 2.44
C VAL B 1080 9.30 -48.24 1.69
N LYS B 1081 9.50 -48.49 0.41
CA LYS B 1081 10.40 -47.68 -0.40
C LYS B 1081 9.63 -46.69 -1.27
N CYS B 1082 9.16 -45.59 -0.68
CA CYS B 1082 8.46 -44.58 -1.46
C CYS B 1082 9.40 -43.44 -1.80
N PRO B 1083 9.85 -43.32 -3.05
CA PRO B 1083 10.75 -42.23 -3.42
C PRO B 1083 10.02 -41.00 -3.91
N THR B 1084 9.26 -40.35 -3.03
CA THR B 1084 8.52 -39.15 -3.42
C THR B 1084 8.70 -37.97 -2.48
N LEU B 1085 8.98 -38.19 -1.20
CA LEU B 1085 9.11 -37.10 -0.24
C LEU B 1085 10.28 -36.20 -0.63
N LYS B 1086 10.03 -34.88 -0.61
CA LYS B 1086 11.06 -33.91 -0.96
C LYS B 1086 11.37 -33.10 0.29
N GLN B 1087 10.39 -32.48 0.93
CA GLN B 1087 10.65 -31.73 2.15
C GLN B 1087 10.01 -32.44 3.34
N PHE B 1088 10.79 -32.63 4.41
CA PHE B 1088 10.35 -33.40 5.57
C PHE B 1088 10.63 -32.55 6.82
N ASN B 1089 9.65 -31.73 7.19
CA ASN B 1089 9.80 -30.86 8.36
C ASN B 1089 9.41 -31.59 9.64
N LEU B 1090 10.17 -32.62 10.02
CA LEU B 1090 9.92 -33.32 11.28
C LEU B 1090 10.58 -32.54 12.40
N SER B 1091 9.90 -31.51 12.90
CA SER B 1091 10.54 -30.56 13.81
C SER B 1091 9.82 -30.50 15.15
N TYR B 1092 10.54 -30.01 16.16
CA TYR B 1092 9.99 -29.69 17.47
C TYR B 1092 9.32 -30.89 18.11
N ASN B 1093 10.12 -31.91 18.42
CA ASN B 1093 9.58 -33.17 18.90
C ASN B 1093 10.36 -33.59 20.14
N GLN B 1094 10.03 -34.79 20.65
CA GLN B 1094 10.72 -35.38 21.79
C GLN B 1094 11.84 -36.30 21.35
N LEU B 1095 12.43 -36.03 20.18
CA LEU B 1095 13.38 -36.95 19.57
C LEU B 1095 14.76 -36.78 20.18
N SER B 1096 15.05 -37.56 21.22
CA SER B 1096 16.40 -37.59 21.77
C SER B 1096 17.39 -38.10 20.73
N PHE B 1097 17.03 -39.14 20.00
CA PHE B 1097 17.87 -39.68 18.94
C PHE B 1097 17.49 -39.05 17.59
N VAL B 1098 18.00 -39.63 16.51
CA VAL B 1098 17.73 -39.12 15.16
C VAL B 1098 16.88 -40.14 14.42
N PRO B 1099 16.14 -39.70 13.39
CA PRO B 1099 15.33 -40.63 12.61
C PRO B 1099 16.20 -41.56 11.77
N GLU B 1100 16.80 -42.57 12.41
CA GLU B 1100 17.75 -43.47 11.74
C GLU B 1100 16.97 -44.50 10.92
N ASN B 1101 16.17 -43.98 9.98
CA ASN B 1101 15.44 -44.84 9.05
C ASN B 1101 15.57 -44.32 7.63
N LEU B 1102 15.96 -43.05 7.50
CA LEU B 1102 15.95 -42.36 6.21
C LEU B 1102 16.84 -43.02 5.17
N THR B 1103 18.06 -43.41 5.56
CA THR B 1103 19.02 -43.92 4.60
C THR B 1103 18.49 -45.16 3.89
N ASP B 1104 17.77 -46.02 4.63
CA ASP B 1104 17.25 -47.25 4.03
C ASP B 1104 16.04 -46.98 3.15
N VAL B 1105 15.19 -46.04 3.55
CA VAL B 1105 13.86 -45.90 2.94
C VAL B 1105 13.86 -44.82 1.86
N VAL B 1106 14.14 -43.57 2.25
CA VAL B 1106 13.94 -42.44 1.34
C VAL B 1106 15.17 -42.24 0.47
N GLU B 1107 14.95 -41.89 -0.79
CA GLU B 1107 16.03 -41.68 -1.75
C GLU B 1107 16.11 -40.24 -2.24
N LYS B 1108 15.13 -39.39 -1.91
CA LYS B 1108 15.17 -38.00 -2.36
C LYS B 1108 14.75 -37.04 -1.27
N LEU B 1109 15.14 -37.31 -0.02
CA LEU B 1109 14.83 -36.44 1.10
C LEU B 1109 15.71 -35.19 1.06
N GLU B 1110 15.33 -34.27 0.18
CA GLU B 1110 16.12 -33.06 -0.04
C GLU B 1110 16.22 -32.22 1.23
N GLN B 1111 15.08 -31.74 1.72
CA GLN B 1111 15.06 -30.84 2.88
C GLN B 1111 14.71 -31.62 4.16
N LEU B 1112 15.62 -32.51 4.56
CA LEU B 1112 15.46 -33.23 5.81
C LEU B 1112 15.82 -32.31 6.97
N ILE B 1113 14.82 -31.81 7.67
CA ILE B 1113 15.00 -30.81 8.72
C ILE B 1113 14.65 -31.42 10.07
N LEU B 1114 15.53 -31.19 11.04
CA LEU B 1114 15.27 -31.59 12.42
C LEU B 1114 15.41 -30.41 13.38
N GLU B 1115 15.07 -29.20 12.94
CA GLU B 1115 15.34 -28.01 13.72
C GLU B 1115 14.56 -28.03 15.04
N GLY B 1116 15.25 -27.70 16.13
CA GLY B 1116 14.63 -27.54 17.42
C GLY B 1116 14.22 -28.83 18.12
N ASN B 1117 14.69 -29.99 17.65
CA ASN B 1117 14.35 -31.24 18.29
C ASN B 1117 15.11 -31.39 19.60
N LYS B 1118 14.95 -32.55 20.23
CA LYS B 1118 15.67 -32.89 21.45
C LYS B 1118 16.89 -33.75 21.16
N ILE B 1119 17.48 -33.61 19.98
CA ILE B 1119 18.60 -34.44 19.55
C ILE B 1119 19.77 -34.24 20.51
N SER B 1120 20.15 -35.30 21.22
CA SER B 1120 21.19 -35.22 22.24
C SER B 1120 22.45 -35.99 21.87
N GLY B 1121 22.32 -37.26 21.51
CA GLY B 1121 23.48 -38.08 21.24
C GLY B 1121 24.13 -37.76 19.90
N ILE B 1122 25.28 -38.40 19.69
CA ILE B 1122 26.02 -38.23 18.44
C ILE B 1122 25.28 -38.95 17.32
N CYS B 1123 25.06 -38.26 16.22
CA CYS B 1123 24.22 -38.79 15.15
C CYS B 1123 24.90 -39.95 14.42
N SER B 1124 24.08 -40.73 13.74
CA SER B 1124 24.56 -41.87 12.96
C SER B 1124 25.35 -41.38 11.74
N PRO B 1125 26.20 -42.24 11.16
CA PRO B 1125 26.94 -41.86 9.96
C PRO B 1125 26.09 -41.29 8.83
N LEU B 1126 24.77 -41.53 8.86
CA LEU B 1126 23.82 -40.86 7.97
C LEU B 1126 24.17 -41.12 6.49
N ARG B 1127 23.99 -42.38 6.11
CA ARG B 1127 24.41 -42.87 4.79
C ARG B 1127 23.51 -42.42 3.64
N LEU B 1128 22.63 -41.43 3.84
CA LEU B 1128 21.82 -40.92 2.76
C LEU B 1128 22.71 -40.34 1.65
N LYS B 1129 22.27 -40.51 0.41
CA LYS B 1129 23.06 -40.10 -0.75
C LYS B 1129 22.38 -39.00 -1.57
N GLU B 1130 21.37 -38.32 -1.02
CA GLU B 1130 20.68 -37.26 -1.75
C GLU B 1130 20.35 -36.06 -0.88
N LEU B 1131 20.79 -36.03 0.38
CA LEU B 1131 20.46 -34.93 1.26
C LEU B 1131 21.04 -33.62 0.72
N LYS B 1132 20.16 -32.65 0.45
CA LYS B 1132 20.56 -31.35 -0.06
C LYS B 1132 20.63 -30.28 1.02
N ILE B 1133 19.56 -30.11 1.80
CA ILE B 1133 19.50 -29.11 2.85
C ILE B 1133 19.08 -29.79 4.14
N LEU B 1134 19.88 -29.64 5.19
CA LEU B 1134 19.53 -30.16 6.50
C LEU B 1134 19.85 -29.12 7.56
N ASN B 1135 19.04 -29.09 8.62
CA ASN B 1135 19.23 -28.18 9.73
C ASN B 1135 19.17 -28.94 11.03
N LEU B 1136 20.06 -28.58 11.96
CA LEU B 1136 20.03 -29.18 13.29
C LEU B 1136 20.05 -28.11 14.38
N SER B 1137 19.45 -26.95 14.13
CA SER B 1137 19.50 -25.85 15.09
C SER B 1137 18.69 -26.19 16.34
N LYS B 1138 19.06 -25.54 17.45
CA LYS B 1138 18.43 -25.65 18.76
C LYS B 1138 18.47 -27.05 19.34
N ASN B 1139 19.24 -27.97 18.75
CA ASN B 1139 19.41 -29.29 19.34
C ASN B 1139 20.46 -29.23 20.45
N HIS B 1140 20.71 -30.36 21.07
CA HIS B 1140 21.73 -30.49 22.12
C HIS B 1140 22.81 -31.40 21.56
N ILE B 1141 23.75 -30.83 20.82
CA ILE B 1141 24.79 -31.58 20.14
C ILE B 1141 26.14 -31.15 20.71
N SER B 1142 26.93 -32.11 21.15
CA SER B 1142 28.28 -31.86 21.62
C SER B 1142 29.30 -31.89 20.48
N SER B 1143 29.19 -32.88 19.60
CA SER B 1143 30.10 -33.01 18.47
C SER B 1143 29.45 -33.94 17.45
N LEU B 1144 30.15 -34.16 16.34
CA LEU B 1144 29.70 -35.05 15.29
C LEU B 1144 30.84 -36.00 14.91
N SER B 1145 30.49 -37.22 14.53
CA SER B 1145 31.50 -38.19 14.14
C SER B 1145 32.09 -37.84 12.78
N GLU B 1146 33.29 -38.36 12.52
CA GLU B 1146 33.98 -38.06 11.26
C GLU B 1146 33.16 -38.53 10.07
N ASN B 1147 32.46 -39.65 10.20
CA ASN B 1147 31.63 -40.19 9.13
C ASN B 1147 30.18 -39.75 9.23
N PHE B 1148 29.85 -38.85 10.17
CA PHE B 1148 28.46 -38.43 10.34
C PHE B 1148 27.94 -37.73 9.09
N LEU B 1149 28.75 -36.87 8.48
CA LEU B 1149 28.34 -36.14 7.29
C LEU B 1149 29.10 -36.56 6.05
N GLU B 1150 30.10 -37.44 6.17
CA GLU B 1150 30.88 -37.84 5.00
C GLU B 1150 30.22 -39.00 4.28
N ALA B 1151 28.93 -38.88 4.01
CA ALA B 1151 28.21 -39.84 3.18
C ALA B 1151 27.38 -39.16 2.10
N CYS B 1152 26.80 -38.00 2.39
CA CYS B 1152 25.97 -37.30 1.41
C CYS B 1152 26.86 -36.52 0.46
N PRO B 1153 26.78 -36.74 -0.85
CA PRO B 1153 27.62 -36.00 -1.79
C PRO B 1153 27.05 -34.65 -2.22
N LYS B 1154 25.88 -34.26 -1.70
CA LYS B 1154 25.26 -33.02 -2.16
C LYS B 1154 24.69 -32.21 -1.00
N VAL B 1155 25.26 -32.34 0.20
CA VAL B 1155 24.87 -31.50 1.32
C VAL B 1155 25.42 -30.11 1.04
N GLU B 1156 24.53 -29.13 0.84
CA GLU B 1156 24.93 -27.80 0.46
C GLU B 1156 24.49 -26.73 1.46
N SER B 1157 23.69 -27.10 2.46
CA SER B 1157 23.15 -26.10 3.37
C SER B 1157 23.18 -26.58 4.83
N PHE B 1158 24.26 -27.26 5.23
CA PHE B 1158 24.39 -27.69 6.61
C PHE B 1158 24.37 -26.49 7.55
N SER B 1159 23.64 -26.62 8.66
CA SER B 1159 23.54 -25.54 9.64
C SER B 1159 23.03 -26.07 10.97
N ALA B 1160 23.70 -25.67 12.07
CA ALA B 1160 23.30 -26.06 13.42
C ALA B 1160 23.47 -24.84 14.32
N ARG B 1161 22.40 -24.07 14.48
CA ARG B 1161 22.45 -22.87 15.30
C ARG B 1161 22.14 -23.21 16.77
N MET B 1162 22.83 -22.52 17.67
CA MET B 1162 22.64 -22.68 19.11
C MET B 1162 22.87 -24.12 19.55
N ASN B 1163 24.10 -24.57 19.38
CA ASN B 1163 24.50 -25.91 19.78
C ASN B 1163 25.85 -25.84 20.48
N PHE B 1164 26.12 -26.84 21.33
CA PHE B 1164 27.39 -26.91 22.06
C PHE B 1164 28.41 -27.62 21.17
N LEU B 1165 28.74 -26.97 20.05
CA LEU B 1165 29.62 -27.55 19.04
C LEU B 1165 31.02 -26.96 19.17
N ALA B 1166 32.02 -27.84 19.15
CA ALA B 1166 33.42 -27.43 19.20
C ALA B 1166 34.25 -27.92 18.03
N ALA B 1167 33.84 -28.98 17.34
CA ALA B 1167 34.58 -29.50 16.20
C ALA B 1167 33.62 -29.80 15.07
N MET B 1168 34.12 -29.72 13.84
CA MET B 1168 33.29 -29.83 12.65
C MET B 1168 33.91 -30.84 11.70
N PRO B 1169 33.41 -32.07 11.65
CA PRO B 1169 34.13 -33.17 10.98
C PRO B 1169 33.92 -33.31 9.48
N PHE B 1170 34.69 -32.58 8.67
CA PHE B 1170 34.87 -32.89 7.25
C PHE B 1170 33.54 -32.82 6.48
N LEU B 1171 33.03 -31.60 6.38
CA LEU B 1171 31.90 -31.34 5.50
C LEU B 1171 32.29 -31.62 4.06
N PRO B 1172 31.43 -32.28 3.28
CA PRO B 1172 31.77 -32.55 1.87
C PRO B 1172 31.93 -31.28 1.08
N PRO B 1173 32.73 -31.31 0.01
CA PRO B 1173 33.02 -30.07 -0.72
C PRO B 1173 31.81 -29.45 -1.42
N SER B 1174 30.73 -30.20 -1.60
CA SER B 1174 29.57 -29.67 -2.31
C SER B 1174 28.87 -28.56 -1.55
N MET B 1175 29.20 -28.36 -0.28
CA MET B 1175 28.51 -27.36 0.54
C MET B 1175 28.85 -25.96 0.06
N THR B 1176 27.85 -25.08 0.13
CA THR B 1176 28.03 -23.68 -0.27
C THR B 1176 27.65 -22.70 0.83
N ILE B 1177 26.61 -23.00 1.62
CA ILE B 1177 26.18 -22.14 2.71
C ILE B 1177 26.25 -22.93 4.01
N LEU B 1178 26.86 -22.34 5.03
CA LEU B 1178 27.03 -23.00 6.33
C LEU B 1178 26.71 -21.98 7.42
N LYS B 1179 25.78 -22.33 8.30
CA LYS B 1179 25.39 -21.48 9.41
C LYS B 1179 25.72 -22.19 10.72
N LEU B 1180 26.76 -21.73 11.40
CA LEU B 1180 27.21 -22.34 12.65
C LEU B 1180 27.43 -21.28 13.71
N SER B 1181 26.48 -20.37 13.85
CA SER B 1181 26.58 -19.32 14.87
C SER B 1181 26.13 -19.85 16.23
N GLN B 1182 26.53 -19.11 17.27
CA GLN B 1182 26.12 -19.38 18.65
C GLN B 1182 26.51 -20.81 19.07
N ASN B 1183 27.80 -21.08 19.01
CA ASN B 1183 28.32 -22.39 19.39
C ASN B 1183 29.61 -22.19 20.19
N LYS B 1184 30.01 -23.26 20.87
CA LYS B 1184 31.22 -23.24 21.71
C LYS B 1184 32.45 -23.50 20.85
N PHE B 1185 32.70 -22.56 19.94
CA PHE B 1185 33.87 -22.61 19.07
C PHE B 1185 34.99 -21.76 19.66
N SER B 1186 36.17 -22.35 19.77
CA SER B 1186 37.37 -21.65 20.23
C SER B 1186 38.25 -21.20 19.07
N CYS B 1187 38.23 -21.92 17.96
CA CYS B 1187 38.91 -21.52 16.75
C CYS B 1187 38.18 -22.12 15.56
N ILE B 1188 38.34 -21.48 14.40
CA ILE B 1188 37.64 -21.99 13.20
C ILE B 1188 38.20 -23.37 12.87
N PRO B 1189 37.38 -24.41 12.81
CA PRO B 1189 37.90 -25.74 12.47
C PRO B 1189 38.49 -25.77 11.07
N GLU B 1190 39.57 -26.53 10.91
CA GLU B 1190 40.31 -26.51 9.66
C GLU B 1190 39.47 -27.00 8.49
N ALA B 1191 38.52 -27.91 8.74
CA ALA B 1191 37.68 -28.41 7.67
C ALA B 1191 36.91 -27.29 6.98
N ILE B 1192 36.51 -26.27 7.74
CA ILE B 1192 35.84 -25.12 7.15
C ILE B 1192 36.79 -24.35 6.24
N LEU B 1193 38.06 -24.25 6.63
CA LEU B 1193 39.02 -23.59 5.76
C LEU B 1193 39.31 -24.38 4.50
N ASN B 1194 38.92 -25.66 4.43
CA ASN B 1194 39.32 -26.50 3.32
C ASN B 1194 38.25 -26.74 2.27
N LEU B 1195 36.99 -26.40 2.50
CA LEU B 1195 36.00 -26.65 1.45
C LEU B 1195 36.18 -25.62 0.35
N PRO B 1196 36.10 -26.02 -0.93
CA PRO B 1196 36.47 -25.10 -2.01
C PRO B 1196 35.44 -24.02 -2.30
N HIS B 1197 34.15 -24.26 -2.03
CA HIS B 1197 33.10 -23.42 -2.57
C HIS B 1197 32.22 -22.84 -1.47
N LEU B 1198 32.82 -22.31 -0.40
CA LEU B 1198 32.05 -21.63 0.63
C LEU B 1198 31.51 -20.31 0.08
N ARG B 1199 30.23 -20.02 0.38
CA ARG B 1199 29.60 -18.80 -0.06
C ARG B 1199 29.26 -17.87 1.09
N SER B 1200 28.49 -18.34 2.07
CA SER B 1200 28.07 -17.50 3.19
C SER B 1200 28.36 -18.25 4.49
N LEU B 1201 29.07 -17.60 5.41
CA LEU B 1201 29.40 -18.16 6.70
C LEU B 1201 29.13 -17.13 7.78
N ASP B 1202 28.32 -17.51 8.77
CA ASP B 1202 28.03 -16.65 9.92
C ASP B 1202 28.34 -17.43 11.19
N MET B 1203 29.40 -17.04 11.87
CA MET B 1203 29.86 -17.67 13.09
C MET B 1203 29.74 -16.72 14.27
N SER B 1204 28.61 -16.02 14.34
CA SER B 1204 28.39 -15.05 15.40
C SER B 1204 28.11 -15.76 16.73
N SER B 1205 28.17 -14.98 17.81
CA SER B 1205 27.98 -15.49 19.17
C SER B 1205 28.95 -16.64 19.46
N ASN B 1206 30.20 -16.47 19.04
CA ASN B 1206 31.25 -17.45 19.26
C ASN B 1206 32.43 -16.76 19.95
N ASP B 1207 33.22 -17.56 20.67
CA ASP B 1207 34.38 -17.07 21.41
C ASP B 1207 35.65 -17.65 20.78
N ILE B 1208 36.14 -17.00 19.74
CA ILE B 1208 37.40 -17.36 19.10
C ILE B 1208 38.30 -16.14 19.13
N GLN B 1209 39.60 -16.39 18.95
CA GLN B 1209 40.61 -15.35 19.09
C GLN B 1209 41.13 -14.83 17.77
N TYR B 1210 41.63 -15.70 16.90
CA TYR B 1210 42.27 -15.30 15.66
C TYR B 1210 41.53 -15.93 14.49
N LEU B 1211 41.02 -15.09 13.58
CA LEU B 1211 40.41 -15.59 12.36
C LEU B 1211 41.49 -15.78 11.29
N PRO B 1212 41.53 -16.92 10.61
CA PRO B 1212 42.60 -17.15 9.63
C PRO B 1212 42.51 -16.17 8.47
N GLY B 1213 43.68 -15.89 7.87
CA GLY B 1213 43.76 -15.05 6.72
C GLY B 1213 43.23 -15.74 5.47
N PRO B 1214 42.89 -14.96 4.45
CA PRO B 1214 42.34 -15.55 3.22
C PRO B 1214 43.28 -16.52 2.53
N ALA B 1215 44.59 -16.38 2.74
CA ALA B 1215 45.54 -17.35 2.20
C ALA B 1215 45.26 -18.78 2.67
N HIS B 1216 44.39 -18.95 3.66
CA HIS B 1216 43.98 -20.26 4.12
C HIS B 1216 42.54 -20.61 3.75
N TRP B 1217 41.73 -19.62 3.35
CA TRP B 1217 40.33 -19.90 3.03
C TRP B 1217 40.21 -20.78 1.79
N LYS B 1218 41.02 -20.52 0.77
CA LYS B 1218 41.05 -21.23 -0.51
C LYS B 1218 39.76 -21.05 -1.31
N SER B 1219 38.84 -20.20 -0.88
CA SER B 1219 37.58 -19.97 -1.57
C SER B 1219 37.51 -18.52 -2.01
N LEU B 1220 37.27 -18.31 -3.31
CA LEU B 1220 37.18 -16.98 -3.88
C LEU B 1220 35.75 -16.51 -4.07
N ASN B 1221 34.77 -17.29 -3.60
CA ASN B 1221 33.37 -16.97 -3.80
C ASN B 1221 32.65 -16.60 -2.50
N LEU B 1222 33.38 -16.11 -1.50
CA LEU B 1222 32.76 -15.68 -0.27
C LEU B 1222 31.79 -14.53 -0.54
N ARG B 1223 30.59 -14.62 0.02
CA ARG B 1223 29.56 -13.62 -0.19
C ARG B 1223 29.22 -12.84 1.07
N GLU B 1224 28.84 -13.52 2.14
CA GLU B 1224 28.52 -12.88 3.41
C GLU B 1224 29.29 -13.56 4.52
N LEU B 1225 29.82 -12.75 5.44
CA LEU B 1225 30.60 -13.28 6.56
C LEU B 1225 30.25 -12.47 7.80
N LEU B 1226 29.52 -13.09 8.72
CA LEU B 1226 29.12 -12.46 9.96
C LEU B 1226 29.94 -13.04 11.12
N PHE B 1227 30.56 -12.16 11.90
CA PHE B 1227 31.37 -12.58 13.03
C PHE B 1227 31.10 -11.73 14.26
N SER B 1228 29.85 -11.33 14.45
CA SER B 1228 29.48 -10.50 15.58
C SER B 1228 29.49 -11.31 16.88
N HIS B 1229 29.45 -10.60 18.00
CA HIS B 1229 29.49 -11.21 19.33
C HIS B 1229 30.69 -12.15 19.47
N ASN B 1230 31.88 -11.57 19.35
CA ASN B 1230 33.11 -12.34 19.32
C ASN B 1230 34.24 -11.46 19.84
N GLN B 1231 35.37 -12.10 20.17
CA GLN B 1231 36.54 -11.42 20.69
C GLN B 1231 37.65 -11.51 19.65
N ILE B 1232 37.64 -10.58 18.71
CA ILE B 1232 38.64 -10.51 17.64
C ILE B 1232 39.36 -9.18 17.76
N SER B 1233 40.69 -9.23 17.78
CA SER B 1233 41.51 -8.04 17.90
C SER B 1233 42.33 -7.72 16.66
N ILE B 1234 42.63 -8.70 15.83
CA ILE B 1234 43.44 -8.51 14.64
C ILE B 1234 42.63 -8.91 13.41
N LEU B 1235 42.83 -8.18 12.33
CA LEU B 1235 42.17 -8.42 11.05
C LEU B 1235 43.22 -8.52 9.94
N ASP B 1236 44.23 -9.35 10.18
CA ASP B 1236 45.34 -9.50 9.26
C ASP B 1236 44.87 -9.95 7.89
N LEU B 1237 45.07 -9.09 6.90
CA LEU B 1237 44.68 -9.38 5.52
C LEU B 1237 45.75 -9.02 4.50
N SER B 1238 46.83 -8.34 4.89
CA SER B 1238 47.87 -7.96 3.94
C SER B 1238 48.59 -9.17 3.36
N GLU B 1239 48.42 -10.36 3.94
CA GLU B 1239 49.06 -11.55 3.41
C GLU B 1239 48.60 -11.84 1.99
N LYS B 1240 47.29 -12.05 1.81
CA LYS B 1240 46.73 -12.32 0.48
C LYS B 1240 45.31 -11.74 0.46
N ALA B 1241 45.19 -10.52 -0.08
CA ALA B 1241 43.90 -9.85 -0.15
C ALA B 1241 43.20 -10.07 -1.48
N TYR B 1242 43.96 -10.32 -2.55
CA TYR B 1242 43.34 -10.52 -3.87
C TYR B 1242 42.40 -11.72 -3.87
N LEU B 1243 42.63 -12.68 -2.96
CA LEU B 1243 41.71 -13.81 -2.84
C LEU B 1243 40.32 -13.35 -2.41
N TRP B 1244 40.26 -12.39 -1.49
CA TRP B 1244 38.97 -11.84 -1.04
C TRP B 1244 38.59 -10.71 -1.98
N SER B 1245 37.66 -10.98 -2.89
CA SER B 1245 37.19 -9.96 -3.81
C SER B 1245 35.66 -9.90 -3.84
N ARG B 1246 35.01 -11.04 -3.61
CA ARG B 1246 33.57 -11.14 -3.73
C ARG B 1246 32.83 -10.94 -2.41
N VAL B 1247 33.54 -10.71 -1.30
CA VAL B 1247 32.89 -10.53 -0.02
C VAL B 1247 31.98 -9.31 -0.07
N GLU B 1248 30.74 -9.46 0.37
CA GLU B 1248 29.75 -8.40 0.26
C GLU B 1248 29.36 -7.82 1.61
N LYS B 1249 28.92 -8.64 2.55
CA LYS B 1249 28.46 -8.15 3.86
C LYS B 1249 29.33 -8.77 4.94
N LEU B 1250 30.24 -7.98 5.50
CA LEU B 1250 31.13 -8.42 6.56
C LEU B 1250 30.71 -7.76 7.87
N HIS B 1251 30.46 -8.58 8.89
CA HIS B 1251 29.93 -8.10 10.16
C HIS B 1251 30.92 -8.40 11.28
N LEU B 1252 31.28 -7.37 12.04
CA LEU B 1252 32.18 -7.51 13.18
C LEU B 1252 31.71 -6.71 14.38
N SER B 1253 30.39 -6.55 14.52
CA SER B 1253 29.86 -5.76 15.62
C SER B 1253 30.13 -6.44 16.96
N HIS B 1254 30.25 -5.63 18.01
CA HIS B 1254 30.52 -6.10 19.37
C HIS B 1254 31.81 -6.92 19.42
N ASN B 1255 32.88 -6.33 18.89
CA ASN B 1255 34.19 -6.97 18.87
C ASN B 1255 35.24 -5.97 19.32
N LYS B 1256 36.28 -6.48 19.98
CA LYS B 1256 37.34 -5.63 20.53
C LYS B 1256 38.48 -5.57 19.52
N LEU B 1257 38.23 -4.87 18.42
CA LEU B 1257 39.24 -4.65 17.39
C LEU B 1257 40.24 -3.59 17.84
N LYS B 1258 41.35 -3.52 17.11
CA LYS B 1258 42.40 -2.55 17.38
C LYS B 1258 42.47 -1.49 16.28
N GLU B 1259 42.60 -1.90 15.03
CA GLU B 1259 42.66 -0.97 13.91
C GLU B 1259 42.24 -1.70 12.64
N ILE B 1260 41.85 -0.91 11.64
CA ILE B 1260 41.43 -1.44 10.34
C ILE B 1260 42.60 -1.29 9.38
N PRO B 1261 43.17 -2.39 8.88
CA PRO B 1261 44.27 -2.29 7.91
C PRO B 1261 43.76 -1.84 6.57
N PRO B 1262 44.40 -0.85 5.94
CA PRO B 1262 43.96 -0.39 4.61
C PRO B 1262 44.00 -1.50 3.56
N GLU B 1263 44.65 -2.62 3.86
CA GLU B 1263 44.62 -3.77 2.96
C GLU B 1263 43.21 -4.28 2.72
N ILE B 1264 42.27 -4.07 3.66
CA ILE B 1264 40.91 -4.52 3.41
C ILE B 1264 40.26 -3.68 2.33
N GLY B 1265 40.84 -2.52 2.03
CA GLY B 1265 40.42 -1.74 0.87
C GLY B 1265 40.62 -2.48 -0.43
N CYS B 1266 41.48 -3.50 -0.45
CA CYS B 1266 41.60 -4.35 -1.62
C CYS B 1266 40.30 -5.08 -1.91
N LEU B 1267 39.50 -5.32 -0.87
CA LEU B 1267 38.14 -5.83 -1.06
C LEU B 1267 37.36 -4.88 -1.95
N GLU B 1268 36.61 -5.43 -2.90
CA GLU B 1268 35.89 -4.62 -3.88
C GLU B 1268 34.37 -4.73 -3.75
N ASN B 1269 33.84 -5.94 -3.71
CA ASN B 1269 32.40 -6.16 -3.69
C ASN B 1269 31.77 -5.92 -2.33
N LEU B 1270 32.48 -5.33 -1.38
CA LEU B 1270 31.93 -5.16 -0.04
C LEU B 1270 30.74 -4.22 -0.06
N THR B 1271 29.72 -4.55 0.74
CA THR B 1271 28.46 -3.83 0.74
C THR B 1271 28.08 -3.30 2.12
N SER B 1272 28.39 -4.03 3.18
CA SER B 1272 28.07 -3.62 4.54
C SER B 1272 29.18 -4.04 5.48
N LEU B 1273 29.94 -3.07 5.98
CA LEU B 1273 30.96 -3.30 7.00
C LEU B 1273 30.41 -2.94 8.36
N ASP B 1274 30.12 -3.95 9.17
CA ASP B 1274 29.64 -3.75 10.54
C ASP B 1274 30.85 -3.72 11.47
N VAL B 1275 31.22 -2.52 11.91
CA VAL B 1275 32.35 -2.32 12.80
C VAL B 1275 31.95 -1.59 14.08
N SER B 1276 30.65 -1.41 14.30
CA SER B 1276 30.16 -0.66 15.45
C SER B 1276 30.46 -1.42 16.74
N TYR B 1277 30.35 -0.70 17.85
CA TYR B 1277 30.55 -1.18 19.22
C TYR B 1277 32.00 -1.59 19.48
N ASN B 1278 32.93 -1.28 18.58
CA ASN B 1278 34.34 -1.60 18.83
C ASN B 1278 34.87 -0.77 20.00
N LEU B 1279 34.56 0.52 20.03
CA LEU B 1279 34.98 1.44 21.09
C LEU B 1279 36.50 1.52 21.25
N GLU B 1280 37.24 1.04 20.25
CA GLU B 1280 38.69 0.96 20.38
C GLU B 1280 39.44 1.39 19.12
N LEU B 1281 38.75 1.73 18.03
CA LEU B 1281 39.43 2.06 16.79
C LEU B 1281 39.65 3.57 16.66
N ARG B 1282 38.55 4.34 16.64
CA ARG B 1282 38.58 5.79 16.55
C ARG B 1282 39.32 6.31 15.32
N SER B 1283 39.37 5.54 14.24
CA SER B 1283 40.08 5.95 13.03
C SER B 1283 39.45 5.30 11.82
N PHE B 1284 39.77 5.84 10.65
CA PHE B 1284 39.27 5.28 9.39
C PHE B 1284 40.32 5.42 8.30
N PRO B 1285 40.84 4.31 7.77
CA PRO B 1285 41.83 4.40 6.70
C PRO B 1285 41.20 4.96 5.41
N ASN B 1286 41.93 5.87 4.78
CA ASN B 1286 41.42 6.55 3.60
C ASN B 1286 41.10 5.59 2.46
N GLU B 1287 41.75 4.41 2.44
CA GLU B 1287 41.48 3.44 1.41
C GLU B 1287 40.02 2.97 1.43
N MET B 1288 39.31 3.19 2.53
CA MET B 1288 37.90 2.84 2.58
C MET B 1288 37.12 3.57 1.50
N GLY B 1289 37.62 4.72 1.05
CA GLY B 1289 36.95 5.44 -0.02
C GLY B 1289 36.84 4.63 -1.29
N LYS B 1290 37.75 3.68 -1.49
CA LYS B 1290 37.69 2.83 -2.68
C LYS B 1290 36.46 1.94 -2.69
N LEU B 1291 35.78 1.79 -1.56
CA LEU B 1291 34.62 0.91 -1.45
C LEU B 1291 33.34 1.71 -1.66
N SER B 1292 33.08 2.03 -2.93
CA SER B 1292 31.89 2.81 -3.28
C SER B 1292 30.62 1.97 -3.25
N LYS B 1293 30.73 0.65 -3.29
CA LYS B 1293 29.56 -0.21 -3.34
C LYS B 1293 28.81 -0.28 -2.01
N ILE B 1294 29.37 0.25 -0.93
CA ILE B 1294 28.74 0.18 0.39
C ILE B 1294 27.65 1.23 0.47
N TRP B 1295 26.44 0.81 0.88
CA TRP B 1295 25.32 1.73 1.03
C TRP B 1295 24.83 1.84 2.47
N ASP B 1296 25.54 1.25 3.42
CA ASP B 1296 25.15 1.34 4.82
C ASP B 1296 26.39 1.23 5.70
N LEU B 1297 26.34 1.92 6.83
CA LEU B 1297 27.46 1.84 7.76
C LEU B 1297 26.93 2.00 9.19
N PRO B 1298 27.17 1.01 10.05
CA PRO B 1298 26.44 0.90 11.32
C PRO B 1298 26.97 1.76 12.46
N LEU B 1299 27.69 2.86 12.19
CA LEU B 1299 28.50 3.51 13.21
C LEU B 1299 27.59 4.00 14.33
N ASP B 1300 27.60 3.23 15.44
CA ASP B 1300 26.83 3.59 16.63
C ASP B 1300 27.73 3.29 17.83
N GLU B 1301 27.97 4.31 18.65
CA GLU B 1301 28.84 4.22 19.82
C GLU B 1301 30.29 3.97 19.43
N LEU B 1302 30.56 3.92 18.12
CA LEU B 1302 31.91 3.77 17.61
C LEU B 1302 32.28 4.99 16.78
N HIS B 1303 33.40 5.60 17.11
CA HIS B 1303 33.82 6.83 16.44
C HIS B 1303 35.33 6.84 16.21
N LYS B 1314 25.66 9.16 6.11
CA LYS B 1314 26.29 7.85 6.01
C LYS B 1314 26.37 7.39 4.57
N ALA B 1315 26.77 6.13 4.39
CA ALA B 1315 26.79 5.46 3.08
C ALA B 1315 27.70 6.23 2.14
N LYS B 1316 27.19 6.83 1.06
CA LYS B 1316 28.06 7.43 0.05
C LYS B 1316 28.76 8.67 0.58
N ASP B 1317 28.16 9.36 1.55
CA ASP B 1317 28.76 10.60 2.05
C ASP B 1317 30.10 10.33 2.72
N ILE B 1318 30.14 9.39 3.67
CA ILE B 1318 31.38 9.10 4.39
C ILE B 1318 32.44 8.55 3.44
N ILE B 1319 32.03 7.66 2.54
CA ILE B 1319 32.99 7.06 1.61
C ILE B 1319 33.56 8.10 0.65
N ARG B 1320 32.71 9.02 0.17
CA ARG B 1320 33.19 10.08 -0.70
C ARG B 1320 34.12 11.02 0.05
N PHE B 1321 33.82 11.31 1.33
CA PHE B 1321 34.71 12.12 2.13
C PHE B 1321 36.07 11.43 2.29
N LEU B 1322 36.07 10.12 2.53
CA LEU B 1322 37.31 9.39 2.63
C LEU B 1322 38.07 9.38 1.31
N GLN B 1323 37.35 9.28 0.19
CA GLN B 1323 38.00 9.37 -1.11
C GLN B 1323 38.67 10.72 -1.32
N GLN B 1324 37.97 11.80 -0.95
CA GLN B 1324 38.56 13.13 -1.08
C GLN B 1324 39.80 13.27 -0.20
N ARG B 1325 39.73 12.77 1.04
CA ARG B 1325 40.89 12.85 1.92
C ARG B 1325 42.05 12.03 1.38
N LEU B 1326 41.77 10.85 0.82
CA LEU B 1326 42.82 10.04 0.21
C LEU B 1326 43.45 10.74 -0.98
N LYS B 1327 42.62 11.39 -1.81
CA LYS B 1327 43.14 12.11 -2.96
C LYS B 1327 44.03 13.26 -2.51
N LYS B 1328 43.62 13.99 -1.47
CA LYS B 1328 44.45 15.05 -0.93
C LYS B 1328 44.00 15.32 0.49
N ALA B 1329 44.91 15.15 1.46
CA ALA B 1329 44.64 15.41 2.86
C ALA B 1329 45.57 16.49 3.37
N VAL B 1330 45.01 17.53 3.99
CA VAL B 1330 45.81 18.61 4.56
C VAL B 1330 45.35 18.82 6.01
N PRO B 1331 46.23 19.26 6.90
CA PRO B 1331 45.79 19.55 8.26
C PRO B 1331 44.76 20.67 8.29
N TYR B 1332 43.79 20.54 9.18
CA TYR B 1332 42.76 21.55 9.36
C TYR B 1332 43.14 22.47 10.51
N ASN B 1333 43.24 23.77 10.23
CA ASN B 1333 43.64 24.76 11.22
C ASN B 1333 42.57 25.85 11.25
N ARG B 1334 41.51 25.61 12.01
CA ARG B 1334 40.46 26.61 12.22
C ARG B 1334 39.65 26.21 13.43
N MET B 1335 39.55 27.10 14.42
CA MET B 1335 38.86 26.81 15.66
C MET B 1335 37.97 27.99 16.02
N LYS B 1336 37.02 27.74 16.92
CA LYS B 1336 36.05 28.74 17.34
C LYS B 1336 36.31 29.15 18.79
N LEU B 1337 36.40 30.45 19.02
CA LEU B 1337 36.66 31.03 20.34
C LEU B 1337 35.54 32.00 20.66
N MET B 1338 34.53 31.54 21.40
CA MET B 1338 33.36 32.35 21.69
C MET B 1338 33.55 33.07 23.02
N ILE B 1339 33.80 34.37 22.97
CA ILE B 1339 33.88 35.17 24.19
C ILE B 1339 32.47 35.43 24.72
N VAL B 1340 32.35 35.43 26.05
CA VAL B 1340 31.06 35.53 26.72
C VAL B 1340 31.14 36.59 27.80
N GLY B 1341 30.07 37.40 27.89
CA GLY B 1341 30.02 38.46 28.89
C GLY B 1341 28.74 38.49 29.69
N ASN B 1342 28.48 39.61 30.36
CA ASN B 1342 27.33 39.73 31.25
C ASN B 1342 26.91 41.20 31.34
N THR B 1343 25.76 41.52 30.73
CA THR B 1343 25.11 42.82 30.87
C THR B 1343 26.02 44.00 30.52
N GLY B 1344 27.08 43.76 29.78
CA GLY B 1344 27.96 44.84 29.39
C GLY B 1344 29.15 44.98 30.33
N SER B 1345 30.32 44.58 29.84
CA SER B 1345 31.56 44.64 30.62
C SER B 1345 32.72 44.70 29.64
N GLY B 1346 33.92 44.41 30.11
CA GLY B 1346 35.08 44.46 29.25
C GLY B 1346 35.14 43.34 28.25
N LYS B 1347 34.23 43.35 27.28
CA LYS B 1347 34.18 42.32 26.25
C LYS B 1347 34.93 42.73 24.99
N THR B 1348 34.50 43.82 24.35
CA THR B 1348 35.21 44.30 23.17
C THR B 1348 36.59 44.82 23.52
N THR B 1349 36.72 45.43 24.70
CA THR B 1349 38.02 45.96 25.11
C THR B 1349 39.04 44.84 25.25
N LEU B 1350 38.63 43.70 25.81
CA LEU B 1350 39.54 42.56 25.90
C LEU B 1350 39.94 42.06 24.52
N LEU B 1351 38.98 42.00 23.59
CA LEU B 1351 39.29 41.57 22.24
C LEU B 1351 40.23 42.56 21.55
N GLN B 1352 40.04 43.85 21.80
CA GLN B 1352 40.92 44.86 21.21
C GLN B 1352 42.36 44.68 21.68
N GLN B 1353 42.54 44.43 22.97
CA GLN B 1353 43.89 44.17 23.48
C GLN B 1353 44.46 42.89 22.90
N LEU B 1354 43.64 41.85 22.78
CA LEU B 1354 44.09 40.58 22.21
C LEU B 1354 44.01 40.62 20.69
N THR B 1368 27.45 46.85 22.47
CA THR B 1368 27.56 45.66 21.64
C THR B 1368 26.18 45.14 21.24
N VAL B 1369 26.02 44.81 19.96
CA VAL B 1369 24.78 44.29 19.42
C VAL B 1369 25.08 43.02 18.66
N GLY B 1370 24.22 42.02 18.83
CA GLY B 1370 24.40 40.77 18.12
C GLY B 1370 25.61 40.02 18.62
N ILE B 1371 26.27 39.29 17.72
CA ILE B 1371 27.42 38.48 18.09
C ILE B 1371 28.72 38.96 17.46
N ASP B 1372 28.68 39.81 16.44
CA ASP B 1372 29.85 40.53 15.92
C ASP B 1372 30.99 39.53 15.64
N VAL B 1373 30.76 38.69 14.62
CA VAL B 1373 31.76 37.70 14.27
C VAL B 1373 33.00 38.37 13.70
N LYS B 1374 34.16 37.98 14.22
CA LYS B 1374 35.43 38.52 13.74
C LYS B 1374 36.39 37.36 13.52
N ASP B 1375 37.38 37.61 12.66
CA ASP B 1375 38.43 36.65 12.37
C ASP B 1375 39.74 37.14 12.98
N TRP B 1376 40.48 36.22 13.58
CA TRP B 1376 41.70 36.56 14.31
C TRP B 1376 42.76 35.51 14.02
N PRO B 1377 43.64 35.76 13.06
CA PRO B 1377 44.70 34.80 12.73
C PRO B 1377 45.89 34.93 13.67
N ILE B 1378 46.58 33.82 13.84
CA ILE B 1378 47.74 33.76 14.72
C ILE B 1378 48.86 32.97 14.06
N LEU B 1388 47.60 28.05 12.91
CA LEU B 1388 46.14 27.96 13.02
C LEU B 1388 45.51 29.34 13.04
N VAL B 1389 44.19 29.38 12.88
CA VAL B 1389 43.42 30.62 12.93
C VAL B 1389 42.12 30.34 13.69
N LEU B 1390 41.76 31.25 14.58
CA LEU B 1390 40.55 31.12 15.39
C LEU B 1390 39.72 32.39 15.26
N ASN B 1391 38.40 32.23 15.13
CA ASN B 1391 37.49 33.34 14.97
C ASN B 1391 36.78 33.62 16.28
N VAL B 1392 36.69 34.90 16.65
CA VAL B 1392 36.14 35.32 17.92
C VAL B 1392 34.70 35.77 17.72
N TRP B 1393 33.79 35.21 18.50
CA TRP B 1393 32.37 35.52 18.41
C TRP B 1393 32.01 36.31 19.67
N ASP B 1394 31.86 37.63 19.52
CA ASP B 1394 31.59 38.50 20.66
C ASP B 1394 30.10 38.49 20.93
N PHE B 1395 29.64 37.50 21.69
CA PHE B 1395 28.22 37.37 21.98
C PHE B 1395 27.70 38.60 22.72
N ALA B 1396 26.38 38.69 22.79
CA ALA B 1396 25.71 39.88 23.33
C ALA B 1396 25.56 39.80 24.83
N GLY B 1397 25.56 40.96 25.48
CA GLY B 1397 25.35 41.05 26.91
C GLY B 1397 23.94 41.46 27.28
N ARG B 1398 23.26 42.15 26.36
CA ARG B 1398 21.90 42.58 26.63
C ARG B 1398 20.96 41.39 26.68
N GLU B 1399 20.19 41.30 27.76
CA GLU B 1399 19.32 40.15 27.98
C GLU B 1399 18.32 39.96 26.85
N GLU B 1400 17.93 41.06 26.19
CA GLU B 1400 16.98 40.95 25.09
C GLU B 1400 17.51 40.08 23.96
N PHE B 1401 18.83 40.10 23.75
CA PHE B 1401 19.43 39.29 22.70
C PHE B 1401 19.64 37.85 23.13
N TYR B 1402 19.28 37.51 24.36
CA TYR B 1402 19.65 36.25 24.98
C TYR B 1402 18.95 35.04 24.38
N SER B 1403 17.95 35.24 23.52
CA SER B 1403 17.13 34.11 23.06
C SER B 1403 17.83 33.22 22.03
N THR B 1404 18.59 33.80 21.09
CA THR B 1404 19.13 33.04 19.98
C THR B 1404 20.54 32.50 20.23
N HIS B 1405 21.18 32.88 21.32
CA HIS B 1405 22.56 32.50 21.56
C HIS B 1405 22.83 31.01 21.51
N PRO B 1406 22.00 30.12 22.09
CA PRO B 1406 22.31 28.68 22.03
C PRO B 1406 22.43 28.15 20.61
N HIS B 1407 22.01 28.94 19.62
CA HIS B 1407 22.14 28.49 18.24
C HIS B 1407 23.59 28.46 17.78
N PHE B 1408 24.47 29.20 18.45
CA PHE B 1408 25.87 29.30 18.04
C PHE B 1408 26.85 28.69 19.03
N MET B 1409 26.37 28.15 20.16
CA MET B 1409 27.25 27.52 21.13
C MET B 1409 27.58 26.11 20.64
N THR B 1410 28.51 26.05 19.68
CA THR B 1410 28.87 24.78 19.07
C THR B 1410 29.64 23.91 20.04
N GLN B 1411 29.61 22.60 19.78
CA GLN B 1411 30.27 21.63 20.64
C GLN B 1411 31.79 21.74 20.59
N ARG B 1412 32.36 22.04 19.43
CA ARG B 1412 33.82 22.07 19.23
C ARG B 1412 34.28 23.53 19.29
N ALA B 1413 34.55 24.02 20.49
CA ALA B 1413 35.01 25.38 20.72
C ALA B 1413 35.51 25.48 22.15
N LEU B 1414 36.01 26.65 22.53
CA LEU B 1414 36.50 26.88 23.89
C LEU B 1414 36.12 28.31 24.26
N TYR B 1415 35.26 28.44 25.28
CA TYR B 1415 34.67 29.73 25.59
C TYR B 1415 35.51 30.50 26.60
N LEU B 1416 35.47 31.82 26.49
CA LEU B 1416 36.00 32.72 27.50
C LEU B 1416 34.89 33.12 28.47
N ALA B 1417 35.14 34.11 29.31
CA ALA B 1417 34.14 34.67 30.21
C ALA B 1417 34.63 36.04 30.65
N VAL B 1418 33.82 36.73 31.46
CA VAL B 1418 34.18 38.05 31.95
C VAL B 1418 33.71 38.17 33.40
N TYR B 1419 34.58 38.73 34.24
CA TYR B 1419 34.28 38.94 35.65
C TYR B 1419 33.82 40.34 35.98
N ASP B 1420 34.51 41.37 35.48
CA ASP B 1420 34.31 42.75 35.91
C ASP B 1420 34.46 42.85 37.43
N LEU B 1421 35.69 42.56 37.86
CA LEU B 1421 36.00 42.42 39.28
C LEU B 1421 35.69 43.68 40.08
N SER B 1422 35.41 44.80 39.42
CA SER B 1422 34.98 45.99 40.13
C SER B 1422 33.71 45.74 40.94
N LYS B 1423 32.87 44.83 40.47
CA LYS B 1423 31.65 44.47 41.20
C LYS B 1423 31.90 43.43 42.28
N GLY B 1424 33.09 42.81 42.30
CA GLY B 1424 33.44 41.92 43.39
C GLY B 1424 32.62 40.64 43.41
N GLN B 1425 32.20 40.25 44.62
CA GLN B 1425 31.59 38.94 44.82
C GLN B 1425 30.24 38.82 44.11
N ALA B 1426 29.54 39.95 43.97
CA ALA B 1426 28.20 39.90 43.39
C ALA B 1426 28.22 39.43 41.94
N GLU B 1427 29.18 39.94 41.15
CA GLU B 1427 29.14 39.71 39.72
C GLU B 1427 29.51 38.27 39.36
N VAL B 1428 30.45 37.67 40.07
CA VAL B 1428 30.89 36.32 39.74
C VAL B 1428 29.74 35.33 39.94
N ASP B 1429 28.93 35.54 40.98
CA ASP B 1429 27.77 34.69 41.19
C ASP B 1429 26.63 35.07 40.24
N ALA B 1430 26.50 36.36 39.91
CA ALA B 1430 25.43 36.78 39.01
C ALA B 1430 25.67 36.27 37.59
N MET B 1431 26.92 36.00 37.23
CA MET B 1431 27.27 35.53 35.91
C MET B 1431 27.26 34.00 35.81
N LYS B 1432 26.95 33.32 36.91
CA LYS B 1432 26.85 31.86 36.93
C LYS B 1432 25.94 31.26 35.86
N PRO B 1433 24.77 31.81 35.55
CA PRO B 1433 23.93 31.19 34.51
C PRO B 1433 24.62 31.07 33.17
N TRP B 1434 25.61 31.92 32.88
CA TRP B 1434 26.36 31.77 31.63
C TRP B 1434 27.12 30.45 31.62
N LEU B 1435 27.81 30.13 32.72
CA LEU B 1435 28.46 28.82 32.80
C LEU B 1435 27.45 27.69 32.81
N PHE B 1436 26.28 27.90 33.43
CA PHE B 1436 25.26 26.86 33.40
C PHE B 1436 24.83 26.56 31.96
N ASN B 1437 24.62 27.61 31.18
CA ASN B 1437 24.24 27.43 29.78
C ASN B 1437 25.36 26.78 28.98
N ILE B 1438 26.60 27.16 29.27
CA ILE B 1438 27.75 26.54 28.59
C ILE B 1438 27.81 25.06 28.89
N LYS B 1439 27.59 24.67 30.15
CA LYS B 1439 27.56 23.27 30.52
C LYS B 1439 26.41 22.54 29.82
N ALA B 1440 25.25 23.18 29.74
CA ALA B 1440 24.10 22.55 29.10
C ALA B 1440 24.34 22.32 27.61
N ARG B 1441 24.93 23.31 26.94
CA ARG B 1441 25.10 23.22 25.49
C ARG B 1441 26.34 22.41 25.11
N ALA B 1442 27.51 22.87 25.50
CA ALA B 1442 28.78 22.24 25.16
C ALA B 1442 29.46 21.82 26.46
N SER B 1443 29.19 20.58 26.88
CA SER B 1443 29.73 20.09 28.14
C SER B 1443 31.24 19.84 28.04
N SER B 1444 31.70 19.36 26.89
CA SER B 1444 33.10 19.00 26.70
C SER B 1444 33.95 20.15 26.19
N SER B 1445 33.55 21.39 26.49
CA SER B 1445 34.29 22.56 26.03
C SER B 1445 34.99 23.23 27.20
N PRO B 1446 36.33 23.22 27.25
CA PRO B 1446 37.04 23.93 28.32
C PRO B 1446 36.77 25.43 28.27
N VAL B 1447 36.81 26.04 29.44
CA VAL B 1447 36.52 27.47 29.60
C VAL B 1447 37.71 28.14 30.26
N ILE B 1448 37.91 29.41 29.91
CA ILE B 1448 39.00 30.21 30.46
C ILE B 1448 38.36 31.42 31.12
N LEU B 1449 38.18 31.36 32.43
CA LEU B 1449 37.60 32.48 33.16
C LEU B 1449 38.57 33.64 33.18
N VAL B 1450 38.08 34.85 32.94
CA VAL B 1450 38.95 36.01 32.82
C VAL B 1450 38.34 37.23 33.50
N GLY B 1451 39.03 37.80 34.48
CA GLY B 1451 38.66 39.09 34.99
C GLY B 1451 39.08 40.21 34.06
N THR B 1452 38.35 41.33 34.13
CA THR B 1452 38.60 42.41 33.19
C THR B 1452 38.54 43.79 33.87
N HIS B 1453 38.62 43.84 35.19
CA HIS B 1453 38.59 45.12 35.89
C HIS B 1453 39.62 45.16 37.01
N LEU B 1454 40.84 44.71 36.71
CA LEU B 1454 41.90 44.75 37.71
C LEU B 1454 42.47 46.15 37.90
N ASP B 1455 42.11 47.10 37.05
CA ASP B 1455 42.60 48.46 37.21
C ASP B 1455 42.11 49.07 38.53
N VAL B 1456 40.86 48.82 38.88
CA VAL B 1456 40.29 49.33 40.11
C VAL B 1456 40.23 48.21 41.16
N LYS B 1463 40.46 43.33 47.00
CA LYS B 1463 39.13 43.02 46.48
C LYS B 1463 39.18 41.80 45.55
N ALA B 1464 40.34 41.16 45.48
CA ALA B 1464 40.57 39.98 44.66
C ALA B 1464 40.10 38.69 45.33
N CYS B 1465 39.23 38.78 46.34
CA CYS B 1465 38.80 37.61 47.09
C CYS B 1465 37.85 36.73 46.28
N MET B 1466 37.46 37.20 45.09
CA MET B 1466 36.61 36.39 44.23
C MET B 1466 37.28 35.07 43.84
N SER B 1467 38.61 35.03 43.89
CA SER B 1467 39.32 33.78 43.64
C SER B 1467 38.94 32.71 44.64
N LYS B 1468 38.58 33.12 45.86
CA LYS B 1468 38.19 32.14 46.87
C LYS B 1468 36.93 31.37 46.44
N ILE B 1469 35.88 32.08 46.06
CA ILE B 1469 34.66 31.41 45.61
C ILE B 1469 34.90 30.71 44.28
N THR B 1470 35.76 31.28 43.42
CA THR B 1470 36.07 30.63 42.16
C THR B 1470 36.71 29.26 42.38
N LYS B 1471 37.60 29.15 43.36
CA LYS B 1471 38.23 27.88 43.67
C LYS B 1471 37.33 26.97 44.51
N GLU B 1472 36.39 27.53 45.26
CA GLU B 1472 35.57 26.71 46.16
C GLU B 1472 34.34 26.15 45.46
N LEU B 1473 33.48 27.03 44.94
CA LEU B 1473 32.18 26.61 44.43
C LEU B 1473 32.08 26.60 42.92
N LEU B 1474 32.88 27.43 42.24
CA LEU B 1474 32.77 27.61 40.81
C LEU B 1474 33.55 26.58 40.00
N ASN B 1475 34.22 25.63 40.68
CA ASN B 1475 35.09 24.69 40.01
C ASN B 1475 34.27 23.57 39.35
N LYS B 1476 34.96 22.49 38.95
CA LYS B 1476 34.36 21.46 38.11
C LYS B 1476 33.27 20.66 38.80
N ARG B 1477 32.85 21.06 40.01
CA ARG B 1477 31.83 20.32 40.74
C ARG B 1477 30.57 20.07 39.91
N GLY B 1478 29.87 21.14 39.53
CA GLY B 1478 28.65 21.00 38.75
C GLY B 1478 28.66 21.77 37.44
N PHE B 1479 29.49 22.80 37.35
CA PHE B 1479 29.57 23.70 36.21
C PHE B 1479 30.62 23.18 35.22
N PRO B 1480 30.77 23.77 34.01
CA PRO B 1480 31.62 23.14 32.99
C PRO B 1480 33.07 22.94 33.40
N ALA B 1481 33.82 22.21 32.58
CA ALA B 1481 35.17 21.78 32.92
C ALA B 1481 36.11 22.98 32.84
N ILE B 1482 36.11 23.76 33.92
CA ILE B 1482 36.98 24.93 34.00
C ILE B 1482 38.42 24.47 33.94
N ARG B 1483 39.22 25.14 33.10
CA ARG B 1483 40.61 24.76 32.91
C ARG B 1483 41.59 25.83 33.34
N ASP B 1484 41.16 27.10 33.43
CA ASP B 1484 42.07 28.16 33.83
C ASP B 1484 41.24 29.39 34.20
N TYR B 1485 41.82 30.21 35.08
CA TYR B 1485 41.21 31.48 35.45
C TYR B 1485 42.30 32.54 35.64
N HIS B 1486 42.06 33.74 35.12
CA HIS B 1486 43.06 34.81 35.11
C HIS B 1486 42.44 36.11 35.60
N PHE B 1487 43.31 37.05 35.91
CA PHE B 1487 42.97 38.34 36.51
C PHE B 1487 43.53 39.47 35.66
N VAL B 1488 43.26 39.41 34.36
CA VAL B 1488 43.80 40.40 33.42
C VAL B 1488 43.25 41.79 33.74
N ASN B 1489 44.10 42.80 33.51
CA ASN B 1489 43.77 44.19 33.79
C ASN B 1489 42.82 44.78 32.76
N ALA B 1490 43.26 44.84 31.49
CA ALA B 1490 42.46 45.46 30.44
C ALA B 1490 42.86 44.93 29.07
N SER B 1494 48.59 45.22 27.57
CA SER B 1494 49.25 45.78 28.73
C SER B 1494 50.33 44.85 29.27
N ASP B 1495 50.06 44.22 30.41
CA ASP B 1495 51.02 43.33 31.06
C ASP B 1495 50.56 41.88 31.08
N ALA B 1496 49.38 41.61 31.64
CA ALA B 1496 48.89 40.23 31.74
C ALA B 1496 48.30 39.72 30.43
N LEU B 1497 48.17 40.57 29.41
CA LEU B 1497 47.64 40.11 28.14
C LEU B 1497 48.58 39.11 27.47
N ALA B 1498 49.88 39.22 27.72
CA ALA B 1498 50.81 38.22 27.18
C ALA B 1498 50.52 36.84 27.77
N LYS B 1499 50.31 36.78 29.09
CA LYS B 1499 49.95 35.52 29.73
C LYS B 1499 48.60 35.02 29.23
N LEU B 1500 47.64 35.94 29.06
CA LEU B 1500 46.35 35.56 28.51
C LEU B 1500 46.50 34.90 27.15
N ARG B 1501 47.26 35.55 26.25
CA ARG B 1501 47.45 35.01 24.91
C ARG B 1501 48.15 33.66 24.94
N LYS B 1502 49.21 33.54 25.75
CA LYS B 1502 49.92 32.27 25.84
C LYS B 1502 49.02 31.16 26.33
N THR B 1503 48.21 31.43 27.36
CA THR B 1503 47.32 30.40 27.88
C THR B 1503 46.24 30.06 26.87
N ILE B 1504 45.74 31.05 26.13
CA ILE B 1504 44.74 30.77 25.10
C ILE B 1504 45.31 29.85 24.04
N ILE B 1505 46.54 30.13 23.58
CA ILE B 1505 47.17 29.29 22.58
C ILE B 1505 47.37 27.88 23.13
N ASN B 1506 47.86 27.77 24.38
CA ASN B 1506 48.11 26.45 24.95
C ASN B 1506 46.82 25.65 25.08
N GLU B 1507 45.73 26.30 25.51
CA GLU B 1507 44.47 25.61 25.68
C GLU B 1507 43.88 25.19 24.34
N SER B 1508 43.92 26.10 23.36
CA SER B 1508 43.38 25.78 22.05
C SER B 1508 44.15 24.63 21.38
N LEU B 1509 45.47 24.67 21.49
CA LEU B 1509 46.29 23.62 20.89
C LEU B 1509 46.03 22.27 21.55
N ASN B 1510 45.93 22.25 22.88
CA ASN B 1510 45.68 21.02 23.63
C ASN B 1510 44.20 20.97 23.98
N PHE B 1511 43.38 20.59 22.99
CA PHE B 1511 41.94 20.48 23.16
C PHE B 1511 41.51 19.04 23.39
N LYS B 1512 41.80 18.16 22.43
CA LYS B 1512 41.55 16.72 22.54
C LYS B 1512 40.09 16.42 22.88
N ILE B 1513 39.21 16.79 21.96
CA ILE B 1513 37.79 16.48 22.09
C ILE B 1513 37.61 14.98 21.89
N ARG B 1514 37.30 14.26 22.97
CA ARG B 1514 37.20 12.80 22.95
C ARG B 1514 38.48 12.17 22.42
N ASP B 1515 39.62 12.75 22.83
CA ASP B 1515 40.95 12.29 22.42
C ASP B 1515 41.10 12.30 20.90
N GLN B 1516 40.98 13.50 20.33
CA GLN B 1516 41.10 13.67 18.89
C GLN B 1516 42.01 14.81 18.48
N LEU B 1517 42.38 15.71 19.39
CA LEU B 1517 43.26 16.85 19.08
C LEU B 1517 42.71 17.67 17.92
N VAL B 1518 41.41 17.98 17.98
CA VAL B 1518 40.79 18.62 16.84
C VAL B 1518 41.10 20.11 16.93
N VAL B 1519 42.35 20.43 16.63
CA VAL B 1519 42.81 21.74 16.21
C VAL B 1519 43.75 21.43 15.07
N GLY B 1520 44.12 20.15 14.94
CA GLY B 1520 45.02 19.73 13.89
C GLY B 1520 44.56 18.49 13.15
N GLN B 1521 43.25 18.35 12.98
CA GLN B 1521 42.70 17.20 12.27
C GLN B 1521 42.96 17.34 10.77
N LEU B 1522 42.76 16.23 10.06
CA LEU B 1522 43.04 16.15 8.63
C LEU B 1522 41.74 16.24 7.85
N ILE B 1523 41.69 17.16 6.88
CA ILE B 1523 40.51 17.34 6.03
C ILE B 1523 40.98 17.41 4.57
N PRO B 1524 40.13 17.09 3.60
CA PRO B 1524 40.54 17.22 2.20
C PRO B 1524 40.80 18.68 1.84
N ASP B 1525 41.73 18.88 0.91
CA ASP B 1525 42.06 20.22 0.45
C ASP B 1525 40.91 20.87 -0.30
N CYS B 1526 39.94 20.07 -0.75
CA CYS B 1526 38.76 20.63 -1.41
C CYS B 1526 37.99 21.56 -0.47
N TYR B 1527 37.87 21.16 0.81
CA TYR B 1527 37.18 22.01 1.78
C TYR B 1527 37.91 23.33 1.96
N VAL B 1528 39.24 23.28 2.07
CA VAL B 1528 40.02 24.51 2.26
C VAL B 1528 39.91 25.41 1.03
N GLU B 1529 39.95 24.81 -0.16
CA GLU B 1529 39.81 25.59 -1.39
C GLU B 1529 38.43 26.24 -1.46
N LEU B 1530 37.40 25.50 -1.07
CA LEU B 1530 36.05 26.07 -1.06
C LEU B 1530 35.95 27.20 -0.04
N GLU B 1531 36.59 27.04 1.12
CA GLU B 1531 36.60 28.10 2.10
C GLU B 1531 37.29 29.35 1.58
N LYS B 1532 38.42 29.17 0.88
CA LYS B 1532 39.11 30.30 0.27
C LYS B 1532 38.23 30.96 -0.79
N ILE B 1533 37.52 30.16 -1.57
CA ILE B 1533 36.62 30.70 -2.59
C ILE B 1533 35.52 31.53 -1.95
N ILE B 1534 34.93 31.03 -0.86
CA ILE B 1534 33.88 31.76 -0.17
C ILE B 1534 34.43 33.06 0.42
N LEU B 1535 35.62 33.00 1.03
CA LEU B 1535 36.21 34.21 1.59
C LEU B 1535 36.49 35.25 0.51
N SER B 1536 36.99 34.81 -0.65
CA SER B 1536 37.20 35.74 -1.75
C SER B 1536 35.89 36.32 -2.25
N GLU B 1537 34.86 35.48 -2.37
CA GLU B 1537 33.56 35.94 -2.84
C GLU B 1537 32.87 36.85 -1.83
N ARG B 1538 33.31 36.83 -0.56
CA ARG B 1538 32.73 37.73 0.43
C ARG B 1538 32.95 39.18 0.04
N LYS B 1539 34.16 39.52 -0.41
CA LYS B 1539 34.42 40.88 -0.88
C LYS B 1539 33.64 41.19 -2.15
N ASN B 1540 33.57 40.23 -3.08
CA ASN B 1540 32.85 40.42 -4.33
C ASN B 1540 31.44 39.85 -4.21
N VAL B 1541 30.62 40.58 -3.45
CA VAL B 1541 29.22 40.19 -3.23
C VAL B 1541 28.42 41.44 -2.91
N PRO B 1542 27.10 41.44 -3.14
CA PRO B 1542 26.29 42.60 -2.76
C PRO B 1542 26.37 42.85 -1.25
N ILE B 1543 26.82 44.05 -0.89
CA ILE B 1543 27.05 44.38 0.50
C ILE B 1543 25.73 44.34 1.28
N GLU B 1544 24.67 44.89 0.71
CA GLU B 1544 23.40 44.96 1.41
C GLU B 1544 22.84 43.56 1.69
N PHE B 1545 22.90 42.67 0.71
CA PHE B 1545 22.40 41.31 0.84
C PHE B 1545 23.47 40.34 0.36
N PRO B 1546 24.46 40.03 1.20
CA PRO B 1546 25.53 39.11 0.80
C PRO B 1546 25.11 37.65 0.75
N VAL B 1547 23.83 37.34 0.91
CA VAL B 1547 23.36 35.96 0.87
C VAL B 1547 23.37 35.49 -0.58
N ILE B 1548 24.21 34.51 -0.90
CA ILE B 1548 24.35 34.02 -2.26
C ILE B 1548 23.35 32.89 -2.50
N ASP B 1549 23.10 32.62 -3.77
CA ASP B 1549 22.12 31.60 -4.14
C ASP B 1549 22.76 30.22 -4.16
N ARG B 1550 21.92 29.20 -4.36
CA ARG B 1550 22.40 27.83 -4.45
C ARG B 1550 23.32 27.65 -5.65
N LYS B 1551 22.96 28.23 -6.79
CA LYS B 1551 23.81 28.17 -7.97
C LYS B 1551 25.04 29.06 -7.85
N ARG B 1552 25.03 30.02 -6.92
CA ARG B 1552 26.21 30.87 -6.73
C ARG B 1552 27.39 30.07 -6.21
N LEU B 1553 27.13 29.02 -5.43
CA LEU B 1553 28.20 28.10 -5.06
C LEU B 1553 28.72 27.37 -6.29
N LEU B 1554 27.80 26.97 -7.19
CA LEU B 1554 28.21 26.29 -8.41
C LEU B 1554 28.98 27.23 -9.33
N GLN B 1555 28.57 28.50 -9.41
CA GLN B 1555 29.26 29.44 -10.28
C GLN B 1555 30.68 29.70 -9.81
N LEU B 1556 30.96 29.49 -8.53
CA LEU B 1556 32.31 29.66 -8.02
C LEU B 1556 33.24 28.56 -8.52
N VAL B 1557 32.74 27.34 -8.65
CA VAL B 1557 33.56 26.22 -9.07
C VAL B 1557 33.43 25.96 -10.57
N GLN B 1561 38.00 26.96 -9.51
CA GLN B 1561 37.68 25.80 -10.32
C GLN B 1561 38.16 24.50 -9.66
N LEU B 1562 37.49 24.12 -8.58
CA LEU B 1562 37.83 22.92 -7.84
C LEU B 1562 37.08 21.72 -8.42
N GLN B 1563 37.12 20.60 -7.73
CA GLN B 1563 36.46 19.37 -8.16
C GLN B 1563 35.61 18.84 -7.02
N LEU B 1564 34.31 19.16 -7.04
CA LEU B 1564 33.36 18.67 -6.06
C LEU B 1564 32.10 18.21 -6.78
N ASP B 1565 31.66 16.99 -6.49
CA ASP B 1565 30.49 16.43 -7.15
C ASP B 1565 29.23 16.91 -6.43
N GLU B 1566 28.08 16.32 -6.76
CA GLU B 1566 26.83 16.71 -6.14
C GLU B 1566 26.82 16.39 -4.66
N ASN B 1567 27.33 15.22 -4.28
CA ASN B 1567 27.29 14.78 -2.89
C ASN B 1567 28.35 15.45 -2.02
N GLU B 1568 29.41 16.02 -2.62
CA GLU B 1568 30.44 16.66 -1.82
C GLU B 1568 29.95 17.96 -1.21
N LEU B 1569 29.10 18.68 -1.93
CA LEU B 1569 28.64 19.99 -1.45
C LEU B 1569 27.93 19.95 -0.12
N PRO B 1570 26.97 19.03 0.14
CA PRO B 1570 26.28 19.04 1.45
C PRO B 1570 27.21 18.86 2.64
N HIS B 1571 28.04 17.82 2.61
CA HIS B 1571 28.96 17.59 3.72
C HIS B 1571 29.99 18.71 3.80
N ALA B 1572 30.40 19.27 2.66
CA ALA B 1572 31.35 20.37 2.67
C ALA B 1572 30.78 21.59 3.39
N VAL B 1573 29.55 21.97 3.05
CA VAL B 1573 28.98 23.15 3.70
C VAL B 1573 28.68 22.83 5.15
N HIS B 1574 28.35 21.57 5.47
CA HIS B 1574 28.17 21.20 6.87
C HIS B 1574 29.45 21.41 7.67
N PHE B 1575 30.59 20.95 7.13
CA PHE B 1575 31.86 21.14 7.82
C PHE B 1575 32.22 22.62 7.93
N LEU B 1576 31.98 23.39 6.85
CA LEU B 1576 32.29 24.81 6.88
C LEU B 1576 31.45 25.55 7.91
N ASN B 1577 30.16 25.19 8.00
CA ASN B 1577 29.29 25.76 9.02
C ASN B 1577 29.78 25.39 10.41
N GLU B 1578 30.22 24.15 10.59
CA GLU B 1578 30.81 23.75 11.87
C GLU B 1578 32.08 24.55 12.16
N SER B 1579 32.76 25.02 11.12
CA SER B 1579 33.95 25.85 11.28
C SER B 1579 33.64 27.34 11.36
N GLY B 1580 32.37 27.72 11.32
CA GLY B 1580 31.99 29.12 11.45
C GLY B 1580 32.43 30.03 10.33
N VAL B 1581 32.27 29.60 9.09
CA VAL B 1581 32.60 30.41 7.93
C VAL B 1581 31.35 30.97 7.26
N LEU B 1582 30.34 30.13 7.05
CA LEU B 1582 29.08 30.57 6.45
C LEU B 1582 27.95 29.78 7.09
N LEU B 1583 26.73 30.25 6.86
CA LEU B 1583 25.54 29.59 7.39
C LEU B 1583 24.71 29.02 6.25
N HIS B 1584 24.13 27.84 6.48
CA HIS B 1584 23.26 27.22 5.50
C HIS B 1584 22.44 26.15 6.20
N PHE B 1585 21.13 26.33 6.24
CA PHE B 1585 20.24 25.39 6.91
C PHE B 1585 19.41 24.61 5.90
N SER B 1593 16.46 26.97 2.24
CA SER B 1593 17.65 26.13 2.22
C SER B 1593 18.36 26.22 0.87
N ASP B 1594 17.89 27.13 0.02
CA ASP B 1594 18.52 27.35 -1.27
C ASP B 1594 19.48 28.53 -1.26
N LEU B 1595 19.69 29.17 -0.11
CA LEU B 1595 20.55 30.33 0.00
C LEU B 1595 21.65 30.08 1.02
N TYR B 1596 22.86 30.50 0.70
CA TYR B 1596 24.02 30.37 1.57
C TYR B 1596 24.38 31.75 2.09
N PHE B 1597 24.36 31.91 3.42
CA PHE B 1597 24.64 33.19 4.05
C PHE B 1597 26.14 33.30 4.30
N VAL B 1598 26.83 34.07 3.47
CA VAL B 1598 28.22 34.42 3.73
C VAL B 1598 28.26 35.67 4.60
N GLU B 1599 29.42 35.90 5.22
CA GLU B 1599 29.60 37.03 6.15
C GLU B 1599 28.60 36.92 7.29
N PRO B 1600 28.81 35.98 8.22
CA PRO B 1600 27.84 35.79 9.30
C PRO B 1600 27.59 37.03 10.14
N LYS B 1601 28.50 38.00 10.12
CA LYS B 1601 28.29 39.22 10.89
C LYS B 1601 27.03 39.94 10.45
N TRP B 1602 26.82 40.05 9.14
CA TRP B 1602 25.61 40.72 8.64
C TRP B 1602 24.36 39.96 9.04
N LEU B 1603 24.37 38.64 8.90
CA LEU B 1603 23.18 37.85 9.23
C LEU B 1603 22.84 37.98 10.71
N CYS B 1604 23.85 37.89 11.58
CA CYS B 1604 23.59 37.96 13.01
C CYS B 1604 23.43 39.39 13.52
N LYS B 1605 23.71 40.39 12.69
CA LYS B 1605 23.42 41.77 13.03
C LYS B 1605 22.04 42.21 12.57
N ILE B 1606 21.54 41.65 11.46
CA ILE B 1606 20.25 42.02 10.93
C ILE B 1606 19.13 41.12 11.44
N MET B 1607 19.33 39.80 11.47
CA MET B 1607 18.32 38.88 12.00
C MET B 1607 18.01 39.15 13.46
N ALA B 1608 18.95 39.69 14.23
CA ALA B 1608 18.69 40.12 15.60
C ALA B 1608 18.39 41.60 15.72
N GLN B 1609 18.33 42.34 14.62
CA GLN B 1609 18.06 43.77 14.70
C GLN B 1609 16.60 44.04 15.06
N ILE B 1610 15.72 43.06 14.84
CA ILE B 1610 14.31 43.23 15.20
C ILE B 1610 14.16 43.41 16.71
N LEU B 1611 15.07 42.79 17.48
CA LEU B 1611 14.99 42.89 18.94
C LEU B 1611 15.13 44.32 19.42
N THR B 1612 15.95 45.12 18.75
CA THR B 1612 16.12 46.52 19.11
C THR B 1612 15.27 47.42 18.22
N PRO B 1622 -0.89 44.27 24.00
CA PRO B 1622 0.03 44.11 25.13
C PRO B 1622 1.50 44.16 24.69
N LYS B 1623 2.41 44.09 25.66
CA LYS B 1623 3.82 44.13 25.35
C LYS B 1623 4.30 42.77 24.85
N GLY B 1624 5.09 42.78 23.78
CA GLY B 1624 5.68 41.58 23.22
C GLY B 1624 5.05 41.13 21.92
N ILE B 1625 3.81 41.54 21.65
CA ILE B 1625 3.10 41.18 20.44
C ILE B 1625 3.24 42.31 19.44
N ILE B 1626 3.45 41.96 18.17
CA ILE B 1626 3.56 42.94 17.10
C ILE B 1626 3.17 42.27 15.79
N SER B 1627 2.61 43.07 14.88
CA SER B 1627 2.22 42.60 13.57
C SER B 1627 3.33 42.95 12.56
N ARG B 1628 3.04 42.75 11.27
CA ARG B 1628 4.01 43.06 10.23
C ARG B 1628 4.29 44.56 10.17
N ARG B 1629 5.51 44.95 10.54
CA ARG B 1629 5.94 46.34 10.53
C ARG B 1629 7.34 46.46 9.94
N ASP B 1630 7.57 45.77 8.83
CA ASP B 1630 8.89 45.78 8.21
C ASP B 1630 9.25 47.17 7.72
N VAL B 1631 10.48 47.61 8.03
CA VAL B 1631 10.98 48.92 7.65
C VAL B 1631 12.46 48.76 7.27
N GLU B 1632 13.00 49.81 6.65
CA GLU B 1632 14.39 49.86 6.20
C GLU B 1632 14.69 48.78 5.18
N LYS B 1633 15.96 48.72 4.74
CA LYS B 1633 16.42 47.73 3.75
C LYS B 1633 15.58 47.79 2.47
N LYS B 1643 11.88 44.72 0.03
CA LYS B 1643 12.08 44.36 -1.37
C LYS B 1643 12.41 42.88 -1.51
N ASN B 1644 11.37 42.05 -1.51
CA ASN B 1644 11.42 40.61 -1.77
C ASN B 1644 12.27 39.85 -0.74
N TYR B 1645 12.77 40.54 0.28
CA TYR B 1645 13.48 39.84 1.35
C TYR B 1645 12.52 39.08 2.24
N MET B 1646 11.31 39.60 2.43
CA MET B 1646 10.39 39.08 3.44
C MET B 1646 10.09 37.60 3.23
N SER B 1647 10.09 37.13 1.98
CA SER B 1647 9.71 35.76 1.65
C SER B 1647 10.45 34.74 2.51
N GLN B 1648 11.77 34.87 2.59
CA GLN B 1648 12.57 34.03 3.48
C GLN B 1648 12.88 34.69 4.82
N TYR B 1649 12.80 36.02 4.90
CA TYR B 1649 13.10 36.72 6.13
C TYR B 1649 12.12 36.34 7.23
N PHE B 1650 10.82 36.27 6.91
CA PHE B 1650 9.82 35.92 7.90
C PHE B 1650 10.03 34.50 8.40
N LYS B 1651 10.30 33.56 7.47
CA LYS B 1651 10.52 32.17 7.86
C LYS B 1651 11.75 32.04 8.74
N LEU B 1652 12.82 32.75 8.41
CA LEU B 1652 14.04 32.68 9.22
C LEU B 1652 13.82 33.27 10.60
N LEU B 1653 13.17 34.44 10.66
CA LEU B 1653 13.04 35.15 11.93
C LEU B 1653 12.07 34.43 12.86
N GLU B 1654 10.90 34.03 12.34
CA GLU B 1654 9.88 33.43 13.19
C GLU B 1654 10.35 32.09 13.76
N LYS B 1655 10.99 31.27 12.92
CA LYS B 1655 11.43 29.95 13.38
C LYS B 1655 12.58 30.05 14.37
N PHE B 1656 13.38 31.10 14.29
CA PHE B 1656 14.57 31.23 15.13
C PHE B 1656 14.38 32.18 16.30
N GLN B 1657 13.63 33.26 16.13
CA GLN B 1657 13.41 34.22 17.20
C GLN B 1657 12.04 34.89 17.08
N LEU B 1668 4.55 37.93 16.48
CA LEU B 1668 4.77 37.74 17.90
C LEU B 1668 6.25 37.59 18.22
N VAL B 1669 6.69 38.24 19.29
CA VAL B 1669 8.07 38.17 19.75
C VAL B 1669 8.07 37.48 21.12
N PRO B 1670 8.43 36.21 21.17
CA PRO B 1670 8.44 35.49 22.46
C PRO B 1670 9.33 36.14 23.51
N SER B 1671 10.47 36.70 23.10
CA SER B 1671 11.34 37.37 24.05
C SER B 1671 10.74 38.71 24.46
N SER B 1672 11.00 39.09 25.71
CA SER B 1672 10.49 40.33 26.30
C SER B 1672 8.98 40.42 26.14
N LEU B 1673 8.29 39.45 26.76
CA LEU B 1673 6.85 39.29 26.63
C LEU B 1673 6.24 39.24 28.04
N SER B 1674 5.95 40.42 28.60
CA SER B 1674 5.23 40.56 29.87
C SER B 1674 5.85 39.71 30.97
N ASP B 1675 7.07 40.06 31.36
CA ASP B 1675 7.77 39.38 32.44
C ASP B 1675 6.97 39.46 33.74
N CYS B 1685 -9.51 23.03 41.81
CA CYS B 1685 -8.32 23.14 42.66
C CYS B 1685 -8.52 22.38 43.97
N GLU B 1686 -9.12 21.20 43.88
CA GLU B 1686 -9.39 20.40 45.07
C GLU B 1686 -8.21 19.52 45.47
N ASN B 1687 -7.08 19.60 44.77
CA ASN B 1687 -5.82 18.92 45.02
C ASN B 1687 -5.89 17.44 44.66
N SER B 1688 -7.06 16.90 44.31
CA SER B 1688 -7.18 15.51 43.90
C SER B 1688 -7.67 15.33 42.47
N GLU B 1689 -8.35 16.32 41.91
CA GLU B 1689 -8.86 16.24 40.54
C GLU B 1689 -7.87 16.78 39.51
N ILE B 1690 -6.69 17.24 39.95
CA ILE B 1690 -5.67 17.76 39.05
C ILE B 1690 -4.37 17.01 39.31
N ILE B 1691 -3.53 16.97 38.28
CA ILE B 1691 -2.22 16.32 38.32
C ILE B 1691 -1.17 17.38 38.05
N ILE B 1692 -0.12 17.38 38.86
CA ILE B 1692 0.96 18.36 38.76
C ILE B 1692 2.27 17.60 38.60
N ARG B 1693 3.20 18.23 37.88
CA ARG B 1693 4.51 17.65 37.65
C ARG B 1693 5.57 18.75 37.74
N LEU B 1694 6.76 18.38 38.18
CA LEU B 1694 7.89 19.28 38.31
C LEU B 1694 9.09 18.72 37.56
N TYR B 1695 9.90 19.61 37.00
CA TYR B 1695 11.09 19.27 36.24
C TYR B 1695 12.27 20.10 36.71
N GLU B 1696 12.52 20.09 38.02
CA GLU B 1696 13.48 21.00 38.63
C GLU B 1696 14.86 20.92 37.98
N MET B 1697 15.41 22.08 37.66
CA MET B 1697 16.74 22.28 37.12
C MET B 1697 17.45 23.36 37.91
N PRO B 1698 18.79 23.35 37.94
CA PRO B 1698 19.49 24.40 38.70
C PRO B 1698 19.18 25.80 38.23
N TYR B 1699 19.01 25.98 36.91
CA TYR B 1699 18.58 27.24 36.34
C TYR B 1699 17.82 26.94 35.07
N PHE B 1700 17.10 27.94 34.58
CA PHE B 1700 16.45 27.77 33.29
C PHE B 1700 17.47 27.99 32.17
N PRO B 1701 17.61 27.04 31.24
CA PRO B 1701 18.59 27.20 30.16
C PRO B 1701 18.37 28.49 29.36
N MET B 1702 19.35 28.82 28.52
CA MET B 1702 19.42 30.13 27.89
C MET B 1702 18.18 30.44 27.06
N GLY B 1703 17.98 29.70 25.96
CA GLY B 1703 16.80 29.88 25.15
C GLY B 1703 15.73 28.83 25.40
N PHE B 1704 15.19 28.79 26.62
CA PHE B 1704 14.28 27.71 26.97
C PHE B 1704 12.82 28.08 26.69
N TRP B 1705 12.33 29.13 27.33
CA TRP B 1705 10.91 29.48 27.20
C TRP B 1705 10.59 29.95 25.79
N SER B 1706 11.47 30.74 25.18
CA SER B 1706 11.22 31.27 23.85
C SER B 1706 11.16 30.18 22.78
N ARG B 1707 11.48 28.94 23.12
CA ARG B 1707 11.28 27.81 22.23
C ARG B 1707 10.21 26.86 22.72
N LEU B 1708 10.05 26.72 24.04
CA LEU B 1708 9.01 25.86 24.58
C LEU B 1708 7.62 26.42 24.25
N ILE B 1709 7.43 27.73 24.42
CA ILE B 1709 6.12 28.32 24.11
C ILE B 1709 5.88 28.29 22.61
N ASN B 1710 6.94 28.36 21.81
CA ASN B 1710 6.80 28.23 20.37
C ASN B 1710 6.40 26.82 19.97
N ARG B 1711 6.90 25.81 20.69
CA ARG B 1711 6.53 24.44 20.41
C ARG B 1711 5.13 24.11 20.89
N LEU B 1712 4.70 24.69 22.01
CA LEU B 1712 3.39 24.38 22.59
C LEU B 1712 2.30 25.27 21.98
N LEU B 1713 2.26 25.28 20.65
CA LEU B 1713 1.22 25.98 19.90
C LEU B 1713 0.54 25.01 18.95
N GLU B 1714 0.67 23.70 19.22
CA GLU B 1714 0.15 22.68 18.33
C GLU B 1714 -0.75 21.70 19.09
N ILE B 1715 -0.45 21.48 20.37
CA ILE B 1715 -1.07 20.44 21.17
C ILE B 1715 -2.59 20.58 21.17
N SER B 1716 -3.29 19.43 21.15
CA SER B 1716 -4.75 19.36 21.07
C SER B 1716 -5.17 17.90 21.23
N PRO B 1717 -6.46 17.62 21.53
CA PRO B 1717 -6.90 16.23 21.59
C PRO B 1717 -6.88 15.53 20.24
N LEU B 1727 -10.76 23.40 16.75
CA LEU B 1727 -11.12 24.56 17.55
C LEU B 1727 -9.89 25.15 18.23
N ARG B 1728 -9.65 26.44 18.03
CA ARG B 1728 -8.52 27.10 18.66
C ARG B 1728 -8.82 27.38 20.12
N PRO B 1729 -7.94 27.01 21.04
CA PRO B 1729 -8.17 27.29 22.46
C PRO B 1729 -7.75 28.71 22.81
N ASN B 1730 -8.03 29.09 24.06
CA ASN B 1730 -7.56 30.38 24.56
C ASN B 1730 -6.35 30.16 25.44
N ARG B 1731 -5.34 31.02 25.28
CA ARG B 1731 -4.05 30.84 25.93
C ARG B 1731 -3.44 32.21 26.18
N MET B 1732 -3.39 32.62 27.45
CA MET B 1732 -2.76 33.88 27.83
C MET B 1732 -1.36 33.56 28.33
N TYR B 1733 -0.45 33.38 27.37
CA TYR B 1733 0.92 32.98 27.66
C TYR B 1733 1.79 34.21 27.90
N TRP B 1734 2.48 34.24 29.04
CA TRP B 1734 3.44 35.27 29.36
C TRP B 1734 4.85 34.76 29.05
N ARG B 1735 5.86 35.50 29.50
CA ARG B 1735 7.25 35.17 29.18
C ARG B 1735 7.63 33.77 29.63
N GLN B 1736 7.01 33.26 30.69
CA GLN B 1736 7.37 31.95 31.23
C GLN B 1736 6.19 31.01 31.45
N GLY B 1737 5.03 31.28 30.84
CA GLY B 1737 3.88 30.40 31.00
C GLY B 1737 3.06 30.26 29.74
N ILE B 1738 2.15 29.29 29.71
CA ILE B 1738 1.25 29.12 28.57
C ILE B 1738 -0.20 29.19 29.03
N TYR B 1739 -0.62 28.23 29.86
CA TYR B 1739 -2.00 28.11 30.33
C TYR B 1739 -2.97 28.15 29.14
N LEU B 1740 -2.89 27.11 28.32
CA LEU B 1740 -3.78 26.98 27.17
C LEU B 1740 -4.93 26.05 27.53
N ASN B 1741 -6.15 26.47 27.23
CA ASN B 1741 -7.33 25.71 27.64
C ASN B 1741 -8.41 25.81 26.59
N TRP B 1742 -9.26 24.79 26.56
CA TRP B 1742 -10.49 24.76 25.76
C TRP B 1742 -11.74 24.81 26.61
N SER B 1743 -11.69 24.23 27.81
CA SER B 1743 -12.84 24.12 28.68
C SER B 1743 -12.34 23.78 30.08
N PRO B 1744 -13.19 23.86 31.10
CA PRO B 1744 -12.77 23.41 32.43
C PRO B 1744 -12.38 21.94 32.47
N GLU B 1745 -12.81 21.14 31.49
CA GLU B 1745 -12.41 19.75 31.39
C GLU B 1745 -11.19 19.55 30.52
N ALA B 1746 -10.61 20.62 29.97
CA ALA B 1746 -9.44 20.51 29.11
C ALA B 1746 -8.60 21.76 29.26
N TYR B 1747 -7.52 21.68 30.06
CA TYR B 1747 -6.58 22.78 30.18
C TYR B 1747 -5.21 22.24 30.51
N CYS B 1748 -4.19 23.06 30.25
CA CYS B 1748 -2.81 22.72 30.57
C CYS B 1748 -2.10 24.00 30.95
N LEU B 1749 -1.47 24.01 32.12
CA LEU B 1749 -0.79 25.20 32.63
C LEU B 1749 0.67 24.85 32.91
N VAL B 1750 1.58 25.35 32.09
CA VAL B 1750 3.01 25.22 32.30
C VAL B 1750 3.52 26.57 32.78
N GLY B 1751 3.97 26.63 34.04
CA GLY B 1751 4.42 27.88 34.60
C GLY B 1751 5.89 27.89 34.98
N SER B 1752 6.28 28.84 35.83
CA SER B 1752 7.65 28.95 36.33
C SER B 1752 7.56 29.00 37.85
N GLU B 1753 7.55 27.83 38.48
CA GLU B 1753 7.36 27.74 39.93
C GLU B 1753 8.59 28.26 40.67
N VAL B 1754 8.35 29.00 41.74
CA VAL B 1754 9.40 29.47 42.64
C VAL B 1754 8.97 29.06 44.04
N LEU B 1755 9.39 27.88 44.47
CA LEU B 1755 9.03 27.39 45.78
C LEU B 1755 9.79 28.12 46.87
N ASP B 1756 9.19 28.20 48.05
CA ASP B 1756 9.85 28.83 49.19
C ASP B 1756 11.07 28.02 49.61
N ASN B 1757 12.14 28.74 49.97
CA ASN B 1757 13.41 28.13 50.39
C ASN B 1757 13.95 27.20 49.30
N HIS B 1758 13.75 27.57 48.04
CA HIS B 1758 14.24 26.81 46.90
C HIS B 1758 15.15 27.70 46.07
N PRO B 1759 16.46 27.50 46.11
CA PRO B 1759 17.36 28.37 45.35
C PRO B 1759 17.14 28.29 43.85
N GLU B 1760 17.14 27.07 43.31
CA GLU B 1760 16.98 26.89 41.88
C GLU B 1760 15.53 27.12 41.45
N SER B 1761 15.37 27.51 40.20
CA SER B 1761 14.05 27.74 39.62
C SER B 1761 13.61 26.52 38.80
N PHE B 1762 12.30 26.36 38.69
CA PHE B 1762 11.75 25.19 38.01
C PHE B 1762 10.36 25.52 37.48
N LEU B 1763 9.86 24.64 36.62
CA LEU B 1763 8.55 24.77 36.03
C LEU B 1763 7.58 23.78 36.66
N LYS B 1764 6.37 24.26 36.94
CA LYS B 1764 5.28 23.44 37.43
C LYS B 1764 4.25 23.31 36.32
N ILE B 1765 3.80 22.08 36.05
CA ILE B 1765 2.80 21.83 35.04
C ILE B 1765 1.58 21.19 35.69
N THR B 1766 0.41 21.80 35.47
CA THR B 1766 -0.85 21.35 36.03
C THR B 1766 -1.81 21.00 34.92
N VAL B 1767 -2.61 19.95 35.14
CA VAL B 1767 -3.54 19.46 34.14
C VAL B 1767 -4.65 18.65 34.82
N PRO B 1768 -5.93 18.83 34.44
CA PRO B 1768 -6.99 18.09 35.11
C PRO B 1768 -6.84 16.58 34.94
N SER B 1769 -7.31 15.83 35.94
CA SER B 1769 -7.12 14.39 35.98
C SER B 1769 -8.04 13.62 35.05
N CYS B 1770 -8.74 14.29 34.14
CA CYS B 1770 -9.57 13.58 33.17
C CYS B 1770 -8.69 12.82 32.17
N ARG B 1771 -9.34 11.97 31.37
CA ARG B 1771 -8.59 11.20 30.38
C ARG B 1771 -8.00 12.10 29.30
N LYS B 1772 -8.76 13.09 28.84
CA LYS B 1772 -8.22 14.05 27.88
C LYS B 1772 -7.07 14.83 28.47
N GLY B 1773 -7.20 15.21 29.75
CA GLY B 1773 -6.09 15.86 30.43
C GLY B 1773 -4.86 14.99 30.51
N CYS B 1774 -5.04 13.68 30.74
CA CYS B 1774 -3.90 12.77 30.75
C CYS B 1774 -3.25 12.71 29.38
N ILE B 1775 -4.05 12.69 28.31
CA ILE B 1775 -3.50 12.71 26.97
C ILE B 1775 -2.66 13.97 26.76
N LEU B 1776 -3.21 15.12 27.15
CA LEU B 1776 -2.49 16.37 26.99
C LEU B 1776 -1.20 16.37 27.78
N LEU B 1777 -1.24 15.86 29.02
CA LEU B 1777 -0.05 15.81 29.85
C LEU B 1777 1.03 14.93 29.21
N GLY B 1778 0.63 13.77 28.70
CA GLY B 1778 1.58 12.90 28.04
C GLY B 1778 2.23 13.58 26.85
N GLN B 1779 1.41 14.24 26.03
CA GLN B 1779 1.94 14.90 24.84
C GLN B 1779 2.91 16.01 25.20
N VAL B 1780 2.53 16.85 26.18
CA VAL B 1780 3.38 18.00 26.51
C VAL B 1780 4.67 17.56 27.19
N VAL B 1781 4.61 16.54 28.03
CA VAL B 1781 5.84 16.06 28.66
C VAL B 1781 6.73 15.39 27.63
N ASP B 1782 6.14 14.73 26.64
CA ASP B 1782 6.95 14.20 25.54
C ASP B 1782 7.64 15.32 24.78
N HIS B 1783 6.92 16.41 24.51
CA HIS B 1783 7.55 17.55 23.84
C HIS B 1783 8.68 18.12 24.70
N ILE B 1784 8.47 18.19 26.02
CA ILE B 1784 9.48 18.72 26.91
C ILE B 1784 10.75 17.89 26.86
N ASP B 1785 10.62 16.57 27.00
CA ASP B 1785 11.83 15.74 27.06
C ASP B 1785 12.49 15.64 25.68
N SER B 1786 11.68 15.73 24.61
CA SER B 1786 12.26 15.79 23.28
C SER B 1786 13.10 17.05 23.09
N LEU B 1787 12.58 18.20 23.53
CA LEU B 1787 13.35 19.43 23.44
C LEU B 1787 14.62 19.35 24.26
N MET B 1788 14.52 18.82 25.48
CA MET B 1788 15.71 18.70 26.32
C MET B 1788 16.77 17.82 25.66
N GLU B 1789 16.37 16.65 25.18
CA GLU B 1789 17.32 15.73 24.57
C GLU B 1789 17.86 16.25 23.25
N GLU B 1790 17.11 17.12 22.56
CA GLU B 1790 17.55 17.62 21.26
C GLU B 1790 18.30 18.94 21.33
N TRP B 1791 18.27 19.65 22.45
CA TRP B 1791 18.97 20.93 22.53
C TRP B 1791 19.94 21.07 23.68
N PHE B 1792 19.74 20.38 24.81
CA PHE B 1792 20.64 20.48 25.95
C PHE B 1792 21.00 19.09 26.43
N PRO B 1793 21.82 18.36 25.67
CA PRO B 1793 22.22 17.02 26.11
C PRO B 1793 23.01 17.02 27.40
N GLY B 1794 23.70 18.11 27.71
CA GLY B 1794 24.48 18.16 28.94
C GLY B 1794 23.62 18.06 30.19
N LEU B 1795 22.41 18.62 30.14
CA LEU B 1795 21.52 18.57 31.29
C LEU B 1795 21.16 17.13 31.63
N LEU B 1796 20.49 16.44 30.71
CA LEU B 1796 20.04 15.08 30.98
C LEU B 1796 21.18 14.08 30.74
N GLU B 1797 22.32 14.34 31.36
CA GLU B 1797 23.47 13.44 31.29
C GLU B 1797 23.79 12.95 32.70
N ILE B 1798 23.88 11.63 32.85
CA ILE B 1798 24.15 11.02 34.16
C ILE B 1798 25.58 11.30 34.57
N GLU B 1805 22.71 12.83 40.64
CA GLU B 1805 22.34 14.24 40.48
C GLU B 1805 21.64 14.47 39.14
N THR B 1806 22.44 14.41 38.07
CA THR B 1806 21.95 14.52 36.69
C THR B 1806 21.41 15.93 36.41
N LEU B 1807 21.45 16.81 37.40
CA LEU B 1807 21.06 18.20 37.24
C LEU B 1807 19.63 18.37 36.73
N LEU B 1808 18.86 17.29 36.72
CA LEU B 1808 17.48 17.33 36.21
C LEU B 1808 16.69 16.28 36.99
N LYS B 1809 16.00 16.73 38.04
CA LYS B 1809 15.13 15.86 38.83
C LYS B 1809 13.68 16.14 38.44
N LYS B 1810 13.02 15.12 37.89
CA LYS B 1810 11.64 15.23 37.45
C LYS B 1810 10.73 14.75 38.58
N TRP B 1811 10.26 15.69 39.39
CA TRP B 1811 9.42 15.36 40.52
C TRP B 1811 7.98 15.15 40.08
N ALA B 1812 7.34 14.14 40.66
CA ALA B 1812 5.92 13.89 40.48
C ALA B 1812 5.25 13.96 41.85
N LEU B 1813 4.33 14.90 42.01
CA LEU B 1813 3.72 15.13 43.31
C LEU B 1813 2.44 14.28 43.45
N TYR B 1814 2.16 13.90 44.69
CA TYR B 1814 1.00 13.07 44.99
C TYR B 1814 0.49 13.39 46.38
N SER B 1815 -0.77 13.05 46.64
CA SER B 1815 -1.38 13.26 47.94
C SER B 1815 -2.45 12.20 48.15
N PHE B 1816 -2.28 11.38 49.20
CA PHE B 1816 -3.25 10.33 49.48
C PHE B 1816 -4.61 10.93 49.84
N ASN B 1817 -4.63 11.96 50.67
CA ASN B 1817 -5.87 12.58 51.11
C ASN B 1817 -6.42 13.52 50.05
N LYS B 1824 1.03 17.85 49.49
CA LYS B 1824 1.63 17.10 48.38
C LYS B 1824 2.97 16.51 48.80
N ILE B 1825 3.30 15.36 48.25
CA ILE B 1825 4.53 14.63 48.61
C ILE B 1825 5.37 14.46 47.34
N LEU B 1826 6.65 14.78 47.46
CA LEU B 1826 7.57 14.62 46.33
C LEU B 1826 7.75 13.13 46.00
N LEU B 1827 7.99 12.85 44.74
CA LEU B 1827 8.28 11.49 44.29
C LEU B 1827 9.10 11.54 43.02
N ASP B 1828 10.24 10.86 43.00
CA ASP B 1828 11.08 10.83 41.82
C ASP B 1828 10.41 10.04 40.71
N ASP B 1829 10.46 10.59 39.49
CA ASP B 1829 9.90 9.88 38.35
C ASP B 1829 10.69 8.61 38.04
N LEU B 1830 12.01 8.66 38.25
CA LEU B 1830 12.81 7.45 38.06
C LEU B 1830 12.43 6.37 39.07
N MET B 1831 12.22 6.75 40.32
CA MET B 1831 11.76 5.79 41.33
C MET B 1831 10.39 5.26 40.99
N LYS B 1832 9.51 6.13 40.48
CA LYS B 1832 8.17 5.70 40.08
C LYS B 1832 8.26 4.68 38.95
N LYS B 1833 9.14 4.92 37.99
CA LYS B 1833 9.34 3.96 36.90
C LYS B 1833 9.90 2.64 37.43
N ALA B 1834 10.83 2.73 38.39
CA ALA B 1834 11.37 1.51 38.99
C ALA B 1834 10.29 0.73 39.72
N GLU B 1835 9.32 1.42 40.30
CA GLU B 1835 8.22 0.76 41.00
C GLU B 1835 7.11 0.37 40.01
N GLU B 1836 7.48 -0.33 38.95
CA GLU B 1836 6.52 -0.78 37.94
C GLU B 1836 6.08 -2.23 38.15
N GLY B 1837 6.57 -2.89 39.19
CA GLY B 1837 6.21 -4.28 39.41
C GLY B 1837 4.74 -4.47 39.74
N ASP B 1838 4.09 -3.43 40.25
CA ASP B 1838 2.68 -3.45 40.60
C ASP B 1838 1.96 -2.27 39.95
N LEU B 1839 0.63 -2.28 40.05
CA LEU B 1839 -0.20 -1.20 39.54
C LEU B 1839 -0.70 -0.27 40.63
N LEU B 1840 -0.39 -0.55 41.89
CA LEU B 1840 -0.79 0.28 43.03
C LEU B 1840 0.46 0.63 43.83
N VAL B 1841 0.62 1.90 44.16
CA VAL B 1841 1.74 2.37 44.98
C VAL B 1841 1.21 2.65 46.38
N ASN B 1842 1.89 2.12 47.39
CA ASN B 1842 1.51 2.34 48.76
C ASN B 1842 2.73 2.69 49.59
N PRO B 1843 2.56 3.52 50.63
CA PRO B 1843 3.68 3.84 51.50
C PRO B 1843 3.94 2.72 52.51
N ASP B 1844 4.83 2.98 53.47
CA ASP B 1844 5.07 2.00 54.53
C ASP B 1844 3.77 1.61 55.22
N GLN B 1845 2.84 2.55 55.37
CA GLN B 1845 1.51 2.24 55.87
C GLN B 1845 0.71 1.55 54.76
N PRO B 1846 0.17 0.35 55.00
CA PRO B 1846 -0.29 -0.49 53.89
C PRO B 1846 -1.74 -0.29 53.45
N ARG B 1847 -2.62 0.20 54.33
CA ARG B 1847 -4.04 0.20 54.00
C ARG B 1847 -4.44 1.31 53.04
N LEU B 1848 -3.55 2.25 52.74
CA LEU B 1848 -3.84 3.33 51.79
C LEU B 1848 -2.89 3.20 50.61
N THR B 1849 -3.42 3.43 49.41
CA THR B 1849 -2.65 3.26 48.19
C THR B 1849 -3.26 4.10 47.08
N ILE B 1850 -2.48 4.31 46.03
CA ILE B 1850 -2.89 5.11 44.88
C ILE B 1850 -2.61 4.35 43.60
N PRO B 1851 -3.54 4.33 42.63
CA PRO B 1851 -3.24 3.70 41.34
C PRO B 1851 -2.13 4.45 40.63
N ILE B 1852 -1.32 3.69 39.87
CA ILE B 1852 -0.16 4.29 39.20
C ILE B 1852 -0.61 5.27 38.14
N SER B 1853 -1.63 4.90 37.35
CA SER B 1853 -2.07 5.71 36.23
C SER B 1853 -2.67 7.04 36.67
N GLN B 1854 -3.21 7.11 37.89
CA GLN B 1854 -3.81 8.34 38.38
C GLN B 1854 -2.77 9.43 38.63
N ILE B 1855 -1.54 9.06 39.00
CA ILE B 1855 -0.51 10.04 39.31
C ILE B 1855 0.54 10.17 38.21
N ALA B 1856 0.83 9.10 37.48
CA ALA B 1856 1.79 9.13 36.37
C ALA B 1856 1.11 8.60 35.11
N PRO B 1857 0.17 9.36 34.54
CA PRO B 1857 -0.51 8.89 33.33
C PRO B 1857 0.42 8.72 32.14
N ASP B 1858 1.57 9.41 32.14
CA ASP B 1858 2.52 9.23 31.06
C ASP B 1858 3.24 7.90 31.16
N LEU B 1859 3.46 7.40 32.38
CA LEU B 1859 4.20 6.16 32.55
C LEU B 1859 3.39 4.95 32.12
N ILE B 1860 2.28 4.68 32.79
CA ILE B 1860 1.38 3.59 32.43
C ILE B 1860 0.37 4.13 31.43
N LEU B 1861 0.02 3.31 30.43
CA LEU B 1861 -0.79 3.78 29.31
C LEU B 1861 -2.18 4.16 29.79
N ALA B 1862 -2.42 5.47 29.89
CA ALA B 1862 -3.73 6.02 30.19
C ALA B 1862 -4.21 7.01 29.15
N ASP B 1863 -3.29 7.66 28.43
CA ASP B 1863 -3.68 8.48 27.29
C ASP B 1863 -4.32 7.63 26.20
N LEU B 1864 -3.79 6.43 25.98
CA LEU B 1864 -4.40 5.47 25.09
C LEU B 1864 -5.70 4.96 25.69
N PRO B 1865 -6.62 4.46 24.86
CA PRO B 1865 -7.90 3.96 25.39
C PRO B 1865 -7.68 2.85 26.42
N ARG B 1866 -8.53 2.85 27.45
CA ARG B 1866 -8.42 1.85 28.50
C ARG B 1866 -8.66 0.43 27.97
N ASN B 1867 -9.31 0.31 26.82
CA ASN B 1867 -9.47 -0.99 26.19
C ASN B 1867 -8.13 -1.61 25.83
N ILE B 1868 -7.12 -0.77 25.56
CA ILE B 1868 -5.77 -1.27 25.29
C ILE B 1868 -5.09 -1.39 26.65
N MET B 1869 -5.32 -2.52 27.30
CA MET B 1869 -4.74 -2.78 28.62
C MET B 1869 -4.63 -4.30 28.76
N LEU B 1870 -3.43 -4.82 28.56
CA LEU B 1870 -3.23 -6.27 28.59
C LEU B 1870 -3.38 -6.82 29.99
N ASN B 1871 -3.82 -8.07 30.07
CA ASN B 1871 -3.95 -8.80 31.33
C ASN B 1871 -2.89 -9.90 31.32
N ASN B 1872 -1.99 -9.87 32.30
CA ASN B 1872 -0.85 -10.78 32.35
C ASN B 1872 -1.30 -12.24 32.42
N ASP B 1873 -2.39 -12.49 33.15
CA ASP B 1873 -2.87 -13.86 33.30
C ASP B 1873 -3.33 -14.47 31.98
N GLU B 1874 -3.65 -13.65 30.98
CA GLU B 1874 -4.12 -14.16 29.70
C GLU B 1874 -2.99 -14.35 28.70
N LEU B 1875 -2.09 -13.37 28.59
CA LEU B 1875 -1.03 -13.41 27.59
C LEU B 1875 0.00 -14.48 27.94
N GLU B 1876 0.68 -14.98 26.91
CA GLU B 1876 1.72 -15.99 27.08
C GLU B 1876 2.93 -15.67 26.22
N PHE B 1877 3.27 -14.39 26.10
CA PHE B 1877 4.33 -13.96 25.20
C PHE B 1877 5.70 -14.39 25.70
N GLU B 1878 6.23 -15.46 25.12
CA GLU B 1878 7.55 -15.98 25.47
C GLU B 1878 8.49 -15.69 24.31
N GLN B 1879 9.65 -15.10 24.61
CA GLN B 1879 10.62 -14.75 23.58
C GLN B 1879 11.39 -15.98 23.12
N ALA B 1880 10.71 -16.87 22.39
CA ALA B 1880 11.32 -18.08 21.85
C ALA B 1880 11.77 -17.83 20.42
N PRO B 1881 12.76 -18.56 19.90
CA PRO B 1881 13.28 -18.25 18.56
C PRO B 1881 12.44 -18.82 17.44
N GLU B 1882 11.22 -19.28 17.75
CA GLU B 1882 10.31 -19.73 16.69
C GLU B 1882 8.91 -19.15 16.90
N PHE B 1883 8.57 -18.80 18.14
CA PHE B 1883 7.30 -18.12 18.39
C PHE B 1883 7.25 -16.75 17.71
N LEU B 1884 8.39 -16.21 17.32
CA LEU B 1884 8.40 -14.95 16.58
C LEU B 1884 7.90 -15.18 15.16
N LEU B 1885 7.32 -14.12 14.58
CA LEU B 1885 6.81 -14.21 13.22
C LEU B 1885 7.68 -13.44 12.23
N GLY B 1886 8.42 -12.45 12.71
CA GLY B 1886 9.28 -11.67 11.85
C GLY B 1886 9.89 -10.52 12.62
N ASP B 1887 10.77 -9.80 11.94
CA ASP B 1887 11.45 -8.64 12.50
C ASP B 1887 11.06 -7.40 11.72
N GLY B 1888 11.11 -6.26 12.41
CA GLY B 1888 10.77 -5.01 11.75
C GLY B 1888 10.89 -3.77 12.61
N SER B 1889 11.49 -2.71 12.06
CA SER B 1889 11.63 -1.43 12.73
C SER B 1889 12.27 -1.54 14.11
N PHE B 1890 11.68 -0.88 15.10
CA PHE B 1890 12.25 -0.81 16.44
C PHE B 1890 11.79 -1.98 17.30
N GLY B 1891 12.06 -3.21 16.89
CA GLY B 1891 11.70 -4.38 17.66
C GLY B 1891 11.29 -5.52 16.76
N SER B 1892 10.63 -6.51 17.36
CA SER B 1892 10.16 -7.69 16.67
C SER B 1892 8.73 -8.01 17.09
N VAL B 1893 8.16 -9.04 16.44
CA VAL B 1893 6.80 -9.48 16.70
C VAL B 1893 6.80 -10.98 16.94
N TYR B 1894 6.01 -11.42 17.91
CA TYR B 1894 5.91 -12.84 18.28
C TYR B 1894 4.43 -13.25 18.24
N ARG B 1895 4.16 -14.46 18.75
CA ARG B 1895 2.80 -14.99 18.83
C ARG B 1895 2.56 -15.56 20.21
N ALA B 1896 1.33 -15.46 20.69
CA ALA B 1896 0.99 -15.94 22.02
C ALA B 1896 -0.51 -16.05 22.17
N ALA B 1897 -0.94 -16.85 23.14
CA ALA B 1897 -2.36 -16.95 23.45
C ALA B 1897 -2.77 -15.79 24.35
N TYR B 1898 -3.77 -15.04 23.88
CA TYR B 1898 -4.31 -13.93 24.66
C TYR B 1898 -5.79 -13.75 24.35
N GLU B 1899 -6.66 -14.33 25.19
CA GLU B 1899 -8.11 -14.27 25.01
C GLU B 1899 -8.50 -14.62 23.57
N GLY B 1900 -7.73 -15.52 22.97
CA GLY B 1900 -7.89 -15.87 21.57
C GLY B 1900 -7.03 -17.04 21.17
N GLU B 1901 -6.85 -17.25 19.87
CA GLU B 1901 -6.14 -18.43 19.41
C GLU B 1901 -4.62 -18.27 19.44
N GLU B 1902 -4.09 -17.36 18.62
CA GLU B 1902 -2.65 -17.20 18.47
C GLU B 1902 -2.28 -15.73 18.29
N VAL B 1903 -2.87 -14.85 19.12
CA VAL B 1903 -2.76 -13.41 18.89
C VAL B 1903 -1.31 -12.97 19.02
N ALA B 1904 -0.85 -12.15 18.08
CA ALA B 1904 0.56 -11.83 17.98
C ALA B 1904 0.96 -10.80 19.03
N VAL B 1905 2.23 -10.82 19.40
CA VAL B 1905 2.78 -9.89 20.38
C VAL B 1905 4.01 -9.23 19.79
N LYS B 1906 4.02 -7.90 19.76
CA LYS B 1906 5.18 -7.14 19.30
C LYS B 1906 6.04 -6.79 20.51
N ILE B 1907 7.12 -7.55 20.71
CA ILE B 1907 8.03 -7.28 21.81
C ILE B 1907 9.05 -6.25 21.35
N PHE B 1908 9.40 -5.32 22.24
CA PHE B 1908 10.31 -4.25 21.87
C PHE B 1908 11.75 -4.59 22.24
N ASN B 1909 12.68 -4.14 21.41
CA ASN B 1909 14.10 -4.41 21.63
C ASN B 1909 14.61 -3.63 22.84
N HIS B 1911 16.62 -1.56 24.67
CA HIS B 1911 17.26 -0.40 24.04
C HIS B 1911 16.23 0.67 23.70
N THR B 1912 14.95 0.29 23.71
CA THR B 1912 13.87 1.23 23.42
C THR B 1912 13.55 2.08 24.65
N SER B 1913 12.50 2.89 24.56
CA SER B 1913 12.13 3.78 25.66
C SER B 1913 10.63 4.05 25.61
N LEU B 1914 10.09 4.47 26.74
CA LEU B 1914 8.67 4.83 26.86
C LEU B 1914 8.40 6.21 26.30
N ARG B 1915 9.39 6.79 25.62
CA ARG B 1915 9.20 8.00 24.84
C ARG B 1915 8.93 7.70 23.38
N LEU B 1916 9.65 6.73 22.80
CA LEU B 1916 9.31 6.24 21.47
C LEU B 1916 8.08 5.34 21.52
N LEU B 1917 7.91 4.60 22.62
CA LEU B 1917 6.71 3.79 22.78
C LEU B 1917 5.45 4.64 22.77
N ARG B 1918 5.52 5.82 23.39
CA ARG B 1918 4.35 6.70 23.40
C ARG B 1918 3.97 7.12 22.00
N GLN B 1919 4.95 7.54 21.20
CA GLN B 1919 4.67 7.98 19.84
C GLN B 1919 4.13 6.82 19.00
N GLU B 1920 4.75 5.64 19.14
CA GLU B 1920 4.29 4.50 18.36
C GLU B 1920 2.87 4.11 18.73
N LEU B 1921 2.55 4.10 20.03
CA LEU B 1921 1.20 3.75 20.46
C LEU B 1921 0.19 4.79 19.97
N VAL B 1922 0.54 6.07 20.03
CA VAL B 1922 -0.43 7.10 19.66
C VAL B 1922 -0.69 7.08 18.15
N VAL B 1923 0.35 6.78 17.35
CA VAL B 1923 0.10 6.71 15.91
C VAL B 1923 -0.66 5.43 15.56
N LEU B 1924 -0.31 4.32 16.21
CA LEU B 1924 -0.97 3.05 15.90
C LEU B 1924 -2.43 3.03 16.33
N CYS B 1925 -2.77 3.65 17.45
CA CYS B 1925 -4.15 3.66 17.91
C CYS B 1925 -4.92 4.79 17.25
N HIS B 1926 -6.21 4.89 17.60
CA HIS B 1926 -7.14 5.90 17.07
C HIS B 1926 -7.18 5.88 15.54
N LEU B 1927 -6.75 4.79 14.94
CA LEU B 1927 -6.77 4.62 13.49
C LEU B 1927 -7.37 3.26 13.18
N HIS B 1928 -8.64 3.24 12.79
CA HIS B 1928 -9.35 2.01 12.48
C HIS B 1928 -9.66 2.00 10.99
N HIS B 1929 -9.22 0.95 10.30
CA HIS B 1929 -9.44 0.82 8.86
C HIS B 1929 -9.33 -0.65 8.50
N PRO B 1930 -10.11 -1.11 7.51
CA PRO B 1930 -10.00 -2.52 7.10
C PRO B 1930 -8.61 -2.92 6.62
N SER B 1931 -7.88 -2.02 5.98
CA SER B 1931 -6.55 -2.33 5.49
C SER B 1931 -5.44 -2.08 6.50
N LEU B 1932 -5.78 -1.60 7.70
CA LEU B 1932 -4.81 -1.40 8.75
C LEU B 1932 -4.79 -2.61 9.69
N ILE B 1933 -3.61 -2.94 10.18
CA ILE B 1933 -3.46 -4.06 11.10
C ILE B 1933 -3.75 -3.60 12.53
N SER B 1934 -5.02 -3.65 12.91
CA SER B 1934 -5.43 -3.14 14.21
C SER B 1934 -4.81 -3.94 15.35
N LEU B 1935 -4.45 -3.25 16.42
CA LEU B 1935 -3.91 -3.88 17.61
C LEU B 1935 -5.00 -4.07 18.65
N LEU B 1936 -4.79 -5.06 19.52
CA LEU B 1936 -5.78 -5.41 20.53
C LEU B 1936 -5.47 -4.77 21.88
N ALA B 1937 -4.27 -5.00 22.41
CA ALA B 1937 -3.90 -4.54 23.74
C ALA B 1937 -2.44 -4.12 23.79
N ALA B 1938 -2.07 -3.50 24.90
CA ALA B 1938 -0.69 -3.10 25.16
C ALA B 1938 -0.32 -3.46 26.59
N GLY B 1939 0.93 -3.81 26.79
CA GLY B 1939 1.44 -4.12 28.12
C GLY B 1939 2.74 -3.39 28.35
N ILE B 1940 3.11 -3.27 29.63
CA ILE B 1940 4.28 -2.49 30.00
C ILE B 1940 5.35 -3.38 30.60
N ARG B 1941 4.99 -4.63 30.93
CA ARG B 1941 5.93 -5.48 31.62
C ARG B 1941 7.12 -5.87 30.74
N PRO B 1942 6.94 -6.66 29.63
CA PRO B 1942 7.92 -6.55 28.54
C PRO B 1942 7.90 -5.19 27.84
N ARG B 1943 6.90 -4.36 28.13
CA ARG B 1943 6.61 -3.17 27.33
C ARG B 1943 6.34 -3.58 25.89
N MET B 1944 5.25 -4.32 25.68
CA MET B 1944 4.96 -4.96 24.40
C MET B 1944 3.61 -4.51 23.87
N LEU B 1945 3.38 -4.82 22.60
CA LEU B 1945 2.10 -4.58 21.93
C LEU B 1945 1.49 -5.92 21.51
N VAL B 1946 0.19 -5.90 21.24
CA VAL B 1946 -0.55 -7.09 20.84
C VAL B 1946 -1.29 -6.77 19.54
N MET B 1947 -1.09 -7.61 18.52
CA MET B 1947 -1.62 -7.37 17.19
C MET B 1947 -2.34 -8.62 16.66
N GLU B 1948 -3.05 -8.41 15.55
CA GLU B 1948 -3.77 -9.50 14.91
C GLU B 1948 -2.85 -10.32 14.02
N LEU B 1949 -3.37 -11.42 13.48
CA LEU B 1949 -2.57 -12.40 12.74
C LEU B 1949 -2.82 -12.31 11.25
N ALA B 1950 -1.75 -12.34 10.48
CA ALA B 1950 -1.85 -12.69 9.07
C ALA B 1950 -1.94 -14.20 8.97
N SER B 1951 -3.15 -14.73 8.76
CA SER B 1951 -3.37 -16.16 8.89
C SER B 1951 -2.54 -16.94 7.87
N LYS B 1952 -2.43 -16.44 6.65
CA LYS B 1952 -1.73 -17.17 5.59
C LYS B 1952 -0.31 -16.66 5.37
N GLY B 1953 0.22 -15.84 6.26
CA GLY B 1953 1.60 -15.41 6.18
C GLY B 1953 1.75 -14.03 5.57
N SER B 1954 3.00 -13.67 5.32
CA SER B 1954 3.34 -12.36 4.79
C SER B 1954 3.63 -12.47 3.29
N LEU B 1955 3.55 -11.33 2.60
CA LEU B 1955 3.59 -11.29 1.15
C LEU B 1955 4.92 -11.78 0.61
N ASP B 1956 6.03 -11.49 1.31
CA ASP B 1956 7.32 -12.01 0.87
C ASP B 1956 7.31 -13.53 0.85
N ARG B 1957 6.81 -14.14 1.94
CA ARG B 1957 6.74 -15.60 2.00
C ARG B 1957 5.81 -16.14 0.92
N LEU B 1958 4.68 -15.47 0.70
CA LEU B 1958 3.78 -15.88 -0.37
C LEU B 1958 4.50 -15.92 -1.72
N LEU B 1959 5.17 -14.81 -2.06
CA LEU B 1959 5.86 -14.73 -3.35
C LEU B 1959 6.94 -15.81 -3.47
N GLN B 1960 7.76 -15.96 -2.43
CA GLN B 1960 8.93 -16.81 -2.55
C GLN B 1960 8.57 -18.29 -2.48
N GLN B 1961 7.51 -18.64 -1.74
CA GLN B 1961 7.15 -20.04 -1.57
C GLN B 1961 6.08 -20.48 -2.57
N ASP B 1962 4.92 -19.83 -2.54
CA ASP B 1962 3.77 -20.23 -3.35
C ASP B 1962 3.49 -19.13 -4.36
N LYS B 1963 4.18 -19.17 -5.49
CA LYS B 1963 3.93 -18.25 -6.59
C LYS B 1963 2.78 -18.70 -7.48
N ALA B 1964 2.35 -19.96 -7.37
CA ALA B 1964 1.25 -20.46 -8.18
C ALA B 1964 -0.12 -20.21 -7.55
N SER B 1965 -0.15 -19.72 -6.30
CA SER B 1965 -1.40 -19.43 -5.62
C SER B 1965 -1.89 -18.01 -5.85
N LEU B 1966 -1.18 -17.24 -6.67
CA LEU B 1966 -1.54 -15.85 -6.95
C LEU B 1966 -2.37 -15.81 -8.24
N THR B 1967 -3.65 -15.51 -8.10
CA THR B 1967 -4.54 -15.41 -9.24
C THR B 1967 -4.50 -14.00 -9.82
N ARG B 1968 -5.09 -13.86 -11.02
CA ARG B 1968 -5.23 -12.53 -11.62
C ARG B 1968 -6.17 -11.64 -10.82
N THR B 1969 -7.06 -12.22 -10.03
CA THR B 1969 -7.94 -11.46 -9.15
C THR B 1969 -7.39 -11.32 -7.75
N LEU B 1970 -6.38 -12.11 -7.38
CA LEU B 1970 -5.76 -12.01 -6.06
C LEU B 1970 -4.73 -10.89 -6.02
N GLN B 1971 -3.90 -10.79 -7.06
CA GLN B 1971 -2.91 -9.72 -7.13
C GLN B 1971 -3.58 -8.36 -7.15
N HIS B 1972 -4.64 -8.22 -7.95
CA HIS B 1972 -5.36 -6.96 -7.99
C HIS B 1972 -6.03 -6.65 -6.66
N ARG B 1973 -6.57 -7.67 -5.98
CA ARG B 1973 -7.21 -7.43 -4.70
C ARG B 1973 -6.20 -6.96 -3.67
N ILE B 1974 -5.02 -7.58 -3.64
CA ILE B 1974 -3.96 -7.17 -2.73
C ILE B 1974 -3.55 -5.73 -3.03
N ALA B 1975 -3.37 -5.41 -4.31
CA ALA B 1975 -2.99 -4.06 -4.69
C ALA B 1975 -4.06 -3.06 -4.29
N LEU B 1976 -5.33 -3.40 -4.51
CA LEU B 1976 -6.41 -2.49 -4.17
C LEU B 1976 -6.46 -2.22 -2.68
N HIS B 1977 -6.30 -3.27 -1.86
CA HIS B 1977 -6.40 -3.07 -0.42
C HIS B 1977 -5.19 -2.31 0.12
N VAL B 1978 -4.00 -2.58 -0.40
CA VAL B 1978 -2.82 -1.81 0.00
C VAL B 1978 -2.99 -0.35 -0.40
N ALA B 1979 -3.53 -0.10 -1.59
CA ALA B 1979 -3.77 1.27 -2.02
C ALA B 1979 -4.80 1.96 -1.13
N ASP B 1980 -5.82 1.23 -0.71
CA ASP B 1980 -6.83 1.81 0.19
C ASP B 1980 -6.21 2.17 1.53
N GLY B 1981 -5.36 1.28 2.06
CA GLY B 1981 -4.68 1.60 3.31
C GLY B 1981 -3.77 2.81 3.18
N LEU B 1982 -3.03 2.90 2.07
CA LEU B 1982 -2.18 4.06 1.84
C LEU B 1982 -2.99 5.33 1.68
N ARG B 1983 -4.16 5.22 1.05
CA ARG B 1983 -5.06 6.37 0.94
C ARG B 1983 -5.51 6.84 2.31
N TYR B 1984 -5.88 5.91 3.19
CA TYR B 1984 -6.28 6.30 4.54
C TYR B 1984 -5.11 6.93 5.29
N LEU B 1985 -3.90 6.39 5.09
CA LEU B 1985 -2.73 6.96 5.74
C LEU B 1985 -2.49 8.39 5.29
N HIS B 1986 -2.60 8.64 3.98
CA HIS B 1986 -2.41 10.00 3.48
C HIS B 1986 -3.53 10.93 3.93
N SER B 1987 -4.75 10.44 4.00
CA SER B 1987 -5.87 11.24 4.48
C SER B 1987 -5.70 11.54 5.96
N ALA B 1988 -4.88 10.73 6.64
CA ALA B 1988 -4.51 10.99 8.03
C ALA B 1988 -3.20 11.78 8.10
N MET B 1989 -2.67 12.21 6.96
CA MET B 1989 -1.46 13.03 6.89
C MET B 1989 -0.27 12.33 7.56
N ILE B 1990 -0.10 11.04 7.23
CA ILE B 1990 1.01 10.25 7.74
C ILE B 1990 1.67 9.55 6.56
N ILE B 1991 3.00 9.66 6.47
CA ILE B 1991 3.74 8.98 5.43
C ILE B 1991 4.10 7.58 5.92
N TYR B 1992 4.43 6.70 4.96
CA TYR B 1992 4.77 5.32 5.28
C TYR B 1992 6.23 5.00 4.95
N ARG B 1993 6.63 5.17 3.69
CA ARG B 1993 8.02 4.99 3.24
C ARG B 1993 8.57 3.62 3.64
N ASP B 1994 7.68 2.63 3.69
CA ASP B 1994 8.12 1.29 4.09
C ASP B 1994 7.48 0.16 3.29
N LEU B 1995 6.64 0.50 2.30
CA LEU B 1995 6.03 -0.51 1.45
C LEU B 1995 7.05 -1.48 0.87
N LYS B 1996 6.82 -2.77 1.11
CA LYS B 1996 7.63 -3.85 0.55
C LYS B 1996 6.93 -5.18 0.84
N PRO B 1997 7.27 -6.25 0.12
CA PRO B 1997 6.61 -7.54 0.40
C PRO B 1997 6.77 -8.02 1.83
N HIS B 1998 7.86 -7.63 2.50
CA HIS B 1998 8.06 -8.04 3.89
C HIS B 1998 7.03 -7.38 4.81
N ASN B 1999 6.43 -6.29 4.37
CA ASN B 1999 5.59 -5.49 5.26
C ASN B 1999 4.11 -5.68 4.98
N VAL B 2000 3.73 -6.29 3.87
CA VAL B 2000 2.32 -6.52 3.56
C VAL B 2000 1.92 -7.90 4.09
N LEU B 2001 0.77 -7.97 4.77
CA LEU B 2001 0.30 -9.18 5.41
C LEU B 2001 -0.97 -9.67 4.73
N LEU B 2002 -1.06 -10.98 4.52
CA LEU B 2002 -2.24 -11.60 3.92
C LEU B 2002 -3.00 -12.39 4.97
N PHE B 2003 -4.33 -12.27 4.93
CA PHE B 2003 -5.20 -12.97 5.87
C PHE B 2003 -5.83 -14.23 5.25
N THR B 2004 -6.54 -14.07 4.14
CA THR B 2004 -7.18 -15.20 3.47
C THR B 2004 -6.77 -15.22 2.01
N LEU B 2005 -6.63 -16.43 1.46
CA LEU B 2005 -6.33 -16.63 0.06
C LEU B 2005 -7.58 -16.80 -0.79
N TYR B 2006 -8.74 -16.40 -0.27
CA TYR B 2006 -9.99 -16.46 -1.00
C TYR B 2006 -10.13 -15.19 -1.83
N PRO B 2007 -10.12 -15.29 -3.17
CA PRO B 2007 -10.10 -14.09 -4.02
C PRO B 2007 -11.14 -13.04 -3.67
N ASN B 2008 -12.41 -13.41 -3.70
CA ASN B 2008 -13.49 -12.43 -3.51
C ASN B 2008 -13.90 -12.33 -2.04
N ALA B 2009 -12.92 -12.11 -1.17
CA ALA B 2009 -13.19 -11.98 0.26
C ALA B 2009 -13.42 -10.52 0.60
N ALA B 2010 -13.54 -10.22 1.90
CA ALA B 2010 -13.69 -8.85 2.37
C ALA B 2010 -12.40 -8.26 2.93
N ILE B 2011 -11.48 -9.10 3.41
CA ILE B 2011 -10.19 -8.64 3.91
C ILE B 2011 -9.15 -9.62 3.39
N ILE B 2012 -8.23 -9.14 2.55
CA ILE B 2012 -7.17 -9.97 2.00
C ILE B 2012 -5.78 -9.50 2.39
N ALA B 2013 -5.49 -8.20 2.28
CA ALA B 2013 -4.15 -7.72 2.57
C ALA B 2013 -4.24 -6.50 3.47
N LYS B 2014 -3.23 -6.34 4.32
CA LYS B 2014 -3.12 -5.22 5.22
C LYS B 2014 -1.67 -4.75 5.29
N ILE B 2015 -1.48 -3.51 5.71
CA ILE B 2015 -0.15 -2.92 5.82
C ILE B 2015 0.27 -2.95 7.29
N ALA B 2016 1.47 -3.47 7.55
CA ALA B 2016 1.96 -3.68 8.90
C ALA B 2016 2.55 -2.41 9.50
N ASP B 2017 3.34 -2.59 10.57
CA ASP B 2017 3.95 -1.48 11.30
C ASP B 2017 4.53 -0.33 10.47
N TYR B 2018 4.26 0.89 10.92
CA TYR B 2018 4.65 2.11 10.23
C TYR B 2018 4.98 3.21 11.22
N GLY B 2019 6.24 3.60 11.27
CA GLY B 2019 6.69 4.64 12.18
C GLY B 2019 5.85 5.91 12.11
N GLY B 2034 15.84 3.87 2.93
CA GLY B 2034 14.95 3.01 3.68
C GLY B 2034 15.20 1.54 3.43
N THR B 2035 15.19 1.15 2.16
CA THR B 2035 15.40 -0.24 1.77
C THR B 2035 16.15 -0.24 0.45
N PRO B 2036 17.12 -1.15 0.27
CA PRO B 2036 17.84 -1.21 -1.00
C PRO B 2036 16.96 -1.58 -2.19
N GLY B 2037 16.08 -2.56 -2.00
CA GLY B 2037 15.20 -3.02 -3.06
C GLY B 2037 13.86 -2.32 -3.15
N PHE B 2038 13.50 -1.52 -2.16
CA PHE B 2038 12.22 -0.81 -2.14
C PHE B 2038 12.44 0.66 -1.83
N ARG B 2039 13.37 1.28 -2.55
CA ARG B 2039 13.80 2.65 -2.25
C ARG B 2039 12.91 3.67 -2.92
N ALA B 2040 12.73 4.80 -2.23
CA ALA B 2040 12.04 5.99 -2.72
C ALA B 2040 12.93 6.67 -3.74
N PRO B 2041 12.40 7.57 -4.58
CA PRO B 2041 13.25 8.15 -5.64
C PRO B 2041 14.44 8.94 -5.10
N GLU B 2042 14.20 9.90 -4.21
CA GLU B 2042 15.26 10.74 -3.68
C GLU B 2042 15.36 10.65 -2.15
N VAL B 2043 14.28 10.33 -1.46
CA VAL B 2043 14.32 10.25 0.00
C VAL B 2043 15.19 9.09 0.44
N ALA B 2044 14.99 7.91 -0.16
CA ALA B 2044 15.75 6.73 0.18
C ALA B 2044 16.94 6.49 -0.76
N ARG B 2045 17.19 7.39 -1.70
CA ARG B 2045 18.31 7.25 -2.62
C ARG B 2045 19.08 8.56 -2.73
N GLN B 2052 3.51 12.21 1.86
CA GLN B 2052 4.36 12.70 0.78
C GLN B 2052 4.20 11.83 -0.47
N GLN B 2053 4.64 12.38 -1.61
CA GLN B 2053 4.53 11.65 -2.87
C GLN B 2053 5.55 10.51 -2.96
N ALA B 2054 6.51 10.45 -2.05
CA ALA B 2054 7.50 9.38 -2.08
C ALA B 2054 6.85 8.03 -1.80
N ASP B 2055 5.73 8.03 -1.08
CA ASP B 2055 5.02 6.78 -0.82
C ASP B 2055 4.51 6.15 -2.10
N VAL B 2056 4.04 6.97 -3.04
CA VAL B 2056 3.49 6.45 -4.29
C VAL B 2056 4.56 5.71 -5.07
N TYR B 2057 5.78 6.26 -5.12
CA TYR B 2057 6.86 5.58 -5.83
C TYR B 2057 7.19 4.25 -5.19
N SER B 2058 7.19 4.19 -3.86
CA SER B 2058 7.35 2.91 -3.18
C SER B 2058 6.20 1.96 -3.53
N PHE B 2059 4.99 2.51 -3.64
CA PHE B 2059 3.84 1.71 -4.05
C PHE B 2059 4.04 1.15 -5.45
N GLY B 2060 4.62 1.95 -6.35
CA GLY B 2060 4.89 1.46 -7.69
C GLY B 2060 5.83 0.27 -7.70
N LEU B 2061 6.86 0.30 -6.84
CA LEU B 2061 7.76 -0.83 -6.74
C LEU B 2061 7.03 -2.08 -6.24
N LEU B 2062 6.13 -1.91 -5.27
CA LEU B 2062 5.32 -3.03 -4.81
C LEU B 2062 4.48 -3.61 -5.94
N LEU B 2063 3.88 -2.74 -6.75
CA LEU B 2063 3.09 -3.19 -7.89
C LEU B 2063 3.96 -3.91 -8.90
N TYR B 2064 5.19 -3.43 -9.10
CA TYR B 2064 6.08 -4.03 -10.09
C TYR B 2064 6.38 -5.49 -9.74
N ASP B 2065 6.67 -5.76 -8.47
CA ASP B 2065 7.04 -7.13 -8.09
C ASP B 2065 5.82 -8.04 -8.06
N ILE B 2066 4.68 -7.53 -7.58
CA ILE B 2066 3.46 -8.33 -7.59
C ILE B 2066 3.09 -8.72 -9.00
N LEU B 2067 3.18 -7.77 -9.93
CA LEU B 2067 3.04 -8.09 -11.35
C LEU B 2067 4.13 -9.06 -11.79
N THR B 2068 5.35 -8.89 -11.27
CA THR B 2068 6.47 -9.75 -11.63
C THR B 2068 6.40 -11.11 -10.96
N THR B 2069 5.90 -11.17 -9.72
CA THR B 2069 5.86 -12.39 -8.91
C THR B 2069 7.27 -12.90 -8.59
N GLY B 2070 8.11 -12.02 -8.03
CA GLY B 2070 9.39 -12.42 -7.48
C GLY B 2070 10.59 -12.19 -8.37
N GLY B 2071 10.63 -11.06 -9.08
CA GLY B 2071 11.78 -10.72 -9.89
C GLY B 2071 12.70 -9.71 -9.24
N ARG B 2072 12.13 -8.61 -8.74
CA ARG B 2072 12.95 -7.62 -8.05
C ARG B 2072 13.50 -8.18 -6.74
N ILE B 2073 12.66 -8.89 -5.98
CA ILE B 2073 13.15 -9.75 -4.92
C ILE B 2073 13.68 -11.04 -5.54
N VAL B 2074 14.48 -11.77 -4.76
CA VAL B 2074 15.27 -12.91 -5.25
C VAL B 2074 16.22 -12.39 -6.31
N GLU B 2075 16.60 -11.12 -6.17
CA GLU B 2075 17.66 -10.50 -6.97
C GLU B 2075 18.69 -9.86 -6.05
N GLY B 2076 18.75 -10.32 -4.80
CA GLY B 2076 19.73 -9.84 -3.85
C GLY B 2076 20.78 -10.89 -3.54
N LEU B 2077 20.65 -12.05 -4.17
CA LEU B 2077 21.59 -13.15 -3.98
C LEU B 2077 22.64 -13.23 -5.07
N LYS B 2078 22.27 -12.93 -6.32
CA LYS B 2078 23.22 -12.90 -7.42
C LYS B 2078 23.77 -11.51 -7.72
N PHE B 2079 23.06 -10.46 -7.35
CA PHE B 2079 23.51 -9.08 -7.51
C PHE B 2079 22.78 -8.21 -6.50
N PRO B 2080 23.21 -8.22 -5.23
CA PRO B 2080 22.47 -7.51 -4.16
C PRO B 2080 22.15 -6.06 -4.48
N ASN B 2081 23.15 -5.30 -4.90
CA ASN B 2081 22.96 -3.87 -5.11
C ASN B 2081 22.23 -3.53 -6.40
N GLU B 2082 22.05 -4.50 -7.30
CA GLU B 2082 21.37 -4.25 -8.56
C GLU B 2082 19.91 -3.84 -8.39
N PHE B 2083 19.33 -4.06 -7.20
CA PHE B 2083 17.98 -3.61 -6.90
C PHE B 2083 17.93 -2.16 -6.47
N ASP B 2084 19.08 -1.47 -6.44
CA ASP B 2084 19.13 -0.07 -6.03
C ASP B 2084 19.93 0.74 -7.04
N GLU B 2085 20.85 0.08 -7.75
CA GLU B 2085 21.85 0.76 -8.57
C GLU B 2085 21.36 1.04 -10.00
N LEU B 2086 20.07 0.87 -10.27
CA LEU B 2086 19.54 1.16 -11.59
C LEU B 2086 18.20 1.90 -11.58
N GLU B 2087 17.73 2.38 -10.44
CA GLU B 2087 16.48 3.09 -10.34
C GLU B 2087 16.68 4.50 -9.78
N ILE B 2088 17.83 5.10 -10.11
CA ILE B 2088 18.16 6.42 -9.58
C ILE B 2088 17.16 7.46 -10.08
N GLN B 2089 16.86 7.43 -11.38
CA GLN B 2089 15.94 8.38 -11.99
C GLN B 2089 15.24 7.72 -13.16
N GLY B 2090 14.06 7.14 -12.92
CA GLY B 2090 13.19 6.68 -13.97
C GLY B 2090 13.78 5.68 -14.95
N LYS B 2091 14.50 4.68 -14.43
CA LYS B 2091 15.09 3.62 -15.25
C LYS B 2091 14.58 2.28 -14.76
N LEU B 2092 13.72 1.63 -15.55
CA LEU B 2092 13.15 0.35 -15.18
C LEU B 2092 12.99 -0.55 -16.40
N PRO B 2093 13.35 -1.83 -16.30
CA PRO B 2093 13.13 -2.76 -17.42
C PRO B 2093 11.65 -3.03 -17.62
N ASP B 2094 11.29 -3.37 -18.85
CA ASP B 2094 9.91 -3.76 -19.14
C ASP B 2094 9.61 -5.07 -18.42
N PRO B 2095 8.57 -5.12 -17.58
CA PRO B 2095 8.36 -6.33 -16.76
C PRO B 2095 8.02 -7.57 -17.57
N VAL B 2096 7.13 -7.47 -18.55
CA VAL B 2096 6.66 -8.64 -19.27
C VAL B 2096 7.82 -9.30 -20.03
N LYS B 2097 8.63 -8.50 -20.71
CA LYS B 2097 9.74 -9.06 -21.47
C LYS B 2097 10.88 -9.47 -20.54
N GLU B 2098 11.12 -8.70 -19.48
CA GLU B 2098 12.24 -8.97 -18.58
C GLU B 2098 12.03 -10.26 -17.82
N TYR B 2099 10.81 -10.52 -17.37
CA TYR B 2099 10.56 -11.61 -16.42
C TYR B 2099 9.69 -12.73 -16.97
N GLY B 2100 9.00 -12.52 -18.10
CA GLY B 2100 8.18 -13.56 -18.68
C GLY B 2100 6.84 -13.76 -18.02
N CYS B 2101 6.44 -12.87 -17.10
CA CYS B 2101 5.14 -12.99 -16.46
C CYS B 2101 4.02 -12.74 -17.46
N ALA B 2102 2.81 -13.15 -17.10
CA ALA B 2102 1.64 -12.99 -17.97
C ALA B 2102 1.40 -11.52 -18.25
N PRO B 2103 1.12 -11.14 -19.50
CA PRO B 2103 0.87 -9.74 -19.82
C PRO B 2103 -0.35 -9.22 -19.07
N TRP B 2104 -0.28 -7.95 -18.69
CA TRP B 2104 -1.34 -7.34 -17.89
C TRP B 2104 -1.37 -5.84 -18.08
N PRO B 2105 -1.88 -5.34 -19.21
CA PRO B 2105 -1.88 -3.89 -19.45
C PRO B 2105 -2.83 -3.12 -18.56
N MET B 2106 -2.83 -1.80 -18.72
CA MET B 2106 -3.65 -0.86 -17.97
C MET B 2106 -3.27 -0.80 -16.49
N VAL B 2107 -2.33 -1.64 -16.08
CA VAL B 2107 -1.68 -1.48 -14.78
C VAL B 2107 -0.18 -1.44 -15.05
N GLU B 2108 0.24 -2.07 -16.15
CA GLU B 2108 1.60 -1.92 -16.62
C GLU B 2108 1.86 -0.49 -17.09
N LYS B 2109 0.84 0.16 -17.64
CA LYS B 2109 0.92 1.59 -17.87
C LYS B 2109 0.73 2.39 -16.59
N LEU B 2110 -0.02 1.85 -15.63
CA LEU B 2110 -0.24 2.58 -14.38
C LEU B 2110 1.05 2.75 -13.60
N ILE B 2111 1.87 1.70 -13.51
CA ILE B 2111 3.12 1.82 -12.78
C ILE B 2111 4.04 2.85 -13.44
N LYS B 2112 4.11 2.81 -14.78
CA LYS B 2112 4.94 3.78 -15.50
C LYS B 2112 4.45 5.21 -15.29
N GLN B 2113 3.14 5.42 -15.31
CA GLN B 2113 2.57 6.74 -15.14
C GLN B 2113 2.54 7.21 -13.70
N CYS B 2114 2.70 6.31 -12.74
CA CYS B 2114 2.71 6.66 -11.32
C CYS B 2114 4.11 6.91 -10.79
N LEU B 2115 5.07 6.05 -11.14
CA LEU B 2115 6.43 6.21 -10.65
C LEU B 2115 7.20 7.22 -11.50
N LYS B 2116 6.60 8.39 -11.68
CA LYS B 2116 7.24 9.46 -12.43
C LYS B 2116 8.47 9.97 -11.68
N GLU B 2117 9.50 10.37 -12.44
CA GLU B 2117 10.72 10.88 -11.82
C GLU B 2117 10.46 12.19 -11.09
N ASN B 2118 9.55 13.01 -11.62
CA ASN B 2118 9.19 14.27 -10.97
C ASN B 2118 8.12 13.98 -9.93
N PRO B 2119 8.40 14.17 -8.63
CA PRO B 2119 7.38 13.88 -7.61
C PRO B 2119 6.13 14.73 -7.74
N GLN B 2120 6.22 15.92 -8.33
CA GLN B 2120 5.05 16.74 -8.56
C GLN B 2120 4.17 16.22 -9.68
N GLU B 2121 4.67 15.30 -10.51
CA GLU B 2121 3.90 14.73 -11.60
C GLU B 2121 3.23 13.41 -11.22
N ARG B 2122 3.65 12.78 -10.13
CA ARG B 2122 3.05 11.52 -9.71
C ARG B 2122 1.63 11.75 -9.19
N PRO B 2123 0.73 10.81 -9.45
CA PRO B 2123 -0.65 10.95 -8.97
C PRO B 2123 -0.75 10.69 -7.47
N THR B 2124 -1.87 11.15 -6.90
CA THR B 2124 -2.11 10.97 -5.49
C THR B 2124 -2.51 9.53 -5.20
N SER B 2125 -2.40 9.17 -3.91
CA SER B 2125 -2.79 7.81 -3.50
C SER B 2125 -4.29 7.59 -3.69
N ALA B 2126 -5.09 8.62 -3.45
CA ALA B 2126 -6.53 8.51 -3.72
C ALA B 2126 -6.78 8.27 -5.20
N GLN B 2127 -6.04 8.97 -6.06
CA GLN B 2127 -6.20 8.78 -7.51
C GLN B 2127 -5.80 7.38 -7.93
N VAL B 2128 -4.68 6.87 -7.41
CA VAL B 2128 -4.26 5.52 -7.82
C VAL B 2128 -5.23 4.47 -7.28
N PHE B 2129 -5.78 4.70 -6.08
CA PHE B 2129 -6.82 3.81 -5.57
C PHE B 2129 -8.05 3.83 -6.48
N ASP B 2130 -8.46 5.02 -6.93
CA ASP B 2130 -9.61 5.12 -7.81
C ASP B 2130 -9.36 4.40 -9.14
N ILE B 2131 -8.15 4.54 -9.68
CA ILE B 2131 -7.85 3.87 -10.95
C ILE B 2131 -7.79 2.36 -10.76
N LEU B 2132 -7.27 1.90 -9.62
CA LEU B 2132 -7.31 0.47 -9.31
C LEU B 2132 -8.74 -0.02 -9.12
N ASN B 2133 -9.66 0.85 -8.71
CA ASN B 2133 -11.07 0.48 -8.55
C ASN B 2133 -11.78 0.58 -9.90
N SER B 2134 -11.44 -0.36 -10.78
CA SER B 2134 -12.06 -0.44 -12.10
C SER B 2134 -11.87 -1.84 -12.64
N ALA B 2135 -12.96 -2.49 -13.02
CA ALA B 2135 -12.87 -3.87 -13.51
C ALA B 2135 -12.19 -3.93 -14.87
N GLU B 2136 -12.10 -2.81 -15.58
CA GLU B 2136 -11.33 -2.78 -16.82
C GLU B 2136 -9.87 -3.11 -16.56
N LEU B 2137 -9.31 -2.57 -15.47
CA LEU B 2137 -7.96 -2.90 -15.07
C LEU B 2137 -7.81 -4.37 -14.71
N VAL B 2138 -8.90 -5.03 -14.32
CA VAL B 2138 -8.86 -6.44 -13.92
C VAL B 2138 -9.20 -7.38 -15.07
N CYS B 2139 -10.09 -6.99 -15.98
CA CYS B 2139 -10.57 -7.87 -17.03
C CYS B 2139 -9.74 -7.83 -18.30
N LEU B 2140 -9.20 -6.67 -18.67
CA LEU B 2140 -8.35 -6.60 -19.85
C LEU B 2140 -7.08 -7.41 -19.62
N THR B 2141 -6.67 -8.15 -20.65
CA THR B 2141 -5.47 -8.97 -20.57
C THR B 2141 -4.46 -8.69 -21.67
N ARG B 2142 -4.87 -8.12 -22.80
CA ARG B 2142 -3.95 -7.77 -23.87
C ARG B 2142 -4.43 -6.50 -24.55
N ARG B 2143 -3.48 -5.77 -25.14
CA ARG B 2143 -3.81 -4.63 -25.99
C ARG B 2143 -2.77 -4.61 -27.10
N ILE B 2144 -3.10 -5.24 -28.22
CA ILE B 2144 -2.19 -5.41 -29.33
C ILE B 2144 -2.45 -4.32 -30.36
N LEU B 2145 -1.40 -3.61 -30.76
CA LEU B 2145 -1.51 -2.56 -31.76
C LEU B 2145 -1.22 -3.12 -33.15
N LEU B 2146 -1.48 -2.30 -34.16
CA LEU B 2146 -1.32 -2.65 -35.55
C LEU B 2146 -0.53 -1.55 -36.25
N PRO B 2147 0.12 -1.85 -37.38
CA PRO B 2147 0.92 -0.84 -38.06
C PRO B 2147 0.09 0.39 -38.44
N LYS B 2148 0.71 1.55 -38.37
CA LYS B 2148 0.01 2.80 -38.59
C LYS B 2148 -0.49 2.90 -40.04
N ASN B 2149 -1.59 3.63 -40.21
CA ASN B 2149 -2.23 3.84 -41.51
C ASN B 2149 -2.69 2.54 -42.15
N VAL B 2150 -2.95 1.51 -41.36
CA VAL B 2150 -3.45 0.22 -41.83
C VAL B 2150 -4.86 0.03 -41.28
N ILE B 2151 -5.79 -0.31 -42.16
CA ILE B 2151 -7.19 -0.48 -41.80
C ILE B 2151 -7.57 -1.94 -42.00
N VAL B 2152 -8.34 -2.49 -41.05
CA VAL B 2152 -8.85 -3.85 -41.12
C VAL B 2152 -10.34 -3.80 -40.85
N GLU B 2153 -11.12 -4.53 -41.67
CA GLU B 2153 -12.57 -4.56 -41.51
C GLU B 2153 -13.11 -5.92 -41.06
N CYS B 2154 -12.26 -6.93 -40.90
CA CYS B 2154 -12.73 -8.25 -40.54
C CYS B 2154 -11.62 -9.06 -39.90
N MET B 2155 -12.00 -9.94 -38.97
CA MET B 2155 -11.09 -10.91 -38.38
C MET B 2155 -11.80 -12.25 -38.27
N VAL B 2156 -11.02 -13.30 -38.08
CA VAL B 2156 -11.54 -14.65 -37.83
C VAL B 2156 -10.97 -15.14 -36.50
N ALA B 2157 -11.45 -16.32 -36.09
CA ALA B 2157 -10.99 -16.93 -34.84
C ALA B 2157 -9.51 -17.30 -34.92
N SER B 2166 -3.81 -17.98 -32.66
CA SER B 2166 -3.52 -16.89 -33.59
C SER B 2166 -4.80 -16.19 -34.04
N ILE B 2167 -4.64 -15.05 -34.70
CA ILE B 2167 -5.77 -14.26 -35.20
C ILE B 2167 -5.45 -13.85 -36.64
N TRP B 2168 -6.43 -14.02 -37.53
CA TRP B 2168 -6.28 -13.67 -38.94
C TRP B 2168 -7.20 -12.49 -39.27
N LEU B 2169 -6.70 -11.58 -40.10
CA LEU B 2169 -7.40 -10.35 -40.42
C LEU B 2169 -7.54 -10.19 -41.93
N GLY B 2170 -8.01 -9.02 -42.36
CA GLY B 2170 -8.18 -8.73 -43.77
C GLY B 2170 -7.32 -7.58 -44.26
N GLY B 2177 -6.74 -5.52 -52.61
CA GLY B 2177 -6.57 -6.93 -52.36
C GLY B 2177 -5.32 -7.26 -51.57
N GLN B 2178 -5.51 -7.61 -50.30
CA GLN B 2178 -4.40 -7.94 -49.41
C GLN B 2178 -4.95 -8.75 -48.25
N LEU B 2179 -4.03 -9.22 -47.41
CA LEU B 2179 -4.40 -10.02 -46.24
C LEU B 2179 -3.34 -9.82 -45.17
N SER B 2180 -3.79 -9.83 -43.91
CA SER B 2180 -2.90 -9.63 -42.77
C SER B 2180 -3.09 -10.75 -41.76
N PHE B 2181 -2.02 -11.06 -41.04
CA PHE B 2181 -2.03 -12.11 -40.03
C PHE B 2181 -1.31 -11.63 -38.78
N LEU B 2182 -1.75 -12.13 -37.63
CA LEU B 2182 -1.17 -11.74 -36.35
C LEU B 2182 -1.17 -12.93 -35.41
N ASP B 2183 -0.16 -12.99 -34.55
CA ASP B 2183 -0.05 -14.02 -33.53
C ASP B 2183 0.19 -13.37 -32.17
N LEU B 2184 -0.48 -13.88 -31.15
CA LEU B 2184 -0.34 -13.34 -29.80
C LEU B 2184 0.73 -14.07 -29.02
N ARG B 2198 -9.84 -5.48 -52.32
CA ARG B 2198 -10.13 -5.21 -50.91
C ARG B 2198 -11.02 -6.31 -50.33
N ILE B 2199 -10.42 -7.21 -49.56
CA ILE B 2199 -11.17 -8.31 -48.95
C ILE B 2199 -12.19 -7.75 -47.98
N LEU B 2200 -13.41 -8.26 -48.06
CA LEU B 2200 -14.52 -7.79 -47.23
C LEU B 2200 -14.60 -8.52 -45.89
N CYS B 2201 -14.75 -9.85 -45.92
CA CYS B 2201 -14.82 -10.65 -44.72
C CYS B 2201 -14.21 -12.02 -44.99
N LEU B 2202 -13.81 -12.69 -43.91
CA LEU B 2202 -13.15 -13.98 -44.00
C LEU B 2202 -13.77 -14.94 -42.99
N ALA B 2203 -13.66 -16.23 -43.27
CA ALA B 2203 -14.18 -17.28 -42.40
C ALA B 2203 -13.20 -18.43 -42.35
N LEU B 2204 -13.24 -19.19 -41.26
CA LEU B 2204 -12.36 -20.35 -41.10
C LEU B 2204 -13.17 -21.63 -41.06
N ILE B 2215 -10.51 -22.03 -44.21
CA ILE B 2215 -10.07 -20.68 -44.51
C ILE B 2215 -10.80 -20.16 -45.74
N VAL B 2216 -11.56 -19.08 -45.57
CA VAL B 2216 -12.36 -18.49 -46.64
C VAL B 2216 -12.01 -17.01 -46.75
N SER B 2217 -12.21 -16.46 -47.94
CA SER B 2217 -11.94 -15.05 -48.20
C SER B 2217 -13.10 -14.49 -49.02
N GLY B 2218 -12.92 -13.28 -49.54
CA GLY B 2218 -13.93 -12.64 -50.35
C GLY B 2218 -13.82 -11.13 -50.35
N THR B 2219 -13.94 -10.52 -51.53
CA THR B 2219 -13.75 -9.08 -51.69
C THR B 2219 -15.03 -8.46 -52.23
N GLN B 2220 -14.94 -7.16 -52.58
CA GLN B 2220 -16.10 -6.44 -53.09
C GLN B 2220 -16.62 -7.00 -54.39
N SER B 2221 -15.80 -7.76 -55.12
CA SER B 2221 -16.25 -8.41 -56.35
C SER B 2221 -16.79 -9.81 -56.10
N GLY B 2222 -16.75 -10.30 -54.86
CA GLY B 2222 -17.29 -11.61 -54.54
C GLY B 2222 -16.55 -12.76 -55.22
N THR B 2223 -15.23 -12.74 -55.18
CA THR B 2223 -14.45 -13.80 -55.81
C THR B 2223 -14.70 -15.13 -55.13
N LEU B 2224 -15.12 -16.12 -55.91
CA LEU B 2224 -15.38 -17.46 -55.40
C LEU B 2224 -14.15 -18.36 -55.55
N LEU B 2225 -13.02 -17.87 -55.05
CA LEU B 2225 -11.77 -18.61 -55.13
C LEU B 2225 -11.76 -19.77 -54.13
N VAL B 2226 -10.92 -20.76 -54.43
CA VAL B 2226 -10.78 -21.94 -53.59
C VAL B 2226 -9.40 -21.87 -52.96
N ILE B 2227 -9.35 -21.54 -51.67
CA ILE B 2227 -8.10 -21.44 -50.92
C ILE B 2227 -8.28 -22.13 -49.58
N ASN B 2228 -7.16 -22.51 -48.97
CA ASN B 2228 -7.18 -23.15 -47.67
C ASN B 2228 -6.27 -22.40 -46.70
N SER B 2244 -20.57 -9.90 -54.97
CA SER B 2244 -20.09 -9.17 -53.81
C SER B 2244 -20.46 -9.88 -52.51
N VAL B 2245 -19.52 -10.69 -51.99
CA VAL B 2245 -19.77 -11.41 -50.76
C VAL B 2245 -19.91 -10.43 -49.61
N THR B 2246 -20.97 -10.60 -48.82
CA THR B 2246 -21.28 -9.67 -47.74
C THR B 2246 -21.30 -10.32 -46.36
N CYS B 2247 -21.43 -11.64 -46.26
CA CYS B 2247 -21.46 -12.30 -44.97
C CYS B 2247 -21.08 -13.76 -45.15
N LEU B 2248 -20.39 -14.31 -44.15
CA LEU B 2248 -19.96 -15.70 -44.17
C LEU B 2248 -20.25 -16.32 -42.81
N TYR B 2249 -20.16 -17.65 -42.75
CA TYR B 2249 -20.31 -18.38 -41.50
C TYR B 2249 -19.69 -19.77 -41.70
N CYS B 2250 -19.49 -20.47 -40.60
CA CYS B 2250 -18.92 -21.82 -40.63
C CYS B 2250 -19.41 -22.64 -39.44
N LEU B 2263 -21.51 -24.03 -44.21
CA LEU B 2263 -20.77 -22.96 -44.87
C LEU B 2263 -21.73 -22.07 -45.66
N LEU B 2264 -21.82 -20.81 -45.24
CA LEU B 2264 -22.82 -19.89 -45.74
C LEU B 2264 -22.17 -18.66 -46.36
N VAL B 2265 -22.76 -18.19 -47.45
CA VAL B 2265 -22.27 -17.01 -48.16
C VAL B 2265 -23.45 -16.12 -48.52
N GLY B 2266 -23.31 -14.83 -48.29
CA GLY B 2266 -24.32 -13.86 -48.66
C GLY B 2266 -23.76 -12.83 -49.62
N THR B 2267 -24.61 -12.41 -50.55
CA THR B 2267 -24.22 -11.50 -51.61
C THR B 2267 -24.84 -10.12 -51.37
N ALA B 2268 -24.64 -9.23 -52.35
CA ALA B 2268 -25.10 -7.86 -52.26
C ALA B 2268 -26.58 -7.69 -52.63
N ASP B 2269 -27.24 -8.73 -53.14
CA ASP B 2269 -28.65 -8.63 -53.50
C ASP B 2269 -29.40 -9.88 -53.06
N GLY B 2270 -29.08 -10.39 -51.87
CA GLY B 2270 -29.86 -11.45 -51.27
C GLY B 2270 -29.78 -12.80 -51.94
N LYS B 2271 -28.61 -13.44 -51.86
CA LYS B 2271 -28.43 -14.81 -52.31
C LYS B 2271 -27.96 -15.66 -51.12
N LEU B 2272 -27.66 -16.93 -51.38
CA LEU B 2272 -27.24 -17.85 -50.33
C LEU B 2272 -26.34 -18.91 -50.94
N ALA B 2273 -25.65 -19.63 -50.05
CA ALA B 2273 -24.77 -20.71 -50.48
C ALA B 2273 -24.62 -21.69 -49.33
N ILE B 2274 -24.72 -22.99 -49.64
CA ILE B 2274 -24.58 -24.04 -48.64
C ILE B 2274 -23.36 -24.88 -48.99
N PHE B 2275 -22.38 -24.25 -49.62
CA PHE B 2275 -21.15 -24.94 -50.02
C PHE B 2275 -20.35 -25.40 -48.81
N PRO B 2287 -20.90 -24.82 -54.31
CA PRO B 2287 -22.28 -24.33 -54.40
C PRO B 2287 -23.31 -25.45 -54.31
N LEU B 2288 -23.51 -25.97 -53.09
CA LEU B 2288 -24.47 -27.06 -52.90
C LEU B 2288 -25.90 -26.59 -53.14
N LYS B 2289 -26.26 -25.43 -52.62
CA LYS B 2289 -27.61 -24.90 -52.80
C LYS B 2289 -27.57 -23.38 -52.63
N ILE B 2290 -28.39 -22.68 -53.42
CA ILE B 2290 -28.45 -21.23 -53.35
C ILE B 2290 -29.89 -20.78 -53.20
N LEU B 2291 -30.32 -20.55 -51.96
CA LEU B 2291 -31.68 -20.11 -51.69
C LEU B 2291 -31.77 -18.58 -51.79
N ASN B 2292 -32.17 -18.09 -52.95
CA ASN B 2292 -32.30 -16.66 -53.15
C ASN B 2292 -33.44 -16.08 -52.32
N ILE B 2293 -33.18 -14.92 -51.72
CA ILE B 2293 -34.16 -14.24 -50.89
C ILE B 2293 -34.26 -12.78 -51.32
N GLY B 2294 -33.30 -12.33 -52.11
CA GLY B 2294 -33.28 -10.95 -52.57
C GLY B 2294 -33.35 -10.81 -54.07
N THR B 2298 -31.27 -5.52 -51.85
CA THR B 2298 -31.64 -6.30 -50.68
C THR B 2298 -30.53 -7.28 -50.31
N PRO B 2299 -29.48 -6.78 -49.64
CA PRO B 2299 -28.32 -7.62 -49.36
C PRO B 2299 -28.42 -8.39 -48.06
N LEU B 2300 -28.05 -9.67 -48.13
CA LEU B 2300 -27.83 -10.46 -46.93
C LEU B 2300 -26.53 -10.01 -46.27
N MET B 2301 -26.57 -9.81 -44.95
CA MET B 2301 -25.39 -9.30 -44.27
C MET B 2301 -25.10 -9.96 -42.93
N CYS B 2302 -26.05 -10.71 -42.36
CA CYS B 2302 -25.82 -11.40 -41.10
C CYS B 2302 -26.29 -12.85 -41.17
N LEU B 2303 -25.48 -13.74 -40.60
CA LEU B 2303 -25.83 -15.15 -40.44
C LEU B 2303 -25.26 -15.61 -39.09
N SER B 2304 -26.12 -16.15 -38.24
CA SER B 2304 -25.73 -16.58 -36.91
C SER B 2304 -26.35 -17.94 -36.57
N GLU B 2305 -25.79 -18.59 -35.57
CA GLU B 2305 -26.23 -19.91 -35.12
C GLU B 2305 -26.23 -19.97 -33.60
N SER B 2306 -27.28 -20.57 -33.04
CA SER B 2306 -27.35 -20.82 -31.60
C SER B 2306 -28.44 -21.84 -31.29
N VAL B 2314 -30.70 -24.95 -36.33
CA VAL B 2314 -31.58 -23.95 -36.90
C VAL B 2314 -30.93 -22.57 -36.82
N MET B 2315 -30.33 -22.14 -37.93
CA MET B 2315 -29.64 -20.87 -37.95
C MET B 2315 -30.61 -19.72 -38.22
N TRP B 2316 -30.14 -18.50 -37.99
CA TRP B 2316 -30.92 -17.31 -38.28
C TRP B 2316 -30.04 -16.36 -39.09
N GLY B 2317 -30.66 -15.33 -39.66
CA GLY B 2317 -29.91 -14.40 -40.47
C GLY B 2317 -30.70 -13.16 -40.80
N GLY B 2318 -30.15 -12.39 -41.72
CA GLY B 2318 -30.77 -11.15 -42.16
C GLY B 2318 -30.48 -10.87 -43.60
N CYS B 2319 -31.40 -10.18 -44.26
CA CYS B 2319 -31.25 -9.82 -45.67
C CYS B 2319 -32.02 -8.52 -45.90
N GLY B 2320 -31.31 -7.48 -46.35
CA GLY B 2320 -31.94 -6.20 -46.52
C GLY B 2320 -32.45 -5.65 -45.20
N THR B 2321 -33.77 -5.67 -45.03
CA THR B 2321 -34.41 -5.31 -43.76
C THR B 2321 -35.39 -6.39 -43.32
N LYS B 2322 -35.07 -7.65 -43.58
CA LYS B 2322 -35.97 -8.76 -43.27
C LYS B 2322 -35.18 -9.94 -42.74
N ILE B 2323 -35.71 -10.57 -41.71
CA ILE B 2323 -35.03 -11.67 -41.04
C ILE B 2323 -35.58 -13.00 -41.54
N PHE B 2324 -34.69 -13.95 -41.78
CA PHE B 2324 -35.07 -15.29 -42.22
C PHE B 2324 -34.55 -16.28 -41.19
N SER B 2325 -34.86 -17.56 -41.38
CA SER B 2325 -34.47 -18.60 -40.43
C SER B 2325 -34.48 -19.94 -41.13
N PHE B 2326 -33.58 -20.82 -40.71
CA PHE B 2326 -33.59 -22.21 -41.13
C PHE B 2326 -32.58 -23.03 -40.32
N THR B 2331 -33.94 -23.81 -47.25
CA THR B 2331 -35.26 -24.08 -46.70
C THR B 2331 -35.73 -22.94 -45.80
N ILE B 2332 -36.20 -21.86 -46.40
CA ILE B 2332 -36.61 -20.69 -45.65
C ILE B 2332 -37.82 -21.04 -44.78
N GLN B 2333 -37.74 -20.71 -43.50
CA GLN B 2333 -38.78 -21.07 -42.54
C GLN B 2333 -39.71 -19.90 -42.22
N LYS B 2334 -39.16 -18.79 -41.72
CA LYS B 2334 -39.97 -17.67 -41.25
C LYS B 2334 -39.29 -16.37 -41.68
N LEU B 2335 -39.86 -15.70 -42.70
CA LEU B 2335 -39.34 -14.43 -43.17
C LEU B 2335 -40.21 -13.31 -42.60
N ILE B 2336 -39.86 -12.90 -41.38
CA ILE B 2336 -40.63 -11.89 -40.66
C ILE B 2336 -40.20 -10.50 -41.12
N GLU B 2337 -41.16 -9.69 -41.53
CA GLU B 2337 -40.86 -8.33 -41.94
C GLU B 2337 -40.53 -7.47 -40.73
N THR B 2338 -39.49 -6.65 -40.87
CA THR B 2338 -39.02 -5.80 -39.78
C THR B 2338 -39.10 -4.31 -40.07
N ARG B 2339 -39.27 -3.90 -41.33
CA ARG B 2339 -39.37 -2.47 -41.63
C ARG B 2339 -40.62 -1.85 -41.01
N THR B 2340 -41.66 -2.66 -40.76
CA THR B 2340 -42.90 -2.18 -40.17
C THR B 2340 -42.69 -1.94 -38.67
N SER B 2341 -41.81 -0.98 -38.37
CA SER B 2341 -41.52 -0.59 -36.99
C SER B 2341 -41.37 0.92 -36.88
N GLN B 2342 -42.04 1.67 -37.74
CA GLN B 2342 -41.90 3.12 -37.77
C GLN B 2342 -42.69 3.83 -36.68
N LEU B 2343 -43.61 3.13 -36.00
CA LEU B 2343 -44.36 3.76 -34.92
C LEU B 2343 -43.47 4.08 -33.74
N PHE B 2344 -42.46 3.24 -33.49
CA PHE B 2344 -41.42 3.52 -32.51
C PHE B 2344 -40.14 3.91 -33.26
N SER B 2345 -39.53 5.02 -32.83
CA SER B 2345 -38.28 5.51 -33.40
C SER B 2345 -38.48 5.97 -34.84
N TYR B 2346 -37.44 6.53 -35.44
CA TYR B 2346 -37.53 7.03 -36.80
C TYR B 2346 -37.79 5.89 -37.79
N ALA B 2347 -38.51 6.21 -38.86
CA ALA B 2347 -38.73 5.23 -39.92
C ALA B 2347 -37.44 4.88 -40.63
N ALA B 2348 -36.46 5.79 -40.64
CA ALA B 2348 -35.21 5.53 -41.34
C ALA B 2348 -34.46 4.36 -40.73
N PHE B 2349 -34.45 4.26 -39.40
CA PHE B 2349 -33.80 3.13 -38.75
C PHE B 2349 -34.48 1.82 -39.12
N SER B 2350 -35.82 1.82 -39.14
CA SER B 2350 -36.54 0.61 -39.54
C SER B 2350 -36.26 0.25 -40.99
N ASP B 2351 -36.21 1.27 -41.86
CA ASP B 2351 -35.93 1.05 -43.28
C ASP B 2351 -34.43 1.24 -43.51
N SER B 2352 -33.67 0.23 -43.11
CA SER B 2352 -32.22 0.27 -43.25
C SER B 2352 -31.70 -1.16 -43.29
N ASN B 2353 -30.46 -1.30 -43.76
CA ASN B 2353 -29.83 -2.61 -43.84
C ASN B 2353 -29.59 -3.18 -42.45
N ILE B 2354 -29.83 -4.47 -42.31
CA ILE B 2354 -29.63 -5.17 -41.04
C ILE B 2354 -28.23 -5.77 -41.02
N ILE B 2355 -27.45 -5.45 -39.98
CA ILE B 2355 -26.03 -5.77 -40.00
C ILE B 2355 -25.74 -7.07 -39.24
N THR B 2356 -26.25 -7.18 -38.01
CA THR B 2356 -25.94 -8.36 -37.21
C THR B 2356 -27.17 -8.78 -36.43
N VAL B 2357 -27.31 -10.10 -36.25
CA VAL B 2357 -28.38 -10.70 -35.47
C VAL B 2357 -27.80 -11.84 -34.65
N VAL B 2358 -28.25 -11.95 -33.40
CA VAL B 2358 -27.80 -13.00 -32.49
C VAL B 2358 -29.01 -13.80 -32.05
N VAL B 2359 -28.83 -15.12 -31.91
CA VAL B 2359 -29.92 -16.05 -31.64
C VAL B 2359 -29.91 -16.40 -30.15
N ASP B 2360 -31.08 -16.27 -29.52
CA ASP B 2360 -31.25 -16.60 -28.11
C ASP B 2360 -32.73 -16.88 -27.89
N THR B 2361 -33.17 -16.86 -26.62
CA THR B 2361 -34.58 -17.02 -26.31
C THR B 2361 -35.42 -16.02 -27.07
N ALA B 2362 -34.98 -14.77 -27.10
CA ALA B 2362 -35.54 -13.75 -27.97
C ALA B 2362 -34.63 -13.60 -29.19
N LEU B 2363 -34.92 -12.61 -30.03
CA LEU B 2363 -34.08 -12.31 -31.19
C LEU B 2363 -33.68 -10.84 -31.12
N TYR B 2364 -32.39 -10.58 -31.13
CA TYR B 2364 -31.87 -9.22 -31.11
C TYR B 2364 -31.41 -8.83 -32.51
N ILE B 2365 -31.95 -7.72 -33.02
CA ILE B 2365 -31.71 -7.26 -34.37
C ILE B 2365 -30.99 -5.93 -34.29
N ALA B 2366 -29.86 -5.84 -34.99
CA ALA B 2366 -29.10 -4.60 -35.11
C ALA B 2366 -29.04 -4.23 -36.58
N LYS B 2367 -29.36 -2.98 -36.90
CA LYS B 2367 -29.30 -2.50 -38.27
C LYS B 2367 -28.19 -1.47 -38.43
N GLN B 2368 -27.61 -1.43 -39.61
CA GLN B 2368 -26.46 -0.56 -39.86
C GLN B 2368 -26.83 0.90 -39.65
N ASN B 2369 -25.89 1.64 -39.06
CA ASN B 2369 -26.05 3.06 -38.76
C ASN B 2369 -27.36 3.34 -38.01
N SER B 2370 -27.56 2.58 -36.93
CA SER B 2370 -28.74 2.72 -36.09
C SER B 2370 -28.30 2.87 -34.64
N PRO B 2371 -28.92 3.79 -33.91
CA PRO B 2371 -28.60 3.94 -32.49
C PRO B 2371 -29.55 3.13 -31.61
N VAL B 2372 -30.37 2.29 -32.23
CA VAL B 2372 -31.37 1.51 -31.51
C VAL B 2372 -31.31 0.06 -31.95
N VAL B 2373 -31.36 -0.86 -30.98
CA VAL B 2373 -31.44 -2.29 -31.27
C VAL B 2373 -32.87 -2.73 -31.05
N GLU B 2374 -33.36 -3.63 -31.90
CA GLU B 2374 -34.71 -4.15 -31.78
C GLU B 2374 -34.68 -5.55 -31.17
N VAL B 2375 -35.77 -5.93 -30.52
CA VAL B 2375 -35.93 -7.29 -30.01
C VAL B 2375 -37.27 -7.80 -30.50
N TRP B 2376 -37.26 -8.98 -31.11
CA TRP B 2376 -38.43 -9.65 -31.65
C TRP B 2376 -38.58 -11.01 -30.98
N ASP B 2377 -39.80 -11.36 -30.61
CA ASP B 2377 -40.05 -12.63 -29.95
C ASP B 2377 -39.83 -13.79 -30.91
N LYS B 2378 -39.18 -14.85 -30.41
CA LYS B 2378 -38.91 -16.02 -31.24
C LYS B 2378 -40.18 -16.78 -31.56
N LYS B 2379 -41.01 -17.04 -30.55
CA LYS B 2379 -42.22 -17.83 -30.75
C LYS B 2379 -43.38 -16.96 -31.21
N THR B 2380 -43.62 -15.84 -30.52
CA THR B 2380 -44.74 -14.97 -30.87
C THR B 2380 -44.57 -14.32 -32.23
N GLU B 2381 -43.33 -14.21 -32.72
CA GLU B 2381 -43.03 -13.59 -34.02
C GLU B 2381 -43.60 -12.18 -34.10
N LYS B 2382 -43.26 -11.37 -33.10
CA LYS B 2382 -43.72 -9.99 -33.02
C LYS B 2382 -42.62 -9.15 -32.39
N LEU B 2383 -42.71 -7.83 -32.61
CA LEU B 2383 -41.73 -6.91 -32.08
C LEU B 2383 -41.85 -6.85 -30.57
N CYS B 2384 -40.91 -7.50 -29.87
CA CYS B 2384 -40.90 -7.46 -28.41
C CYS B 2384 -40.55 -6.08 -27.86
N GLY B 2385 -39.79 -5.29 -28.60
CA GLY B 2385 -39.46 -3.94 -28.14
C GLY B 2385 -38.20 -3.34 -28.73
N LEU B 2386 -37.78 -2.20 -28.18
CA LEU B 2386 -36.59 -1.50 -28.62
C LEU B 2386 -35.73 -1.16 -27.41
N ILE B 2387 -34.42 -1.32 -27.57
CA ILE B 2387 -33.46 -0.82 -26.59
C ILE B 2387 -32.66 0.30 -27.27
N ASP B 2388 -32.75 1.50 -26.70
CA ASP B 2388 -32.10 2.67 -27.27
C ASP B 2388 -30.74 2.86 -26.62
N CYS B 2389 -29.69 2.67 -27.41
CA CYS B 2389 -28.33 2.77 -26.88
C CYS B 2389 -27.98 4.20 -26.49
N VAL B 2390 -28.55 5.19 -27.18
CA VAL B 2390 -28.20 6.58 -26.90
C VAL B 2390 -28.64 6.97 -25.50
N HIS B 2391 -29.78 6.42 -25.04
CA HIS B 2391 -30.26 6.70 -23.69
C HIS B 2391 -29.19 6.36 -22.66
N PHE B 2392 -28.52 5.23 -22.84
CA PHE B 2392 -27.39 4.90 -21.97
C PHE B 2392 -26.25 5.89 -22.16
N LEU B 2393 -26.00 6.28 -23.41
CA LEU B 2393 -24.90 7.21 -23.69
C LEU B 2393 -25.17 8.59 -23.11
N ARG B 2394 -26.43 9.05 -23.20
CA ARG B 2394 -26.77 10.37 -22.67
C ARG B 2394 -26.59 10.42 -21.16
N GLU B 2395 -26.85 9.29 -20.48
CA GLU B 2395 -26.68 9.23 -19.04
C GLU B 2395 -25.22 9.46 -18.65
N VAL B 2396 -24.30 8.84 -19.39
CA VAL B 2396 -22.88 9.01 -19.14
C VAL B 2396 -22.36 10.27 -19.84
N SER B 2409 -19.27 13.90 -29.22
CA SER B 2409 -18.29 12.87 -29.53
C SER B 2409 -18.93 11.49 -29.53
N TYR B 2410 -19.99 11.33 -28.74
CA TYR B 2410 -20.67 10.04 -28.65
C TYR B 2410 -21.42 9.76 -29.95
N SER B 2411 -21.23 8.56 -30.49
CA SER B 2411 -21.89 8.17 -31.73
C SER B 2411 -23.16 7.38 -31.46
N GLY B 2412 -23.04 6.25 -30.77
CA GLY B 2412 -24.18 5.43 -30.44
C GLY B 2412 -24.67 4.51 -31.53
N ARG B 2413 -24.05 4.54 -32.71
CA ARG B 2413 -24.46 3.70 -33.82
C ARG B 2413 -23.96 2.28 -33.61
N VAL B 2414 -24.88 1.32 -33.59
CA VAL B 2414 -24.53 -0.07 -33.29
C VAL B 2414 -23.78 -0.67 -34.47
N LYS B 2415 -22.66 -1.34 -34.16
CA LYS B 2415 -21.86 -1.97 -35.20
C LYS B 2415 -21.76 -3.49 -35.06
N THR B 2416 -21.78 -4.02 -33.84
CA THR B 2416 -21.66 -5.47 -33.64
C THR B 2416 -22.31 -5.81 -32.30
N LEU B 2417 -22.78 -7.05 -32.19
CA LEU B 2417 -23.39 -7.57 -30.98
C LEU B 2417 -22.68 -8.84 -30.54
N CYS B 2418 -22.66 -9.08 -29.23
CA CYS B 2418 -22.13 -10.33 -28.70
C CYS B 2418 -23.00 -10.80 -27.55
N LEU B 2419 -23.23 -12.11 -27.49
CA LEU B 2419 -24.10 -12.71 -26.49
C LEU B 2419 -23.27 -13.60 -25.56
N GLN B 2420 -23.59 -13.54 -24.26
CA GLN B 2420 -22.95 -14.37 -23.25
C GLN B 2420 -23.99 -15.25 -22.58
N LYS B 2421 -23.55 -16.45 -22.18
CA LYS B 2421 -24.47 -17.44 -21.62
C LYS B 2421 -25.07 -17.00 -20.29
N ASN B 2422 -24.49 -16.01 -19.62
CA ASN B 2422 -25.05 -15.45 -18.39
C ASN B 2422 -26.07 -14.35 -18.66
N THR B 2423 -26.69 -14.37 -19.83
CA THR B 2423 -27.69 -13.38 -20.25
C THR B 2423 -27.12 -11.96 -20.25
N ALA B 2424 -25.86 -11.80 -20.62
CA ALA B 2424 -25.24 -10.48 -20.76
C ALA B 2424 -24.91 -10.24 -22.21
N LEU B 2425 -25.44 -9.16 -22.78
CA LEU B 2425 -25.22 -8.79 -24.16
C LEU B 2425 -24.29 -7.58 -24.21
N TRP B 2426 -23.24 -7.67 -25.02
CA TRP B 2426 -22.34 -6.54 -25.19
C TRP B 2426 -22.54 -5.95 -26.58
N ILE B 2427 -22.82 -4.65 -26.63
CA ILE B 2427 -23.16 -3.95 -27.86
C ILE B 2427 -22.04 -2.97 -28.17
N GLY B 2428 -21.54 -3.01 -29.40
CA GLY B 2428 -20.48 -2.10 -29.81
C GLY B 2428 -21.01 -0.89 -30.54
N THR B 2429 -20.88 0.29 -29.94
CA THR B 2429 -21.29 1.52 -30.58
C THR B 2429 -20.29 1.93 -31.64
N GLY B 2430 -20.72 2.86 -32.51
CA GLY B 2430 -19.80 3.38 -33.51
C GLY B 2430 -18.62 4.08 -32.89
N GLY B 2431 -18.86 4.82 -31.80
CA GLY B 2431 -17.78 5.42 -31.04
C GLY B 2431 -17.11 4.42 -30.14
N GLY B 2432 -16.12 4.91 -29.40
CA GLY B 2432 -15.36 4.05 -28.50
C GLY B 2432 -16.09 3.72 -27.21
N HIS B 2433 -17.30 3.17 -27.33
CA HIS B 2433 -18.10 2.79 -26.17
C HIS B 2433 -18.64 1.38 -26.39
N ILE B 2434 -18.53 0.56 -25.35
CA ILE B 2434 -19.04 -0.80 -25.36
C ILE B 2434 -20.08 -0.89 -24.25
N LEU B 2435 -21.34 -1.10 -24.61
CA LEU B 2435 -22.43 -1.13 -23.64
C LEU B 2435 -22.61 -2.56 -23.15
N LEU B 2436 -22.58 -2.74 -21.83
CA LEU B 2436 -22.90 -4.04 -21.26
C LEU B 2436 -24.36 -4.07 -20.83
N LEU B 2437 -25.00 -5.21 -21.02
CA LEU B 2437 -26.42 -5.33 -20.73
C LEU B 2437 -26.70 -6.71 -20.17
N ASP B 2438 -27.82 -6.82 -19.46
CA ASP B 2438 -28.26 -8.09 -18.88
C ASP B 2438 -29.65 -8.40 -19.42
N LEU B 2439 -29.76 -9.53 -20.13
CA LEU B 2439 -31.04 -9.90 -20.72
C LEU B 2439 -32.09 -10.19 -19.65
N SER B 2440 -31.66 -10.72 -18.50
CA SER B 2440 -32.60 -11.10 -17.45
C SER B 2440 -33.36 -9.89 -16.92
N THR B 2441 -32.67 -8.78 -16.71
CA THR B 2441 -33.29 -7.60 -16.11
C THR B 2441 -33.34 -6.40 -17.05
N ARG B 2442 -32.77 -6.50 -18.25
CA ARG B 2442 -32.77 -5.42 -19.23
C ARG B 2442 -32.21 -4.12 -18.65
N ARG B 2443 -31.12 -4.26 -17.90
CA ARG B 2443 -30.45 -3.12 -17.27
C ARG B 2443 -29.00 -3.07 -17.73
N LEU B 2444 -28.49 -1.85 -17.91
CA LEU B 2444 -27.11 -1.65 -18.35
C LEU B 2444 -26.18 -2.01 -17.20
N ILE B 2445 -25.11 -2.75 -17.50
CA ILE B 2445 -24.08 -3.00 -16.49
C ILE B 2445 -23.14 -1.80 -16.43
N ARG B 2446 -22.57 -1.42 -17.57
CA ARG B 2446 -21.75 -0.21 -17.65
C ARG B 2446 -21.45 0.17 -19.10
N VAL B 2447 -20.72 1.27 -19.26
CA VAL B 2447 -20.28 1.76 -20.56
C VAL B 2447 -18.76 1.78 -20.55
N ILE B 2448 -18.15 1.11 -21.53
CA ILE B 2448 -16.69 0.99 -21.59
C ILE B 2448 -16.20 2.21 -22.37
N TYR B 2449 -16.04 3.31 -21.65
CA TYR B 2449 -15.55 4.55 -22.25
C TYR B 2449 -14.02 4.57 -22.23
N ASN B 2450 -13.44 5.61 -22.83
CA ASN B 2450 -12.01 5.87 -22.91
C ASN B 2450 -11.30 4.83 -23.78
N PHE B 2451 -12.02 3.82 -24.25
CA PHE B 2451 -11.41 2.69 -24.96
C PHE B 2451 -10.73 3.10 -26.25
N CYS B 2452 -11.52 3.52 -27.24
CA CYS B 2452 -11.00 3.80 -28.58
C CYS B 2452 -11.87 4.89 -29.21
N ASN B 2453 -11.78 5.03 -30.53
CA ASN B 2453 -12.63 5.93 -31.27
C ASN B 2453 -13.69 5.22 -32.09
N SER B 2454 -13.45 3.96 -32.45
CA SER B 2454 -14.41 3.19 -33.24
C SER B 2454 -14.39 1.73 -32.80
N VAL B 2455 -15.48 1.03 -33.08
CA VAL B 2455 -15.61 -0.40 -32.83
C VAL B 2455 -16.25 -1.03 -34.04
N ARG B 2456 -15.65 -2.11 -34.55
CA ARG B 2456 -16.12 -2.72 -35.79
C ARG B 2456 -16.56 -4.16 -35.67
N VAL B 2457 -15.80 -5.02 -35.00
CA VAL B 2457 -16.12 -6.45 -34.95
C VAL B 2457 -15.80 -6.98 -33.56
N MET B 2458 -16.69 -7.81 -33.05
CA MET B 2458 -16.51 -8.49 -31.77
C MET B 2458 -16.96 -9.93 -31.91
N MET B 2459 -16.16 -10.85 -31.37
CA MET B 2459 -16.49 -12.26 -31.46
C MET B 2459 -15.75 -13.03 -30.38
N THR B 2460 -16.41 -14.05 -29.83
CA THR B 2460 -15.85 -14.82 -28.72
C THR B 2460 -14.77 -15.78 -29.23
N ALA B 2461 -13.64 -15.81 -28.53
CA ALA B 2461 -12.52 -16.67 -28.88
C ALA B 2461 -12.12 -17.51 -27.67
N GLN B 2462 -11.97 -18.81 -27.86
CA GLN B 2462 -11.52 -19.70 -26.80
C GLN B 2462 -10.00 -19.81 -26.91
N LEU B 2463 -9.29 -18.95 -26.19
CA LEU B 2463 -7.84 -18.91 -26.24
C LEU B 2463 -7.22 -20.14 -25.59
N LYS B 2467 -8.57 -20.06 -22.04
CA LYS B 2467 -9.24 -18.86 -21.55
C LYS B 2467 -10.31 -18.40 -22.54
N ASN B 2468 -11.45 -17.94 -22.01
CA ASN B 2468 -12.55 -17.45 -22.83
C ASN B 2468 -12.50 -15.93 -22.86
N VAL B 2469 -12.33 -15.36 -24.04
CA VAL B 2469 -12.21 -13.91 -24.22
C VAL B 2469 -12.73 -13.56 -25.60
N MET B 2470 -13.39 -12.41 -25.72
CA MET B 2470 -13.79 -11.89 -27.02
C MET B 2470 -13.03 -10.61 -27.33
N LEU B 2471 -12.49 -10.55 -28.54
CA LEU B 2471 -11.67 -9.43 -28.96
C LEU B 2471 -12.55 -8.25 -29.37
N VAL B 2472 -11.93 -7.08 -29.47
CA VAL B 2472 -12.57 -5.88 -29.98
C VAL B 2472 -11.60 -5.19 -30.92
N LEU B 2473 -12.10 -4.74 -32.07
CA LEU B 2473 -11.30 -4.04 -33.05
C LEU B 2473 -11.73 -2.58 -33.11
N GLY B 2474 -10.77 -1.69 -33.36
CA GLY B 2474 -11.08 -0.27 -33.48
C GLY B 2474 -9.96 0.49 -34.14
N TYR B 2475 -10.27 1.72 -34.54
CA TYR B 2475 -9.30 2.63 -35.13
C TYR B 2475 -9.05 3.80 -34.17
N ASN B 2476 -7.79 4.21 -34.10
CA ASN B 2476 -7.35 5.29 -33.21
C ASN B 2476 -7.25 6.62 -33.95
N ARG B 2477 -8.15 6.85 -34.90
CA ARG B 2477 -8.17 8.10 -35.67
C ARG B 2477 -8.26 9.30 -34.72
N GLU B 2488 -4.66 10.69 -39.91
CA GLU B 2488 -4.09 9.83 -38.88
C GLU B 2488 -5.00 8.63 -38.62
N ILE B 2489 -4.54 7.44 -39.01
CA ILE B 2489 -5.30 6.21 -38.84
C ILE B 2489 -4.42 5.21 -38.11
N GLN B 2490 -4.94 4.62 -37.03
CA GLN B 2490 -4.27 3.56 -36.30
C GLN B 2490 -5.31 2.55 -35.84
N SER B 2491 -5.28 1.36 -36.44
CA SER B 2491 -6.17 0.28 -36.05
C SER B 2491 -5.58 -0.43 -34.83
N CYS B 2492 -6.45 -0.78 -33.87
CA CYS B 2492 -6.03 -1.39 -32.62
C CYS B 2492 -6.88 -2.60 -32.31
N LEU B 2493 -6.27 -3.58 -31.64
CA LEU B 2493 -6.95 -4.78 -31.18
C LEU B 2493 -6.84 -4.87 -29.66
N THR B 2494 -7.91 -5.38 -29.03
CA THR B 2494 -7.97 -5.47 -27.58
C THR B 2494 -8.70 -6.74 -27.19
N VAL B 2495 -8.33 -7.30 -26.03
CA VAL B 2495 -8.89 -8.54 -25.54
C VAL B 2495 -9.47 -8.28 -24.15
N TRP B 2496 -10.76 -8.58 -23.98
CA TRP B 2496 -11.44 -8.43 -22.70
C TRP B 2496 -11.84 -9.80 -22.17
N ASP B 2497 -11.82 -9.94 -20.84
CA ASP B 2497 -12.19 -11.21 -20.23
C ASP B 2497 -13.68 -11.46 -20.35
N ILE B 2498 -14.05 -12.74 -20.44
CA ILE B 2498 -15.45 -13.13 -20.58
C ILE B 2498 -16.24 -12.79 -19.33
N ASN B 2499 -15.56 -12.65 -18.20
CA ASN B 2499 -16.24 -12.39 -16.93
C ASN B 2499 -16.31 -10.90 -16.62
N LEU B 2500 -16.41 -10.06 -17.65
CA LEU B 2500 -16.46 -8.62 -17.41
C LEU B 2500 -17.66 -8.19 -16.56
N PRO B 2501 -18.90 -8.58 -16.86
CA PRO B 2501 -20.02 -8.09 -16.03
C PRO B 2501 -20.04 -8.71 -14.64
N HIS B 2502 -19.73 -10.00 -14.54
CA HIS B 2502 -19.67 -10.64 -13.22
C HIS B 2502 -18.56 -10.00 -12.37
N GLU B 2503 -17.43 -9.69 -12.99
CA GLU B 2503 -16.35 -9.02 -12.28
C GLU B 2503 -16.77 -7.61 -11.86
N VAL B 2504 -17.51 -6.91 -12.72
CA VAL B 2504 -17.99 -5.57 -12.36
C VAL B 2504 -18.89 -5.65 -11.14
N GLN B 2505 -19.84 -6.59 -11.15
CA GLN B 2505 -20.75 -6.74 -10.02
C GLN B 2505 -19.98 -7.13 -8.76
N ASN B 2506 -19.03 -8.05 -8.89
CA ASN B 2506 -18.26 -8.49 -7.73
C ASN B 2506 -17.46 -7.35 -7.13
N LEU B 2507 -16.77 -6.57 -7.98
CA LEU B 2507 -15.97 -5.46 -7.48
C LEU B 2507 -16.85 -4.38 -6.85
N GLU B 2508 -18.00 -4.09 -7.48
CA GLU B 2508 -18.89 -3.08 -6.91
C GLU B 2508 -19.47 -3.52 -5.58
N LYS B 2509 -19.79 -4.81 -5.42
CA LYS B 2509 -20.26 -5.30 -4.13
C LYS B 2509 -19.16 -5.29 -3.08
N HIS B 2510 -17.95 -5.72 -3.45
CA HIS B 2510 -16.83 -5.77 -2.53
C HIS B 2510 -16.39 -4.39 -2.06
N ILE B 2511 -16.37 -3.40 -2.95
CA ILE B 2511 -16.00 -2.05 -2.54
C ILE B 2511 -17.03 -1.48 -1.58
N GLU B 2512 -18.32 -1.71 -1.85
CA GLU B 2512 -19.35 -1.24 -0.93
C GLU B 2512 -19.24 -1.93 0.42
N VAL B 2513 -18.96 -3.24 0.43
CA VAL B 2513 -18.79 -3.97 1.69
C VAL B 2513 -17.60 -3.41 2.46
N ARG B 2514 -16.50 -3.15 1.77
CA ARG B 2514 -15.32 -2.59 2.42
C ARG B 2514 -15.60 -1.21 2.99
N LYS B 2515 -16.34 -0.38 2.25
CA LYS B 2515 -16.67 0.96 2.74
C LYS B 2515 -17.56 0.89 3.97
N GLU B 2516 -18.54 -0.02 3.95
CA GLU B 2516 -19.40 -0.21 5.12
C GLU B 2516 -18.59 -0.68 6.33
N LEU B 2517 -17.65 -1.60 6.10
CA LEU B 2517 -16.79 -2.08 7.18
C LEU B 2517 -15.93 -0.96 7.73
N ALA B 2518 -15.39 -0.12 6.85
CA ALA B 2518 -14.59 1.02 7.30
C ALA B 2518 -15.42 1.99 8.14
N GLU B 2519 -16.66 2.24 7.71
CA GLU B 2519 -17.54 3.09 8.49
C GLU B 2519 -17.85 2.47 9.85
N LYS B 2520 -18.07 1.15 9.88
CA LYS B 2520 -18.41 0.48 11.13
C LYS B 2520 -17.23 0.38 12.08
N MET B 2521 -15.99 0.41 11.57
CA MET B 2521 -14.82 0.32 12.43
C MET B 2521 -14.77 1.46 13.44
N ARG B 2522 -15.37 2.60 13.14
CA ARG B 2522 -15.37 3.74 14.06
C ARG B 2522 -16.76 3.94 14.67
C1 A1N C . 2.92 -18.37 8.21
N1 A1N C . 2.54 -15.37 10.20
O1 A1N C . 1.62 -17.82 10.00
C2 A1N C . 2.85 -17.71 9.53
N2 A1N C . 3.80 -11.59 9.82
O2 A1N C . 5.02 -6.98 11.58
C3 A1N C . 3.30 -16.29 9.42
N3 A1N C . 3.90 -13.79 9.32
C4 A1N C . 1.44 -15.77 11.02
N4 A1N C . 1.05 -11.11 11.87
C5 A1N C . 1.48 -17.24 11.20
N5 A1N C . 0.70 -10.04 12.51
C6 A1N C . 0.28 -17.83 11.85
C7 A1N C . 2.96 -14.04 10.09
C8 A1N C . 2.34 -13.13 10.80
C9 A1N C . 2.77 -11.86 10.67
C10 A1N C . 4.33 -12.61 9.17
C11 A1N C . 2.07 -10.82 11.47
C12 A1N C . 1.69 -9.04 12.42
C13 A1N C . 1.82 -7.80 12.87
C14 A1N C . 2.92 -7.18 12.58
C15 A1N C . 3.88 -7.75 11.84
C16 A1N C . 5.95 -7.37 10.68
C17 A1N C . 5.64 -7.23 9.20
C18 A1N C . 7.12 -8.23 11.05
C19 A1N C . 7.19 -6.74 11.20
C20 A1N C . 3.71 -8.99 11.40
C21 A1N C . 2.64 -9.66 11.67
PB GDP D . 30.74 43.83 26.07
O1B GDP D . 29.62 43.43 25.12
O2B GDP D . 32.02 43.12 25.68
O3B GDP D . 30.35 43.39 27.46
O3A GDP D . 30.85 45.44 26.06
PA GDP D . 32.19 46.26 25.72
O1A GDP D . 32.09 46.89 24.35
O2A GDP D . 33.44 45.42 25.82
O5' GDP D . 32.22 47.41 26.84
C5' GDP D . 33.26 48.38 26.85
C4' GDP D . 33.17 49.26 28.08
O4' GDP D . 33.68 48.56 29.22
C3' GDP D . 33.98 50.53 27.92
O3' GDP D . 33.11 51.66 27.83
C2' GDP D . 34.85 50.64 29.16
O2' GDP D . 34.51 51.82 29.88
C1' GDP D . 34.54 49.40 30.00
N9 GDP D . 35.78 48.67 30.31
C8 GDP D . 36.22 47.59 29.65
N7 GDP D . 37.39 47.14 30.17
C5 GDP D . 37.73 47.96 31.17
C6 GDP D . 38.85 48.06 32.14
O6 GDP D . 39.79 47.24 32.13
N1 GDP D . 38.83 49.07 33.03
C2 GDP D . 37.83 49.96 33.07
N2 GDP D . 37.88 50.95 33.99
N3 GDP D . 36.77 49.93 32.22
C4 GDP D . 36.67 48.98 31.27
#